data_1JRM
# 
_entry.id   1JRM 
# 
_audit_conform.dict_name       mmcif_pdbx.dic 
_audit_conform.dict_version    5.392 
_audit_conform.dict_location   http://mmcif.pdb.org/dictionaries/ascii/mmcif_pdbx.dic 
# 
loop_
_database_2.database_id 
_database_2.database_code 
_database_2.pdbx_database_accession 
_database_2.pdbx_DOI 
PDB   1JRM         pdb_00001jrm 10.2210/pdb1jrm/pdb 
RCSB  RCSB014109   ?            ?                   
WWPDB D_1000014109 ?            ?                   
# 
loop_
_pdbx_audit_revision_history.ordinal 
_pdbx_audit_revision_history.data_content_type 
_pdbx_audit_revision_history.major_revision 
_pdbx_audit_revision_history.minor_revision 
_pdbx_audit_revision_history.revision_date 
1 'Structure model' 1 0 2002-02-27 
2 'Structure model' 1 1 2008-04-27 
3 'Structure model' 1 2 2011-07-13 
4 'Structure model' 1 3 2022-02-23 
5 'Structure model' 1 4 2024-05-22 
# 
_pdbx_audit_revision_details.ordinal             1 
_pdbx_audit_revision_details.revision_ordinal    1 
_pdbx_audit_revision_details.data_content_type   'Structure model' 
_pdbx_audit_revision_details.provider            repository 
_pdbx_audit_revision_details.type                'Initial release' 
_pdbx_audit_revision_details.description         ? 
_pdbx_audit_revision_details.details             ? 
# 
loop_
_pdbx_audit_revision_group.ordinal 
_pdbx_audit_revision_group.revision_ordinal 
_pdbx_audit_revision_group.data_content_type 
_pdbx_audit_revision_group.group 
1 2 'Structure model' 'Version format compliance' 
2 3 'Structure model' 'Version format compliance' 
3 4 'Structure model' 'Database references'       
4 4 'Structure model' 'Derived calculations'      
5 5 'Structure model' 'Data collection'           
# 
loop_
_pdbx_audit_revision_category.ordinal 
_pdbx_audit_revision_category.revision_ordinal 
_pdbx_audit_revision_category.data_content_type 
_pdbx_audit_revision_category.category 
1 4 'Structure model' database_2            
2 4 'Structure model' pdbx_database_related 
3 4 'Structure model' pdbx_struct_assembly  
4 4 'Structure model' pdbx_struct_oper_list 
5 5 'Structure model' chem_comp_atom        
6 5 'Structure model' chem_comp_bond        
# 
loop_
_pdbx_audit_revision_item.ordinal 
_pdbx_audit_revision_item.revision_ordinal 
_pdbx_audit_revision_item.data_content_type 
_pdbx_audit_revision_item.item 
1 4 'Structure model' '_database_2.pdbx_DOI'                
2 4 'Structure model' '_database_2.pdbx_database_accession' 
3 4 'Structure model' '_pdbx_database_related.db_name'      
# 
_pdbx_database_status.status_code                     REL 
_pdbx_database_status.entry_id                        1JRM 
_pdbx_database_status.recvd_initial_deposition_date   2001-08-14 
_pdbx_database_status.deposit_site                    RCSB 
_pdbx_database_status.process_site                    RCSB 
_pdbx_database_status.SG_entry                        Y 
_pdbx_database_status.status_code_mr                  REL 
_pdbx_database_status.pdb_format_compatible           Y 
_pdbx_database_status.status_code_sf                  ? 
_pdbx_database_status.status_code_cs                  ? 
_pdbx_database_status.status_code_nmr_data            ? 
_pdbx_database_status.methods_development_category    ? 
# 
_pdbx_database_related.db_name        TargetDB 
_pdbx_database_related.db_id          TT135 
_pdbx_database_related.details        . 
_pdbx_database_related.content_type   unspecified 
# 
loop_
_audit_author.name 
_audit_author.pdbx_ordinal 
'Pineda-Lucena, A.'                               1 
'Northeast Structural Genomics Consortium (NESG)' 2 
# 
_citation.id                        primary 
_citation.title                     'An NMR approach to structural proteomics.' 
_citation.journal_abbrev            Proc.Natl.Acad.Sci.USA 
_citation.journal_volume            99 
_citation.page_first                1825 
_citation.page_last                 1830 
_citation.year                      2002 
_citation.journal_id_ASTM           PNASA6 
_citation.country                   US 
_citation.journal_id_ISSN           0027-8424 
_citation.journal_id_CSD            0040 
_citation.book_publisher            ? 
_citation.pdbx_database_id_PubMed   11854485 
_citation.pdbx_database_id_DOI      10.1073/pnas.042684599 
# 
loop_
_citation_author.citation_id 
_citation_author.name 
_citation_author.ordinal 
_citation_author.identifier_ORCID 
primary 'Yee, A.'           1  ? 
primary 'Chang, X.'         2  ? 
primary 'Pineda-Lucena, A.' 3  ? 
primary 'Wu, B.'            4  ? 
primary 'Semesi, A.'        5  ? 
primary 'Le, B.'            6  ? 
primary 'Ramelot, T.'       7  ? 
primary 'Lee, G.M.'         8  ? 
primary 'Bhattacharyya, S.' 9  ? 
primary 'Gutierrez, P.'     10 ? 
primary 'Denisov, A.'       11 ? 
primary 'Lee, C.H.'         12 ? 
primary 'Cort, J.R.'        13 ? 
primary 'Kozlov, G.'        14 ? 
primary 'Liao, J.'          15 ? 
primary 'Finak, G.'         16 ? 
primary 'Chen, L.'          17 ? 
primary 'Wishart, D.'       18 ? 
primary 'Lee, W.'           19 ? 
primary 'McIntosh, L.P.'    20 ? 
primary 'Gehring, K.'       21 ? 
primary 'Kennedy, M.A.'     22 ? 
primary 'Edwards, A.M.'     23 ? 
primary 'Arrowsmith, C.H.'  24 ? 
# 
_entity.id                         1 
_entity.type                       polymer 
_entity.src_method                 man 
_entity.pdbx_description           'CONSERVED HYPOTHETICAL PROTEIN mth637' 
_entity.formula_weight             11848.713 
_entity.pdbx_number_of_molecules   1 
_entity.pdbx_ec                    ? 
_entity.pdbx_mutation              ? 
_entity.pdbx_fragment              ? 
_entity.details                    ? 
# 
_entity_name_com.entity_id   1 
_entity_name_com.name        MTH0637 
# 
_entity_poly.entity_id                      1 
_entity_poly.type                           'polypeptide(L)' 
_entity_poly.nstd_linkage                   no 
_entity_poly.nstd_monomer                   no 
_entity_poly.pdbx_seq_one_letter_code       
;VITMDCLREVGDDLLVNIEVSPASGKFGIPSYNEWRKRIEVKIHSPPQKGKANREIIKEFSETFGRDVEIVSGQKSRQKT
IRIQGMGRDLFLKLVSEKFGLEIP
;
_entity_poly.pdbx_seq_one_letter_code_can   
;VITMDCLREVGDDLLVNIEVSPASGKFGIPSYNEWRKRIEVKIHSPPQKGKANREIIKEFSETFGRDVEIVSGQKSRQKT
IRIQGMGRDLFLKLVSEKFGLEIP
;
_entity_poly.pdbx_strand_id                 A 
_entity_poly.pdbx_target_identifier         TT135 
# 
loop_
_entity_poly_seq.entity_id 
_entity_poly_seq.num 
_entity_poly_seq.mon_id 
_entity_poly_seq.hetero 
1 1   VAL n 
1 2   ILE n 
1 3   THR n 
1 4   MET n 
1 5   ASP n 
1 6   CYS n 
1 7   LEU n 
1 8   ARG n 
1 9   GLU n 
1 10  VAL n 
1 11  GLY n 
1 12  ASP n 
1 13  ASP n 
1 14  LEU n 
1 15  LEU n 
1 16  VAL n 
1 17  ASN n 
1 18  ILE n 
1 19  GLU n 
1 20  VAL n 
1 21  SER n 
1 22  PRO n 
1 23  ALA n 
1 24  SER n 
1 25  GLY n 
1 26  LYS n 
1 27  PHE n 
1 28  GLY n 
1 29  ILE n 
1 30  PRO n 
1 31  SER n 
1 32  TYR n 
1 33  ASN n 
1 34  GLU n 
1 35  TRP n 
1 36  ARG n 
1 37  LYS n 
1 38  ARG n 
1 39  ILE n 
1 40  GLU n 
1 41  VAL n 
1 42  LYS n 
1 43  ILE n 
1 44  HIS n 
1 45  SER n 
1 46  PRO n 
1 47  PRO n 
1 48  GLN n 
1 49  LYS n 
1 50  GLY n 
1 51  LYS n 
1 52  ALA n 
1 53  ASN n 
1 54  ARG n 
1 55  GLU n 
1 56  ILE n 
1 57  ILE n 
1 58  LYS n 
1 59  GLU n 
1 60  PHE n 
1 61  SER n 
1 62  GLU n 
1 63  THR n 
1 64  PHE n 
1 65  GLY n 
1 66  ARG n 
1 67  ASP n 
1 68  VAL n 
1 69  GLU n 
1 70  ILE n 
1 71  VAL n 
1 72  SER n 
1 73  GLY n 
1 74  GLN n 
1 75  LYS n 
1 76  SER n 
1 77  ARG n 
1 78  GLN n 
1 79  LYS n 
1 80  THR n 
1 81  ILE n 
1 82  ARG n 
1 83  ILE n 
1 84  GLN n 
1 85  GLY n 
1 86  MET n 
1 87  GLY n 
1 88  ARG n 
1 89  ASP n 
1 90  LEU n 
1 91  PHE n 
1 92  LEU n 
1 93  LYS n 
1 94  LEU n 
1 95  VAL n 
1 96  SER n 
1 97  GLU n 
1 98  LYS n 
1 99  PHE n 
1 100 GLY n 
1 101 LEU n 
1 102 GLU n 
1 103 ILE n 
1 104 PRO n 
# 
_entity_src_gen.entity_id                          1 
_entity_src_gen.pdbx_src_id                        1 
_entity_src_gen.pdbx_alt_source_flag               sample 
_entity_src_gen.pdbx_seq_type                      ? 
_entity_src_gen.pdbx_beg_seq_num                   ? 
_entity_src_gen.pdbx_end_seq_num                   ? 
_entity_src_gen.gene_src_common_name               ? 
_entity_src_gen.gene_src_genus                     Methanothermobacter 
_entity_src_gen.pdbx_gene_src_gene                 ? 
_entity_src_gen.gene_src_species                   ? 
_entity_src_gen.gene_src_strain                    ? 
_entity_src_gen.gene_src_tissue                    ? 
_entity_src_gen.gene_src_tissue_fraction           ? 
_entity_src_gen.gene_src_details                   ? 
_entity_src_gen.pdbx_gene_src_fragment             ? 
_entity_src_gen.pdbx_gene_src_scientific_name      'Methanothermobacter thermautotrophicus' 
_entity_src_gen.pdbx_gene_src_ncbi_taxonomy_id     145262 
_entity_src_gen.pdbx_gene_src_variant              ? 
_entity_src_gen.pdbx_gene_src_cell_line            ? 
_entity_src_gen.pdbx_gene_src_atcc                 ? 
_entity_src_gen.pdbx_gene_src_organ                ? 
_entity_src_gen.pdbx_gene_src_organelle            ? 
_entity_src_gen.pdbx_gene_src_cell                 ? 
_entity_src_gen.pdbx_gene_src_cellular_location    ? 
_entity_src_gen.host_org_common_name               ? 
_entity_src_gen.pdbx_host_org_scientific_name      'Escherichia coli' 
_entity_src_gen.pdbx_host_org_ncbi_taxonomy_id     562 
_entity_src_gen.host_org_genus                     Escherichia 
_entity_src_gen.pdbx_host_org_gene                 ? 
_entity_src_gen.pdbx_host_org_organ                ? 
_entity_src_gen.host_org_species                   ? 
_entity_src_gen.pdbx_host_org_tissue               ? 
_entity_src_gen.pdbx_host_org_tissue_fraction      ? 
_entity_src_gen.pdbx_host_org_strain               ? 
_entity_src_gen.pdbx_host_org_variant              ? 
_entity_src_gen.pdbx_host_org_cell_line            ? 
_entity_src_gen.pdbx_host_org_atcc                 ? 
_entity_src_gen.pdbx_host_org_culture_collection   ? 
_entity_src_gen.pdbx_host_org_cell                 ? 
_entity_src_gen.pdbx_host_org_organelle            ? 
_entity_src_gen.pdbx_host_org_cellular_location    ? 
_entity_src_gen.pdbx_host_org_vector_type          ? 
_entity_src_gen.pdbx_host_org_vector               ? 
_entity_src_gen.host_org_details                   ? 
_entity_src_gen.expression_system_id               ? 
_entity_src_gen.plasmid_name                       ? 
_entity_src_gen.plasmid_details                    ? 
_entity_src_gen.pdbx_description                   ? 
# 
loop_
_chem_comp.id 
_chem_comp.type 
_chem_comp.mon_nstd_flag 
_chem_comp.name 
_chem_comp.pdbx_synonyms 
_chem_comp.formula 
_chem_comp.formula_weight 
ALA 'L-peptide linking' y ALANINE         ? 'C3 H7 N O2'     89.093  
ARG 'L-peptide linking' y ARGININE        ? 'C6 H15 N4 O2 1' 175.209 
ASN 'L-peptide linking' y ASPARAGINE      ? 'C4 H8 N2 O3'    132.118 
ASP 'L-peptide linking' y 'ASPARTIC ACID' ? 'C4 H7 N O4'     133.103 
CYS 'L-peptide linking' y CYSTEINE        ? 'C3 H7 N O2 S'   121.158 
GLN 'L-peptide linking' y GLUTAMINE       ? 'C5 H10 N2 O3'   146.144 
GLU 'L-peptide linking' y 'GLUTAMIC ACID' ? 'C5 H9 N O4'     147.129 
GLY 'peptide linking'   y GLYCINE         ? 'C2 H5 N O2'     75.067  
HIS 'L-peptide linking' y HISTIDINE       ? 'C6 H10 N3 O2 1' 156.162 
ILE 'L-peptide linking' y ISOLEUCINE      ? 'C6 H13 N O2'    131.173 
LEU 'L-peptide linking' y LEUCINE         ? 'C6 H13 N O2'    131.173 
LYS 'L-peptide linking' y LYSINE          ? 'C6 H15 N2 O2 1' 147.195 
MET 'L-peptide linking' y METHIONINE      ? 'C5 H11 N O2 S'  149.211 
PHE 'L-peptide linking' y PHENYLALANINE   ? 'C9 H11 N O2'    165.189 
PRO 'L-peptide linking' y PROLINE         ? 'C5 H9 N O2'     115.130 
SER 'L-peptide linking' y SERINE          ? 'C3 H7 N O3'     105.093 
THR 'L-peptide linking' y THREONINE       ? 'C4 H9 N O3'     119.119 
TRP 'L-peptide linking' y TRYPTOPHAN      ? 'C11 H12 N2 O2'  204.225 
TYR 'L-peptide linking' y TYROSINE        ? 'C9 H11 N O3'    181.189 
VAL 'L-peptide linking' y VALINE          ? 'C5 H11 N O2'    117.146 
# 
loop_
_pdbx_poly_seq_scheme.asym_id 
_pdbx_poly_seq_scheme.entity_id 
_pdbx_poly_seq_scheme.seq_id 
_pdbx_poly_seq_scheme.mon_id 
_pdbx_poly_seq_scheme.ndb_seq_num 
_pdbx_poly_seq_scheme.pdb_seq_num 
_pdbx_poly_seq_scheme.auth_seq_num 
_pdbx_poly_seq_scheme.pdb_mon_id 
_pdbx_poly_seq_scheme.auth_mon_id 
_pdbx_poly_seq_scheme.pdb_strand_id 
_pdbx_poly_seq_scheme.pdb_ins_code 
_pdbx_poly_seq_scheme.hetero 
A 1 1   VAL 1   1   1   VAL VAL A . n 
A 1 2   ILE 2   2   2   ILE ILE A . n 
A 1 3   THR 3   3   3   THR THR A . n 
A 1 4   MET 4   4   4   MET MET A . n 
A 1 5   ASP 5   5   5   ASP ASP A . n 
A 1 6   CYS 6   6   6   CYS CYS A . n 
A 1 7   LEU 7   7   7   LEU LEU A . n 
A 1 8   ARG 8   8   8   ARG ARG A . n 
A 1 9   GLU 9   9   9   GLU GLU A . n 
A 1 10  VAL 10  10  10  VAL VAL A . n 
A 1 11  GLY 11  11  11  GLY GLY A . n 
A 1 12  ASP 12  12  12  ASP ASP A . n 
A 1 13  ASP 13  13  13  ASP ASP A . n 
A 1 14  LEU 14  14  14  LEU LEU A . n 
A 1 15  LEU 15  15  15  LEU LEU A . n 
A 1 16  VAL 16  16  16  VAL VAL A . n 
A 1 17  ASN 17  17  17  ASN ASN A . n 
A 1 18  ILE 18  18  18  ILE ILE A . n 
A 1 19  GLU 19  19  19  GLU GLU A . n 
A 1 20  VAL 20  20  20  VAL VAL A . n 
A 1 21  SER 21  21  21  SER SER A . n 
A 1 22  PRO 22  22  22  PRO PRO A . n 
A 1 23  ALA 23  23  23  ALA ALA A . n 
A 1 24  SER 24  24  24  SER SER A . n 
A 1 25  GLY 25  25  25  GLY GLY A . n 
A 1 26  LYS 26  26  26  LYS LYS A . n 
A 1 27  PHE 27  27  27  PHE PHE A . n 
A 1 28  GLY 28  28  28  GLY GLY A . n 
A 1 29  ILE 29  29  29  ILE ILE A . n 
A 1 30  PRO 30  30  30  PRO PRO A . n 
A 1 31  SER 31  31  31  SER SER A . n 
A 1 32  TYR 32  32  32  TYR TYR A . n 
A 1 33  ASN 33  33  33  ASN ASN A . n 
A 1 34  GLU 34  34  34  GLU GLU A . n 
A 1 35  TRP 35  35  35  TRP TRP A . n 
A 1 36  ARG 36  36  36  ARG ARG A . n 
A 1 37  LYS 37  37  37  LYS LYS A . n 
A 1 38  ARG 38  38  38  ARG ARG A . n 
A 1 39  ILE 39  39  39  ILE ILE A . n 
A 1 40  GLU 40  40  40  GLU GLU A . n 
A 1 41  VAL 41  41  41  VAL VAL A . n 
A 1 42  LYS 42  42  42  LYS LYS A . n 
A 1 43  ILE 43  43  43  ILE ILE A . n 
A 1 44  HIS 44  44  44  HIS HIS A . n 
A 1 45  SER 45  45  45  SER SER A . n 
A 1 46  PRO 46  46  46  PRO PRO A . n 
A 1 47  PRO 47  47  47  PRO PRO A . n 
A 1 48  GLN 48  48  48  GLN GLN A . n 
A 1 49  LYS 49  49  49  LYS LYS A . n 
A 1 50  GLY 50  50  50  GLY GLY A . n 
A 1 51  LYS 51  51  51  LYS LYS A . n 
A 1 52  ALA 52  52  52  ALA ALA A . n 
A 1 53  ASN 53  53  53  ASN ASN A . n 
A 1 54  ARG 54  54  54  ARG ARG A . n 
A 1 55  GLU 55  55  55  GLU GLU A . n 
A 1 56  ILE 56  56  56  ILE ILE A . n 
A 1 57  ILE 57  57  57  ILE ILE A . n 
A 1 58  LYS 58  58  58  LYS LYS A . n 
A 1 59  GLU 59  59  59  GLU GLU A . n 
A 1 60  PHE 60  60  60  PHE PHE A . n 
A 1 61  SER 61  61  61  SER SER A . n 
A 1 62  GLU 62  62  62  GLU GLU A . n 
A 1 63  THR 63  63  63  THR THR A . n 
A 1 64  PHE 64  64  64  PHE PHE A . n 
A 1 65  GLY 65  65  65  GLY GLY A . n 
A 1 66  ARG 66  66  66  ARG ARG A . n 
A 1 67  ASP 67  67  67  ASP ASP A . n 
A 1 68  VAL 68  68  68  VAL VAL A . n 
A 1 69  GLU 69  69  69  GLU GLU A . n 
A 1 70  ILE 70  70  70  ILE ILE A . n 
A 1 71  VAL 71  71  71  VAL VAL A . n 
A 1 72  SER 72  72  72  SER SER A . n 
A 1 73  GLY 73  73  73  GLY GLY A . n 
A 1 74  GLN 74  74  74  GLN GLN A . n 
A 1 75  LYS 75  75  75  LYS LYS A . n 
A 1 76  SER 76  76  76  SER SER A . n 
A 1 77  ARG 77  77  77  ARG ARG A . n 
A 1 78  GLN 78  78  78  GLN GLN A . n 
A 1 79  LYS 79  79  79  LYS LYS A . n 
A 1 80  THR 80  80  80  THR THR A . n 
A 1 81  ILE 81  81  81  ILE ILE A . n 
A 1 82  ARG 82  82  82  ARG ARG A . n 
A 1 83  ILE 83  83  83  ILE ILE A . n 
A 1 84  GLN 84  84  84  GLN GLN A . n 
A 1 85  GLY 85  85  85  GLY GLY A . n 
A 1 86  MET 86  86  86  MET MET A . n 
A 1 87  GLY 87  87  87  GLY GLY A . n 
A 1 88  ARG 88  88  88  ARG ARG A . n 
A 1 89  ASP 89  89  89  ASP ASP A . n 
A 1 90  LEU 90  90  90  LEU LEU A . n 
A 1 91  PHE 91  91  91  PHE PHE A . n 
A 1 92  LEU 92  92  92  LEU LEU A . n 
A 1 93  LYS 93  93  93  LYS LYS A . n 
A 1 94  LEU 94  94  94  LEU LEU A . n 
A 1 95  VAL 95  95  95  VAL VAL A . n 
A 1 96  SER 96  96  96  SER SER A . n 
A 1 97  GLU 97  97  97  GLU GLU A . n 
A 1 98  LYS 98  98  98  LYS LYS A . n 
A 1 99  PHE 99  99  99  PHE PHE A . n 
A 1 100 GLY 100 100 100 GLY GLY A . n 
A 1 101 LEU 101 101 101 LEU LEU A . n 
A 1 102 GLU 102 102 102 GLU GLU A . n 
A 1 103 ILE 103 103 103 ILE ILE A . n 
A 1 104 PRO 104 104 104 PRO PRO A . n 
# 
_cell.entry_id           1JRM 
_cell.length_a           ? 
_cell.length_b           ? 
_cell.length_c           ? 
_cell.angle_alpha        ? 
_cell.angle_beta         ? 
_cell.angle_gamma        ? 
_cell.Z_PDB              1 
_cell.pdbx_unique_axis   ? 
# 
_exptl.entry_id          1JRM 
_exptl.method            'SOLUTION NMR' 
_exptl.crystals_number   ? 
# 
_exptl_crystal.id                    1 
_exptl_crystal.density_meas          ? 
_exptl_crystal.density_Matthews      ? 
_exptl_crystal.density_percent_sol   ? 
_exptl_crystal.description           ? 
# 
_diffrn.id                     1 
_diffrn.ambient_temp           ? 
_diffrn.ambient_temp_details   ? 
_diffrn.crystal_id             1 
# 
_diffrn_radiation.diffrn_id                        1 
_diffrn_radiation.wavelength_id                    1 
_diffrn_radiation.pdbx_monochromatic_or_laue_m_l   M 
_diffrn_radiation.monochromator                    ? 
_diffrn_radiation.pdbx_diffrn_protocol             'SINGLE WAVELENGTH' 
_diffrn_radiation.pdbx_scattering_type             ? 
# 
_diffrn_radiation_wavelength.id           1 
_diffrn_radiation_wavelength.wavelength   . 
_diffrn_radiation_wavelength.wt           1.0 
# 
_struct.entry_id                  1JRM 
_struct.title                     
'NMR structure of MTH0637. Ontario Centre for Structural Proteomics target MTH0637_1_104; Northeast Structural Genomics Target TT135' 
_struct.pdbx_model_details        ? 
_struct.pdbx_CASP_flag            ? 
_struct.pdbx_model_type_details   ? 
# 
_struct_keywords.entry_id        1JRM 
_struct_keywords.pdbx_keywords   'STRUCTURAL GENOMICS, UNKNOWN FUNCTION' 
_struct_keywords.text            
;alpha-beta protein, STRUCTURAL GENOMICS, OCSP, NESG, PROTEIN STRUCTURE INITIATIVE, PSI, Northeast Structural Genomics Consortium, UNKNOWN FUNCTION
;
# 
_struct_asym.id                            A 
_struct_asym.pdbx_blank_PDB_chainid_flag   N 
_struct_asym.pdbx_modified                 N 
_struct_asym.entity_id                     1 
_struct_asym.details                       ? 
# 
_struct_ref.id                         1 
_struct_ref.db_name                    UNP 
_struct_ref.db_code                    Y637_METTH 
_struct_ref.entity_id                  1 
_struct_ref.pdbx_seq_one_letter_code   
;MITMDCLREVGDDLLVNIEVSPASGKFGIPSYNEWRKRIEVKIHSPPQKGKANREIIKEFSETFGRDVEIVSGQKSRQKT
IRIQGMGRDLFLKLVSEKFGLEIP
;
_struct_ref.pdbx_align_begin           1 
_struct_ref.pdbx_db_accession          O26734 
_struct_ref.pdbx_db_isoform            ? 
# 
_struct_ref_seq.align_id                      1 
_struct_ref_seq.ref_id                        1 
_struct_ref_seq.pdbx_PDB_id_code              1JRM 
_struct_ref_seq.pdbx_strand_id                A 
_struct_ref_seq.seq_align_beg                 1 
_struct_ref_seq.pdbx_seq_align_beg_ins_code   ? 
_struct_ref_seq.seq_align_end                 104 
_struct_ref_seq.pdbx_seq_align_end_ins_code   ? 
_struct_ref_seq.pdbx_db_accession             O26734 
_struct_ref_seq.db_align_beg                  1 
_struct_ref_seq.pdbx_db_align_beg_ins_code    ? 
_struct_ref_seq.db_align_end                  104 
_struct_ref_seq.pdbx_db_align_end_ins_code    ? 
_struct_ref_seq.pdbx_auth_seq_align_beg       1 
_struct_ref_seq.pdbx_auth_seq_align_end       104 
# 
_struct_ref_seq_dif.align_id                     1 
_struct_ref_seq_dif.pdbx_pdb_id_code             1JRM 
_struct_ref_seq_dif.mon_id                       VAL 
_struct_ref_seq_dif.pdbx_pdb_strand_id           A 
_struct_ref_seq_dif.seq_num                      1 
_struct_ref_seq_dif.pdbx_pdb_ins_code            ? 
_struct_ref_seq_dif.pdbx_seq_db_name             UNP 
_struct_ref_seq_dif.pdbx_seq_db_accession_code   O26734 
_struct_ref_seq_dif.db_mon_id                    MET 
_struct_ref_seq_dif.pdbx_seq_db_seq_num          1 
_struct_ref_seq_dif.details                      'cloning artifact' 
_struct_ref_seq_dif.pdbx_auth_seq_num            1 
_struct_ref_seq_dif.pdbx_ordinal                 1 
# 
_pdbx_struct_assembly.id                   1 
_pdbx_struct_assembly.details              author_defined_assembly 
_pdbx_struct_assembly.method_details       ? 
_pdbx_struct_assembly.oligomeric_details   monomeric 
_pdbx_struct_assembly.oligomeric_count     1 
# 
_pdbx_struct_assembly_gen.assembly_id       1 
_pdbx_struct_assembly_gen.oper_expression   1 
_pdbx_struct_assembly_gen.asym_id_list      A 
# 
_pdbx_struct_oper_list.id                   1 
_pdbx_struct_oper_list.type                 'identity operation' 
_pdbx_struct_oper_list.name                 1_555 
_pdbx_struct_oper_list.symmetry_operation   x,y,z 
_pdbx_struct_oper_list.matrix[1][1]         1.0000000000 
_pdbx_struct_oper_list.matrix[1][2]         0.0000000000 
_pdbx_struct_oper_list.matrix[1][3]         0.0000000000 
_pdbx_struct_oper_list.vector[1]            0.0000000000 
_pdbx_struct_oper_list.matrix[2][1]         0.0000000000 
_pdbx_struct_oper_list.matrix[2][2]         1.0000000000 
_pdbx_struct_oper_list.matrix[2][3]         0.0000000000 
_pdbx_struct_oper_list.vector[2]            0.0000000000 
_pdbx_struct_oper_list.matrix[3][1]         0.0000000000 
_pdbx_struct_oper_list.matrix[3][2]         0.0000000000 
_pdbx_struct_oper_list.matrix[3][3]         1.0000000000 
_pdbx_struct_oper_list.vector[3]            0.0000000000 
# 
_struct_biol.id   1 
# 
loop_
_struct_conf.conf_type_id 
_struct_conf.id 
_struct_conf.pdbx_PDB_helix_id 
_struct_conf.beg_label_comp_id 
_struct_conf.beg_label_asym_id 
_struct_conf.beg_label_seq_id 
_struct_conf.pdbx_beg_PDB_ins_code 
_struct_conf.end_label_comp_id 
_struct_conf.end_label_asym_id 
_struct_conf.end_label_seq_id 
_struct_conf.pdbx_end_PDB_ins_code 
_struct_conf.beg_auth_comp_id 
_struct_conf.beg_auth_asym_id 
_struct_conf.beg_auth_seq_id 
_struct_conf.end_auth_comp_id 
_struct_conf.end_auth_asym_id 
_struct_conf.end_auth_seq_id 
_struct_conf.pdbx_PDB_helix_class 
_struct_conf.details 
_struct_conf.pdbx_PDB_helix_length 
HELX_P HELX_P1 1 LYS A 51 ? GLY A 65 ? LYS A 51 GLY A 65 1 ? 15 
HELX_P HELX_P2 2 GLY A 73 ? SER A 76 ? GLY A 73 SER A 76 5 ? 4  
HELX_P HELX_P3 3 GLY A 87 ? LYS A 98 ? GLY A 87 LYS A 98 1 ? 12 
# 
_struct_conf_type.id          HELX_P 
_struct_conf_type.criteria    ? 
_struct_conf_type.reference   ? 
# 
_struct_sheet.id               A 
_struct_sheet.type             ? 
_struct_sheet.number_strands   4 
_struct_sheet.details          ? 
# 
loop_
_struct_sheet_order.sheet_id 
_struct_sheet_order.range_id_1 
_struct_sheet_order.range_id_2 
_struct_sheet_order.offset 
_struct_sheet_order.sense 
A 1 2 ? anti-parallel 
A 2 3 ? anti-parallel 
A 3 4 ? anti-parallel 
# 
loop_
_struct_sheet_range.sheet_id 
_struct_sheet_range.id 
_struct_sheet_range.beg_label_comp_id 
_struct_sheet_range.beg_label_asym_id 
_struct_sheet_range.beg_label_seq_id 
_struct_sheet_range.pdbx_beg_PDB_ins_code 
_struct_sheet_range.end_label_comp_id 
_struct_sheet_range.end_label_asym_id 
_struct_sheet_range.end_label_seq_id 
_struct_sheet_range.pdbx_end_PDB_ins_code 
_struct_sheet_range.beg_auth_comp_id 
_struct_sheet_range.beg_auth_asym_id 
_struct_sheet_range.beg_auth_seq_id 
_struct_sheet_range.end_auth_comp_id 
_struct_sheet_range.end_auth_asym_id 
_struct_sheet_range.end_auth_seq_id 
A 1 LEU A 7  ? VAL A 10 ? LEU A 7  VAL A 10 
A 2 ASP A 13 ? GLU A 19 ? ASP A 13 GLU A 19 
A 3 GLN A 78 ? GLN A 84 ? GLN A 78 GLN A 84 
A 4 ASP A 67 ? ILE A 70 ? ASP A 67 ILE A 70 
# 
loop_
_pdbx_struct_sheet_hbond.sheet_id 
_pdbx_struct_sheet_hbond.range_id_1 
_pdbx_struct_sheet_hbond.range_id_2 
_pdbx_struct_sheet_hbond.range_1_label_atom_id 
_pdbx_struct_sheet_hbond.range_1_label_comp_id 
_pdbx_struct_sheet_hbond.range_1_label_asym_id 
_pdbx_struct_sheet_hbond.range_1_label_seq_id 
_pdbx_struct_sheet_hbond.range_1_PDB_ins_code 
_pdbx_struct_sheet_hbond.range_1_auth_atom_id 
_pdbx_struct_sheet_hbond.range_1_auth_comp_id 
_pdbx_struct_sheet_hbond.range_1_auth_asym_id 
_pdbx_struct_sheet_hbond.range_1_auth_seq_id 
_pdbx_struct_sheet_hbond.range_2_label_atom_id 
_pdbx_struct_sheet_hbond.range_2_label_comp_id 
_pdbx_struct_sheet_hbond.range_2_label_asym_id 
_pdbx_struct_sheet_hbond.range_2_label_seq_id 
_pdbx_struct_sheet_hbond.range_2_PDB_ins_code 
_pdbx_struct_sheet_hbond.range_2_auth_atom_id 
_pdbx_struct_sheet_hbond.range_2_auth_comp_id 
_pdbx_struct_sheet_hbond.range_2_auth_asym_id 
_pdbx_struct_sheet_hbond.range_2_auth_seq_id 
A 1 2 N ARG A 8  ? N ARG A 8  O LEU A 15 ? O LEU A 15 
A 2 3 N LEU A 14 ? N LEU A 14 O ILE A 83 ? O ILE A 83 
A 3 4 O ARG A 82 ? O ARG A 82 N GLU A 69 ? N GLU A 69 
# 
loop_
_pdbx_validate_close_contact.id 
_pdbx_validate_close_contact.PDB_model_num 
_pdbx_validate_close_contact.auth_atom_id_1 
_pdbx_validate_close_contact.auth_asym_id_1 
_pdbx_validate_close_contact.auth_comp_id_1 
_pdbx_validate_close_contact.auth_seq_id_1 
_pdbx_validate_close_contact.PDB_ins_code_1 
_pdbx_validate_close_contact.label_alt_id_1 
_pdbx_validate_close_contact.auth_atom_id_2 
_pdbx_validate_close_contact.auth_asym_id_2 
_pdbx_validate_close_contact.auth_comp_id_2 
_pdbx_validate_close_contact.auth_seq_id_2 
_pdbx_validate_close_contact.PDB_ins_code_2 
_pdbx_validate_close_contact.label_alt_id_2 
_pdbx_validate_close_contact.dist 
1  1 H   A ARG 8  ? ? O   A LEU 15 ? ? 1.18 
2  1 H   A VAL 71 ? ? O   A THR 80 ? ? 1.19 
3  1 O   A GLU 59 ? ? H   A THR 63 ? ? 1.24 
4  1 HD2 A PRO 46 ? ? HD3 A PRO 47 ? ? 1.30 
5  1 HB3 A SER 72 ? ? HA  A LYS 79 ? ? 1.33 
6  1 HA  A ALA 23 ? ? O   A LYS 42 ? ? 1.39 
7  1 O   A GLU 55 ? ? H   A GLU 59 ? ? 1.41 
8  1 O   A LEU 94 ? ? H   A LYS 98 ? ? 1.42 
9  1 O   A ASP 89 ? ? H   A LYS 93 ? ? 1.42 
10 1 HG  A SER 61 ? ? O   A ARG 66 ? ? 1.43 
11 1 O   A GLU 69 ? ? H   A ARG 82 ? ? 1.45 
12 1 O   A LEU 14 ? ? H   A ILE 83 ? ? 1.47 
13 1 O   A LEU 92 ? ? H   A SER 96 ? ? 1.49 
14 1 H   A LEU 14 ? ? O   A ILE 83 ? ? 1.49 
15 1 O   A LYS 51 ? ? H   A GLU 55 ? ? 1.51 
16 1 O   A ILE 56 ? ? HB2 A PHE 60 ? ? 1.55 
17 1 O   A LYS 93 ? ? H   A GLU 97 ? ? 1.59 
18 1 O   A GLN 74 ? ? H   A ARG 77 ? ? 1.60 
19 1 N   A VAL 71 ? ? O   A THR 80 ? ? 2.10 
20 1 N   A ARG 8  ? ? O   A LEU 15 ? ? 2.13 
# 
loop_
_pdbx_validate_torsion.id 
_pdbx_validate_torsion.PDB_model_num 
_pdbx_validate_torsion.auth_comp_id 
_pdbx_validate_torsion.auth_asym_id 
_pdbx_validate_torsion.auth_seq_id 
_pdbx_validate_torsion.PDB_ins_code 
_pdbx_validate_torsion.label_alt_id 
_pdbx_validate_torsion.phi 
_pdbx_validate_torsion.psi 
1  1 THR A 3  ? ? -168.29 25.53   
2  1 CYS A 6  ? ? 170.44  -27.97  
3  1 VAL A 20 ? ? -67.29  89.74   
4  1 SER A 21 ? ? -177.38 132.63  
5  1 PRO A 22 ? ? -74.99  -93.50  
6  1 ALA A 23 ? ? 176.05  120.14  
7  1 LYS A 26 ? ? 69.82   105.96  
8  1 PHE A 27 ? ? -38.76  104.78  
9  1 LYS A 37 ? ? 44.58   24.02   
10 1 HIS A 44 ? ? -72.30  -168.17 
11 1 GLN A 48 ? ? -68.86  5.44    
12 1 VAL A 71 ? ? -102.99 -143.34 
13 1 SER A 72 ? ? 50.04   -118.57 
14 1 ARG A 77 ? ? 71.35   -47.01  
# 
_pdbx_SG_project.id                    1 
_pdbx_SG_project.project_name          'PSI, Protein Structure Initiative' 
_pdbx_SG_project.full_name_of_center   'Northeast Structural Genomics Consortium' 
_pdbx_SG_project.initial_of_center     NESG 
# 
_pdbx_nmr_ensemble.entry_id                                      1JRM 
_pdbx_nmr_ensemble.conformers_calculated_total_number            20 
_pdbx_nmr_ensemble.conformers_submitted_total_number             1 
_pdbx_nmr_ensemble.conformer_selection_criteria                  'target function' 
_pdbx_nmr_ensemble.average_constraints_per_residue               ? 
_pdbx_nmr_ensemble.average_constraint_violations_per_residue     ? 
_pdbx_nmr_ensemble.maximum_distance_constraint_violation         ? 
_pdbx_nmr_ensemble.average_distance_constraint_violation         ? 
_pdbx_nmr_ensemble.maximum_upper_distance_constraint_violation   ? 
_pdbx_nmr_ensemble.maximum_lower_distance_constraint_violation   ? 
_pdbx_nmr_ensemble.distance_constraint_violation_method          ? 
_pdbx_nmr_ensemble.maximum_torsion_angle_constraint_violation    ? 
_pdbx_nmr_ensemble.average_torsion_angle_constraint_violation    ? 
_pdbx_nmr_ensemble.torsion_angle_constraint_violation_method     ? 
# 
_pdbx_nmr_representative.entry_id             1JRM 
_pdbx_nmr_representative.conformer_id         1 
_pdbx_nmr_representative.selection_criteria   'lowest energy' 
# 
_pdbx_nmr_sample_details.solution_id      1 
_pdbx_nmr_sample_details.contents         
'1mM MTH0637 U-15N,13C; 25mM phosphate buffer, 450 mM NaCl, 10 mM DTT, 20 uM Zn2+, 1 mM benzamidine, pH 6.5' 
_pdbx_nmr_sample_details.solvent_system   '90% H2O/10% D2O' 
# 
_pdbx_nmr_exptl_sample_conditions.conditions_id       1 
_pdbx_nmr_exptl_sample_conditions.temperature         298 
_pdbx_nmr_exptl_sample_conditions.pressure            ambient 
_pdbx_nmr_exptl_sample_conditions.pH                  6.5 
_pdbx_nmr_exptl_sample_conditions.ionic_strength      450 
_pdbx_nmr_exptl_sample_conditions.pressure_units      ? 
_pdbx_nmr_exptl_sample_conditions.temperature_units   K 
# 
loop_
_pdbx_nmr_exptl.experiment_id 
_pdbx_nmr_exptl.solution_id 
_pdbx_nmr_exptl.conditions_id 
_pdbx_nmr_exptl.type 
1 1 1 HNCACB                 
2 1 1 'CBCA(CO)NH'           
3 1 1 CCC-TOCSY-NNH          
4 1 1 HCCH-TOCSY             
5 1 1 3D_13C-separated_NOESY 
6 1 1 3D_15N-separated_NOESY 
# 
_pdbx_nmr_details.entry_id   1JRM 
_pdbx_nmr_details.text       'The structure was determined using triple-resonance NMR spectroscopy.' 
# 
_pdbx_nmr_refine.entry_id           1JRM 
_pdbx_nmr_refine.method             'torsion angle dynamics' 
_pdbx_nmr_refine.details            ? 
_pdbx_nmr_refine.software_ordinal   1 
# 
loop_
_pdbx_nmr_software.name 
_pdbx_nmr_software.version 
_pdbx_nmr_software.classification 
_pdbx_nmr_software.authors 
_pdbx_nmr_software.ordinal 
NMRPipe 'ver 1.8, 2001.030.21.27' processing           Delaglio 1 
DYANA   'ver 1.5'                 'structure solution' Guentert 2 
DYANA   'VER 1.5'                 refinement           GUENTERT 3 
# 
loop_
_chem_comp_atom.comp_id 
_chem_comp_atom.atom_id 
_chem_comp_atom.type_symbol 
_chem_comp_atom.pdbx_aromatic_flag 
_chem_comp_atom.pdbx_stereo_config 
_chem_comp_atom.pdbx_ordinal 
ALA N    N N N 1   
ALA CA   C N S 2   
ALA C    C N N 3   
ALA O    O N N 4   
ALA CB   C N N 5   
ALA OXT  O N N 6   
ALA H    H N N 7   
ALA H2   H N N 8   
ALA HA   H N N 9   
ALA HB1  H N N 10  
ALA HB2  H N N 11  
ALA HB3  H N N 12  
ALA HXT  H N N 13  
ARG N    N N N 14  
ARG CA   C N S 15  
ARG C    C N N 16  
ARG O    O N N 17  
ARG CB   C N N 18  
ARG CG   C N N 19  
ARG CD   C N N 20  
ARG NE   N N N 21  
ARG CZ   C N N 22  
ARG NH1  N N N 23  
ARG NH2  N N N 24  
ARG OXT  O N N 25  
ARG H    H N N 26  
ARG H2   H N N 27  
ARG HA   H N N 28  
ARG HB2  H N N 29  
ARG HB3  H N N 30  
ARG HG2  H N N 31  
ARG HG3  H N N 32  
ARG HD2  H N N 33  
ARG HD3  H N N 34  
ARG HE   H N N 35  
ARG HH11 H N N 36  
ARG HH12 H N N 37  
ARG HH21 H N N 38  
ARG HH22 H N N 39  
ARG HXT  H N N 40  
ASN N    N N N 41  
ASN CA   C N S 42  
ASN C    C N N 43  
ASN O    O N N 44  
ASN CB   C N N 45  
ASN CG   C N N 46  
ASN OD1  O N N 47  
ASN ND2  N N N 48  
ASN OXT  O N N 49  
ASN H    H N N 50  
ASN H2   H N N 51  
ASN HA   H N N 52  
ASN HB2  H N N 53  
ASN HB3  H N N 54  
ASN HD21 H N N 55  
ASN HD22 H N N 56  
ASN HXT  H N N 57  
ASP N    N N N 58  
ASP CA   C N S 59  
ASP C    C N N 60  
ASP O    O N N 61  
ASP CB   C N N 62  
ASP CG   C N N 63  
ASP OD1  O N N 64  
ASP OD2  O N N 65  
ASP OXT  O N N 66  
ASP H    H N N 67  
ASP H2   H N N 68  
ASP HA   H N N 69  
ASP HB2  H N N 70  
ASP HB3  H N N 71  
ASP HD2  H N N 72  
ASP HXT  H N N 73  
CYS N    N N N 74  
CYS CA   C N R 75  
CYS C    C N N 76  
CYS O    O N N 77  
CYS CB   C N N 78  
CYS SG   S N N 79  
CYS OXT  O N N 80  
CYS H    H N N 81  
CYS H2   H N N 82  
CYS HA   H N N 83  
CYS HB2  H N N 84  
CYS HB3  H N N 85  
CYS HG   H N N 86  
CYS HXT  H N N 87  
GLN N    N N N 88  
GLN CA   C N S 89  
GLN C    C N N 90  
GLN O    O N N 91  
GLN CB   C N N 92  
GLN CG   C N N 93  
GLN CD   C N N 94  
GLN OE1  O N N 95  
GLN NE2  N N N 96  
GLN OXT  O N N 97  
GLN H    H N N 98  
GLN H2   H N N 99  
GLN HA   H N N 100 
GLN HB2  H N N 101 
GLN HB3  H N N 102 
GLN HG2  H N N 103 
GLN HG3  H N N 104 
GLN HE21 H N N 105 
GLN HE22 H N N 106 
GLN HXT  H N N 107 
GLU N    N N N 108 
GLU CA   C N S 109 
GLU C    C N N 110 
GLU O    O N N 111 
GLU CB   C N N 112 
GLU CG   C N N 113 
GLU CD   C N N 114 
GLU OE1  O N N 115 
GLU OE2  O N N 116 
GLU OXT  O N N 117 
GLU H    H N N 118 
GLU H2   H N N 119 
GLU HA   H N N 120 
GLU HB2  H N N 121 
GLU HB3  H N N 122 
GLU HG2  H N N 123 
GLU HG3  H N N 124 
GLU HE2  H N N 125 
GLU HXT  H N N 126 
GLY N    N N N 127 
GLY CA   C N N 128 
GLY C    C N N 129 
GLY O    O N N 130 
GLY OXT  O N N 131 
GLY H    H N N 132 
GLY H2   H N N 133 
GLY HA2  H N N 134 
GLY HA3  H N N 135 
GLY HXT  H N N 136 
HIS N    N N N 137 
HIS CA   C N S 138 
HIS C    C N N 139 
HIS O    O N N 140 
HIS CB   C N N 141 
HIS CG   C Y N 142 
HIS ND1  N Y N 143 
HIS CD2  C Y N 144 
HIS CE1  C Y N 145 
HIS NE2  N Y N 146 
HIS OXT  O N N 147 
HIS H    H N N 148 
HIS H2   H N N 149 
HIS HA   H N N 150 
HIS HB2  H N N 151 
HIS HB3  H N N 152 
HIS HD1  H N N 153 
HIS HD2  H N N 154 
HIS HE1  H N N 155 
HIS HE2  H N N 156 
HIS HXT  H N N 157 
ILE N    N N N 158 
ILE CA   C N S 159 
ILE C    C N N 160 
ILE O    O N N 161 
ILE CB   C N S 162 
ILE CG1  C N N 163 
ILE CG2  C N N 164 
ILE CD1  C N N 165 
ILE OXT  O N N 166 
ILE H    H N N 167 
ILE H2   H N N 168 
ILE HA   H N N 169 
ILE HB   H N N 170 
ILE HG12 H N N 171 
ILE HG13 H N N 172 
ILE HG21 H N N 173 
ILE HG22 H N N 174 
ILE HG23 H N N 175 
ILE HD11 H N N 176 
ILE HD12 H N N 177 
ILE HD13 H N N 178 
ILE HXT  H N N 179 
LEU N    N N N 180 
LEU CA   C N S 181 
LEU C    C N N 182 
LEU O    O N N 183 
LEU CB   C N N 184 
LEU CG   C N N 185 
LEU CD1  C N N 186 
LEU CD2  C N N 187 
LEU OXT  O N N 188 
LEU H    H N N 189 
LEU H2   H N N 190 
LEU HA   H N N 191 
LEU HB2  H N N 192 
LEU HB3  H N N 193 
LEU HG   H N N 194 
LEU HD11 H N N 195 
LEU HD12 H N N 196 
LEU HD13 H N N 197 
LEU HD21 H N N 198 
LEU HD22 H N N 199 
LEU HD23 H N N 200 
LEU HXT  H N N 201 
LYS N    N N N 202 
LYS CA   C N S 203 
LYS C    C N N 204 
LYS O    O N N 205 
LYS CB   C N N 206 
LYS CG   C N N 207 
LYS CD   C N N 208 
LYS CE   C N N 209 
LYS NZ   N N N 210 
LYS OXT  O N N 211 
LYS H    H N N 212 
LYS H2   H N N 213 
LYS HA   H N N 214 
LYS HB2  H N N 215 
LYS HB3  H N N 216 
LYS HG2  H N N 217 
LYS HG3  H N N 218 
LYS HD2  H N N 219 
LYS HD3  H N N 220 
LYS HE2  H N N 221 
LYS HE3  H N N 222 
LYS HZ1  H N N 223 
LYS HZ2  H N N 224 
LYS HZ3  H N N 225 
LYS HXT  H N N 226 
MET N    N N N 227 
MET CA   C N S 228 
MET C    C N N 229 
MET O    O N N 230 
MET CB   C N N 231 
MET CG   C N N 232 
MET SD   S N N 233 
MET CE   C N N 234 
MET OXT  O N N 235 
MET H    H N N 236 
MET H2   H N N 237 
MET HA   H N N 238 
MET HB2  H N N 239 
MET HB3  H N N 240 
MET HG2  H N N 241 
MET HG3  H N N 242 
MET HE1  H N N 243 
MET HE2  H N N 244 
MET HE3  H N N 245 
MET HXT  H N N 246 
PHE N    N N N 247 
PHE CA   C N S 248 
PHE C    C N N 249 
PHE O    O N N 250 
PHE CB   C N N 251 
PHE CG   C Y N 252 
PHE CD1  C Y N 253 
PHE CD2  C Y N 254 
PHE CE1  C Y N 255 
PHE CE2  C Y N 256 
PHE CZ   C Y N 257 
PHE OXT  O N N 258 
PHE H    H N N 259 
PHE H2   H N N 260 
PHE HA   H N N 261 
PHE HB2  H N N 262 
PHE HB3  H N N 263 
PHE HD1  H N N 264 
PHE HD2  H N N 265 
PHE HE1  H N N 266 
PHE HE2  H N N 267 
PHE HZ   H N N 268 
PHE HXT  H N N 269 
PRO N    N N N 270 
PRO CA   C N S 271 
PRO C    C N N 272 
PRO O    O N N 273 
PRO CB   C N N 274 
PRO CG   C N N 275 
PRO CD   C N N 276 
PRO OXT  O N N 277 
PRO H    H N N 278 
PRO HA   H N N 279 
PRO HB2  H N N 280 
PRO HB3  H N N 281 
PRO HG2  H N N 282 
PRO HG3  H N N 283 
PRO HD2  H N N 284 
PRO HD3  H N N 285 
PRO HXT  H N N 286 
SER N    N N N 287 
SER CA   C N S 288 
SER C    C N N 289 
SER O    O N N 290 
SER CB   C N N 291 
SER OG   O N N 292 
SER OXT  O N N 293 
SER H    H N N 294 
SER H2   H N N 295 
SER HA   H N N 296 
SER HB2  H N N 297 
SER HB3  H N N 298 
SER HG   H N N 299 
SER HXT  H N N 300 
THR N    N N N 301 
THR CA   C N S 302 
THR C    C N N 303 
THR O    O N N 304 
THR CB   C N R 305 
THR OG1  O N N 306 
THR CG2  C N N 307 
THR OXT  O N N 308 
THR H    H N N 309 
THR H2   H N N 310 
THR HA   H N N 311 
THR HB   H N N 312 
THR HG1  H N N 313 
THR HG21 H N N 314 
THR HG22 H N N 315 
THR HG23 H N N 316 
THR HXT  H N N 317 
TRP N    N N N 318 
TRP CA   C N S 319 
TRP C    C N N 320 
TRP O    O N N 321 
TRP CB   C N N 322 
TRP CG   C Y N 323 
TRP CD1  C Y N 324 
TRP CD2  C Y N 325 
TRP NE1  N Y N 326 
TRP CE2  C Y N 327 
TRP CE3  C Y N 328 
TRP CZ2  C Y N 329 
TRP CZ3  C Y N 330 
TRP CH2  C Y N 331 
TRP OXT  O N N 332 
TRP H    H N N 333 
TRP H2   H N N 334 
TRP HA   H N N 335 
TRP HB2  H N N 336 
TRP HB3  H N N 337 
TRP HD1  H N N 338 
TRP HE1  H N N 339 
TRP HE3  H N N 340 
TRP HZ2  H N N 341 
TRP HZ3  H N N 342 
TRP HH2  H N N 343 
TRP HXT  H N N 344 
TYR N    N N N 345 
TYR CA   C N S 346 
TYR C    C N N 347 
TYR O    O N N 348 
TYR CB   C N N 349 
TYR CG   C Y N 350 
TYR CD1  C Y N 351 
TYR CD2  C Y N 352 
TYR CE1  C Y N 353 
TYR CE2  C Y N 354 
TYR CZ   C Y N 355 
TYR OH   O N N 356 
TYR OXT  O N N 357 
TYR H    H N N 358 
TYR H2   H N N 359 
TYR HA   H N N 360 
TYR HB2  H N N 361 
TYR HB3  H N N 362 
TYR HD1  H N N 363 
TYR HD2  H N N 364 
TYR HE1  H N N 365 
TYR HE2  H N N 366 
TYR HH   H N N 367 
TYR HXT  H N N 368 
VAL N    N N N 369 
VAL CA   C N S 370 
VAL C    C N N 371 
VAL O    O N N 372 
VAL CB   C N N 373 
VAL CG1  C N N 374 
VAL CG2  C N N 375 
VAL OXT  O N N 376 
VAL H    H N N 377 
VAL H2   H N N 378 
VAL HA   H N N 379 
VAL HB   H N N 380 
VAL HG11 H N N 381 
VAL HG12 H N N 382 
VAL HG13 H N N 383 
VAL HG21 H N N 384 
VAL HG22 H N N 385 
VAL HG23 H N N 386 
VAL HXT  H N N 387 
# 
loop_
_chem_comp_bond.comp_id 
_chem_comp_bond.atom_id_1 
_chem_comp_bond.atom_id_2 
_chem_comp_bond.value_order 
_chem_comp_bond.pdbx_aromatic_flag 
_chem_comp_bond.pdbx_stereo_config 
_chem_comp_bond.pdbx_ordinal 
ALA N   CA   sing N N 1   
ALA N   H    sing N N 2   
ALA N   H2   sing N N 3   
ALA CA  C    sing N N 4   
ALA CA  CB   sing N N 5   
ALA CA  HA   sing N N 6   
ALA C   O    doub N N 7   
ALA C   OXT  sing N N 8   
ALA CB  HB1  sing N N 9   
ALA CB  HB2  sing N N 10  
ALA CB  HB3  sing N N 11  
ALA OXT HXT  sing N N 12  
ARG N   CA   sing N N 13  
ARG N   H    sing N N 14  
ARG N   H2   sing N N 15  
ARG CA  C    sing N N 16  
ARG CA  CB   sing N N 17  
ARG CA  HA   sing N N 18  
ARG C   O    doub N N 19  
ARG C   OXT  sing N N 20  
ARG CB  CG   sing N N 21  
ARG CB  HB2  sing N N 22  
ARG CB  HB3  sing N N 23  
ARG CG  CD   sing N N 24  
ARG CG  HG2  sing N N 25  
ARG CG  HG3  sing N N 26  
ARG CD  NE   sing N N 27  
ARG CD  HD2  sing N N 28  
ARG CD  HD3  sing N N 29  
ARG NE  CZ   sing N N 30  
ARG NE  HE   sing N N 31  
ARG CZ  NH1  sing N N 32  
ARG CZ  NH2  doub N N 33  
ARG NH1 HH11 sing N N 34  
ARG NH1 HH12 sing N N 35  
ARG NH2 HH21 sing N N 36  
ARG NH2 HH22 sing N N 37  
ARG OXT HXT  sing N N 38  
ASN N   CA   sing N N 39  
ASN N   H    sing N N 40  
ASN N   H2   sing N N 41  
ASN CA  C    sing N N 42  
ASN CA  CB   sing N N 43  
ASN CA  HA   sing N N 44  
ASN C   O    doub N N 45  
ASN C   OXT  sing N N 46  
ASN CB  CG   sing N N 47  
ASN CB  HB2  sing N N 48  
ASN CB  HB3  sing N N 49  
ASN CG  OD1  doub N N 50  
ASN CG  ND2  sing N N 51  
ASN ND2 HD21 sing N N 52  
ASN ND2 HD22 sing N N 53  
ASN OXT HXT  sing N N 54  
ASP N   CA   sing N N 55  
ASP N   H    sing N N 56  
ASP N   H2   sing N N 57  
ASP CA  C    sing N N 58  
ASP CA  CB   sing N N 59  
ASP CA  HA   sing N N 60  
ASP C   O    doub N N 61  
ASP C   OXT  sing N N 62  
ASP CB  CG   sing N N 63  
ASP CB  HB2  sing N N 64  
ASP CB  HB3  sing N N 65  
ASP CG  OD1  doub N N 66  
ASP CG  OD2  sing N N 67  
ASP OD2 HD2  sing N N 68  
ASP OXT HXT  sing N N 69  
CYS N   CA   sing N N 70  
CYS N   H    sing N N 71  
CYS N   H2   sing N N 72  
CYS CA  C    sing N N 73  
CYS CA  CB   sing N N 74  
CYS CA  HA   sing N N 75  
CYS C   O    doub N N 76  
CYS C   OXT  sing N N 77  
CYS CB  SG   sing N N 78  
CYS CB  HB2  sing N N 79  
CYS CB  HB3  sing N N 80  
CYS SG  HG   sing N N 81  
CYS OXT HXT  sing N N 82  
GLN N   CA   sing N N 83  
GLN N   H    sing N N 84  
GLN N   H2   sing N N 85  
GLN CA  C    sing N N 86  
GLN CA  CB   sing N N 87  
GLN CA  HA   sing N N 88  
GLN C   O    doub N N 89  
GLN C   OXT  sing N N 90  
GLN CB  CG   sing N N 91  
GLN CB  HB2  sing N N 92  
GLN CB  HB3  sing N N 93  
GLN CG  CD   sing N N 94  
GLN CG  HG2  sing N N 95  
GLN CG  HG3  sing N N 96  
GLN CD  OE1  doub N N 97  
GLN CD  NE2  sing N N 98  
GLN NE2 HE21 sing N N 99  
GLN NE2 HE22 sing N N 100 
GLN OXT HXT  sing N N 101 
GLU N   CA   sing N N 102 
GLU N   H    sing N N 103 
GLU N   H2   sing N N 104 
GLU CA  C    sing N N 105 
GLU CA  CB   sing N N 106 
GLU CA  HA   sing N N 107 
GLU C   O    doub N N 108 
GLU C   OXT  sing N N 109 
GLU CB  CG   sing N N 110 
GLU CB  HB2  sing N N 111 
GLU CB  HB3  sing N N 112 
GLU CG  CD   sing N N 113 
GLU CG  HG2  sing N N 114 
GLU CG  HG3  sing N N 115 
GLU CD  OE1  doub N N 116 
GLU CD  OE2  sing N N 117 
GLU OE2 HE2  sing N N 118 
GLU OXT HXT  sing N N 119 
GLY N   CA   sing N N 120 
GLY N   H    sing N N 121 
GLY N   H2   sing N N 122 
GLY CA  C    sing N N 123 
GLY CA  HA2  sing N N 124 
GLY CA  HA3  sing N N 125 
GLY C   O    doub N N 126 
GLY C   OXT  sing N N 127 
GLY OXT HXT  sing N N 128 
HIS N   CA   sing N N 129 
HIS N   H    sing N N 130 
HIS N   H2   sing N N 131 
HIS CA  C    sing N N 132 
HIS CA  CB   sing N N 133 
HIS CA  HA   sing N N 134 
HIS C   O    doub N N 135 
HIS C   OXT  sing N N 136 
HIS CB  CG   sing N N 137 
HIS CB  HB2  sing N N 138 
HIS CB  HB3  sing N N 139 
HIS CG  ND1  sing Y N 140 
HIS CG  CD2  doub Y N 141 
HIS ND1 CE1  doub Y N 142 
HIS ND1 HD1  sing N N 143 
HIS CD2 NE2  sing Y N 144 
HIS CD2 HD2  sing N N 145 
HIS CE1 NE2  sing Y N 146 
HIS CE1 HE1  sing N N 147 
HIS NE2 HE2  sing N N 148 
HIS OXT HXT  sing N N 149 
ILE N   CA   sing N N 150 
ILE N   H    sing N N 151 
ILE N   H2   sing N N 152 
ILE CA  C    sing N N 153 
ILE CA  CB   sing N N 154 
ILE CA  HA   sing N N 155 
ILE C   O    doub N N 156 
ILE C   OXT  sing N N 157 
ILE CB  CG1  sing N N 158 
ILE CB  CG2  sing N N 159 
ILE CB  HB   sing N N 160 
ILE CG1 CD1  sing N N 161 
ILE CG1 HG12 sing N N 162 
ILE CG1 HG13 sing N N 163 
ILE CG2 HG21 sing N N 164 
ILE CG2 HG22 sing N N 165 
ILE CG2 HG23 sing N N 166 
ILE CD1 HD11 sing N N 167 
ILE CD1 HD12 sing N N 168 
ILE CD1 HD13 sing N N 169 
ILE OXT HXT  sing N N 170 
LEU N   CA   sing N N 171 
LEU N   H    sing N N 172 
LEU N   H2   sing N N 173 
LEU CA  C    sing N N 174 
LEU CA  CB   sing N N 175 
LEU CA  HA   sing N N 176 
LEU C   O    doub N N 177 
LEU C   OXT  sing N N 178 
LEU CB  CG   sing N N 179 
LEU CB  HB2  sing N N 180 
LEU CB  HB3  sing N N 181 
LEU CG  CD1  sing N N 182 
LEU CG  CD2  sing N N 183 
LEU CG  HG   sing N N 184 
LEU CD1 HD11 sing N N 185 
LEU CD1 HD12 sing N N 186 
LEU CD1 HD13 sing N N 187 
LEU CD2 HD21 sing N N 188 
LEU CD2 HD22 sing N N 189 
LEU CD2 HD23 sing N N 190 
LEU OXT HXT  sing N N 191 
LYS N   CA   sing N N 192 
LYS N   H    sing N N 193 
LYS N   H2   sing N N 194 
LYS CA  C    sing N N 195 
LYS CA  CB   sing N N 196 
LYS CA  HA   sing N N 197 
LYS C   O    doub N N 198 
LYS C   OXT  sing N N 199 
LYS CB  CG   sing N N 200 
LYS CB  HB2  sing N N 201 
LYS CB  HB3  sing N N 202 
LYS CG  CD   sing N N 203 
LYS CG  HG2  sing N N 204 
LYS CG  HG3  sing N N 205 
LYS CD  CE   sing N N 206 
LYS CD  HD2  sing N N 207 
LYS CD  HD3  sing N N 208 
LYS CE  NZ   sing N N 209 
LYS CE  HE2  sing N N 210 
LYS CE  HE3  sing N N 211 
LYS NZ  HZ1  sing N N 212 
LYS NZ  HZ2  sing N N 213 
LYS NZ  HZ3  sing N N 214 
LYS OXT HXT  sing N N 215 
MET N   CA   sing N N 216 
MET N   H    sing N N 217 
MET N   H2   sing N N 218 
MET CA  C    sing N N 219 
MET CA  CB   sing N N 220 
MET CA  HA   sing N N 221 
MET C   O    doub N N 222 
MET C   OXT  sing N N 223 
MET CB  CG   sing N N 224 
MET CB  HB2  sing N N 225 
MET CB  HB3  sing N N 226 
MET CG  SD   sing N N 227 
MET CG  HG2  sing N N 228 
MET CG  HG3  sing N N 229 
MET SD  CE   sing N N 230 
MET CE  HE1  sing N N 231 
MET CE  HE2  sing N N 232 
MET CE  HE3  sing N N 233 
MET OXT HXT  sing N N 234 
PHE N   CA   sing N N 235 
PHE N   H    sing N N 236 
PHE N   H2   sing N N 237 
PHE CA  C    sing N N 238 
PHE CA  CB   sing N N 239 
PHE CA  HA   sing N N 240 
PHE C   O    doub N N 241 
PHE C   OXT  sing N N 242 
PHE CB  CG   sing N N 243 
PHE CB  HB2  sing N N 244 
PHE CB  HB3  sing N N 245 
PHE CG  CD1  doub Y N 246 
PHE CG  CD2  sing Y N 247 
PHE CD1 CE1  sing Y N 248 
PHE CD1 HD1  sing N N 249 
PHE CD2 CE2  doub Y N 250 
PHE CD2 HD2  sing N N 251 
PHE CE1 CZ   doub Y N 252 
PHE CE1 HE1  sing N N 253 
PHE CE2 CZ   sing Y N 254 
PHE CE2 HE2  sing N N 255 
PHE CZ  HZ   sing N N 256 
PHE OXT HXT  sing N N 257 
PRO N   CA   sing N N 258 
PRO N   CD   sing N N 259 
PRO N   H    sing N N 260 
PRO CA  C    sing N N 261 
PRO CA  CB   sing N N 262 
PRO CA  HA   sing N N 263 
PRO C   O    doub N N 264 
PRO C   OXT  sing N N 265 
PRO CB  CG   sing N N 266 
PRO CB  HB2  sing N N 267 
PRO CB  HB3  sing N N 268 
PRO CG  CD   sing N N 269 
PRO CG  HG2  sing N N 270 
PRO CG  HG3  sing N N 271 
PRO CD  HD2  sing N N 272 
PRO CD  HD3  sing N N 273 
PRO OXT HXT  sing N N 274 
SER N   CA   sing N N 275 
SER N   H    sing N N 276 
SER N   H2   sing N N 277 
SER CA  C    sing N N 278 
SER CA  CB   sing N N 279 
SER CA  HA   sing N N 280 
SER C   O    doub N N 281 
SER C   OXT  sing N N 282 
SER CB  OG   sing N N 283 
SER CB  HB2  sing N N 284 
SER CB  HB3  sing N N 285 
SER OG  HG   sing N N 286 
SER OXT HXT  sing N N 287 
THR N   CA   sing N N 288 
THR N   H    sing N N 289 
THR N   H2   sing N N 290 
THR CA  C    sing N N 291 
THR CA  CB   sing N N 292 
THR CA  HA   sing N N 293 
THR C   O    doub N N 294 
THR C   OXT  sing N N 295 
THR CB  OG1  sing N N 296 
THR CB  CG2  sing N N 297 
THR CB  HB   sing N N 298 
THR OG1 HG1  sing N N 299 
THR CG2 HG21 sing N N 300 
THR CG2 HG22 sing N N 301 
THR CG2 HG23 sing N N 302 
THR OXT HXT  sing N N 303 
TRP N   CA   sing N N 304 
TRP N   H    sing N N 305 
TRP N   H2   sing N N 306 
TRP CA  C    sing N N 307 
TRP CA  CB   sing N N 308 
TRP CA  HA   sing N N 309 
TRP C   O    doub N N 310 
TRP C   OXT  sing N N 311 
TRP CB  CG   sing N N 312 
TRP CB  HB2  sing N N 313 
TRP CB  HB3  sing N N 314 
TRP CG  CD1  doub Y N 315 
TRP CG  CD2  sing Y N 316 
TRP CD1 NE1  sing Y N 317 
TRP CD1 HD1  sing N N 318 
TRP CD2 CE2  doub Y N 319 
TRP CD2 CE3  sing Y N 320 
TRP NE1 CE2  sing Y N 321 
TRP NE1 HE1  sing N N 322 
TRP CE2 CZ2  sing Y N 323 
TRP CE3 CZ3  doub Y N 324 
TRP CE3 HE3  sing N N 325 
TRP CZ2 CH2  doub Y N 326 
TRP CZ2 HZ2  sing N N 327 
TRP CZ3 CH2  sing Y N 328 
TRP CZ3 HZ3  sing N N 329 
TRP CH2 HH2  sing N N 330 
TRP OXT HXT  sing N N 331 
TYR N   CA   sing N N 332 
TYR N   H    sing N N 333 
TYR N   H2   sing N N 334 
TYR CA  C    sing N N 335 
TYR CA  CB   sing N N 336 
TYR CA  HA   sing N N 337 
TYR C   O    doub N N 338 
TYR C   OXT  sing N N 339 
TYR CB  CG   sing N N 340 
TYR CB  HB2  sing N N 341 
TYR CB  HB3  sing N N 342 
TYR CG  CD1  doub Y N 343 
TYR CG  CD2  sing Y N 344 
TYR CD1 CE1  sing Y N 345 
TYR CD1 HD1  sing N N 346 
TYR CD2 CE2  doub Y N 347 
TYR CD2 HD2  sing N N 348 
TYR CE1 CZ   doub Y N 349 
TYR CE1 HE1  sing N N 350 
TYR CE2 CZ   sing Y N 351 
TYR CE2 HE2  sing N N 352 
TYR CZ  OH   sing N N 353 
TYR OH  HH   sing N N 354 
TYR OXT HXT  sing N N 355 
VAL N   CA   sing N N 356 
VAL N   H    sing N N 357 
VAL N   H2   sing N N 358 
VAL CA  C    sing N N 359 
VAL CA  CB   sing N N 360 
VAL CA  HA   sing N N 361 
VAL C   O    doub N N 362 
VAL C   OXT  sing N N 363 
VAL CB  CG1  sing N N 364 
VAL CB  CG2  sing N N 365 
VAL CB  HB   sing N N 366 
VAL CG1 HG11 sing N N 367 
VAL CG1 HG12 sing N N 368 
VAL CG1 HG13 sing N N 369 
VAL CG2 HG21 sing N N 370 
VAL CG2 HG22 sing N N 371 
VAL CG2 HG23 sing N N 372 
VAL OXT HXT  sing N N 373 
# 
_pdbx_nmr_spectrometer.spectrometer_id   1 
_pdbx_nmr_spectrometer.type              ? 
_pdbx_nmr_spectrometer.manufacturer      Varian 
_pdbx_nmr_spectrometer.model             INOVA 
_pdbx_nmr_spectrometer.field_strength    600 
# 
_atom_sites.entry_id                    1JRM 
_atom_sites.fract_transf_matrix[1][1]   1.000000 
_atom_sites.fract_transf_matrix[1][2]   0.000000 
_atom_sites.fract_transf_matrix[1][3]   0.000000 
_atom_sites.fract_transf_matrix[2][1]   0.000000 
_atom_sites.fract_transf_matrix[2][2]   1.000000 
_atom_sites.fract_transf_matrix[2][3]   0.000000 
_atom_sites.fract_transf_matrix[3][1]   0.000000 
_atom_sites.fract_transf_matrix[3][2]   0.000000 
_atom_sites.fract_transf_matrix[3][3]   1.000000 
_atom_sites.fract_transf_vector[1]      0.00000 
_atom_sites.fract_transf_vector[2]      0.00000 
_atom_sites.fract_transf_vector[3]      0.00000 
# 
loop_
_atom_type.symbol 
C 
H 
N 
O 
S 
# 
loop_
_atom_site.group_PDB 
_atom_site.id 
_atom_site.type_symbol 
_atom_site.label_atom_id 
_atom_site.label_alt_id 
_atom_site.label_comp_id 
_atom_site.label_asym_id 
_atom_site.label_entity_id 
_atom_site.label_seq_id 
_atom_site.pdbx_PDB_ins_code 
_atom_site.Cartn_x 
_atom_site.Cartn_y 
_atom_site.Cartn_z 
_atom_site.occupancy 
_atom_site.B_iso_or_equiv 
_atom_site.pdbx_formal_charge 
_atom_site.auth_seq_id 
_atom_site.auth_comp_id 
_atom_site.auth_asym_id 
_atom_site.auth_atom_id 
_atom_site.pdbx_PDB_model_num 
ATOM 1    N N    . VAL A 1 1   ? 14.844  -8.410  1.519   1.00 0.00 ? 1   VAL A N    1 
ATOM 2    C CA   . VAL A 1 1   ? 14.837  -7.048  1.016   1.00 0.00 ? 1   VAL A CA   1 
ATOM 3    C C    . VAL A 1 1   ? 13.594  -6.835  0.149   1.00 0.00 ? 1   VAL A C    1 
ATOM 4    O O    . VAL A 1 1   ? 12.675  -7.652  0.166   1.00 0.00 ? 1   VAL A O    1 
ATOM 5    C CB   . VAL A 1 1   ? 16.141  -6.757  0.272   1.00 0.00 ? 1   VAL A CB   1 
ATOM 6    C CG1  . VAL A 1 1   ? 17.336  -7.380  0.997   1.00 0.00 ? 1   VAL A CG1  1 
ATOM 7    C CG2  . VAL A 1 1   ? 16.066  -7.242  -1.178  1.00 0.00 ? 1   VAL A CG2  1 
ATOM 8    H H    . VAL A 1 1   ? 15.376  -8.550  2.355   1.00 0.00 ? 1   VAL A H    1 
ATOM 9    H HA   . VAL A 1 1   ? 14.783  -6.379  1.877   1.00 0.00 ? 1   VAL A HA   1 
ATOM 10   H HB   . VAL A 1 1   ? 16.285  -5.677  0.256   1.00 0.00 ? 1   VAL A HB   1 
ATOM 11   H HG11 . VAL A 1 1   ? 17.104  -8.412  1.259   1.00 0.00 ? 1   VAL A HG11 1 
ATOM 12   H HG12 . VAL A 1 1   ? 18.209  -7.359  0.343   1.00 0.00 ? 1   VAL A HG12 1 
ATOM 13   H HG13 . VAL A 1 1   ? 17.547  -6.813  1.904   1.00 0.00 ? 1   VAL A HG13 1 
ATOM 14   H HG21 . VAL A 1 1   ? 15.209  -7.905  -1.294  1.00 0.00 ? 1   VAL A HG21 1 
ATOM 15   H HG22 . VAL A 1 1   ? 15.955  -6.385  -1.842  1.00 0.00 ? 1   VAL A HG22 1 
ATOM 16   H HG23 . VAL A 1 1   ? 16.979  -7.780  -1.429  1.00 0.00 ? 1   VAL A HG23 1 
ATOM 17   N N    . ILE A 1 2   ? 13.607  -5.734  -0.588  1.00 0.00 ? 2   ILE A N    1 
ATOM 18   C CA   . ILE A 1 2   ? 12.492  -5.403  -1.460  1.00 0.00 ? 2   ILE A CA   1 
ATOM 19   C C    . ILE A 1 2   ? 12.875  -5.711  -2.909  1.00 0.00 ? 2   ILE A C    1 
ATOM 20   O O    . ILE A 1 2   ? 13.782  -5.090  -3.460  1.00 0.00 ? 2   ILE A O    1 
ATOM 21   C CB   . ILE A 1 2   ? 12.047  -3.957  -1.235  1.00 0.00 ? 2   ILE A CB   1 
ATOM 22   C CG1  . ILE A 1 2   ? 11.149  -3.845  -0.002  1.00 0.00 ? 2   ILE A CG1  1 
ATOM 23   C CG2  . ILE A 1 2   ? 11.374  -3.390  -2.487  1.00 0.00 ? 2   ILE A CG2  1 
ATOM 24   C CD1  . ILE A 1 2   ? 10.538  -2.447  0.107   1.00 0.00 ? 2   ILE A CD1  1 
ATOM 25   H H    . ILE A 1 2   ? 14.359  -5.075  -0.595  1.00 0.00 ? 2   ILE A H    1 
ATOM 26   H HA   . ILE A 1 2   ? 11.657  -6.045  -1.180  1.00 0.00 ? 2   ILE A HA   1 
ATOM 27   H HB   . ILE A 1 2   ? 12.933  -3.352  -1.044  1.00 0.00 ? 2   ILE A HB   1 
ATOM 28   H HG12 . ILE A 1 2   ? 10.355  -4.590  -0.057  1.00 0.00 ? 2   ILE A HG12 1 
ATOM 29   H HG13 . ILE A 1 2   ? 11.729  -4.063  0.895   1.00 0.00 ? 2   ILE A HG13 1 
ATOM 30   H HG21 . ILE A 1 2   ? 12.133  -2.979  -3.152  1.00 0.00 ? 2   ILE A HG21 1 
ATOM 31   H HG22 . ILE A 1 2   ? 10.833  -4.185  -3.001  1.00 0.00 ? 2   ILE A HG22 1 
ATOM 32   H HG23 . ILE A 1 2   ? 10.678  -2.602  -2.201  1.00 0.00 ? 2   ILE A HG23 1 
ATOM 33   H HD11 . ILE A 1 2   ? 10.464  -2.162  1.156   1.00 0.00 ? 2   ILE A HD11 1 
ATOM 34   H HD12 . ILE A 1 2   ? 11.170  -1.732  -0.420  1.00 0.00 ? 2   ILE A HD12 1 
ATOM 35   H HD13 . ILE A 1 2   ? 9.543   -2.450  -0.340  1.00 0.00 ? 2   ILE A HD13 1 
ATOM 36   N N    . THR A 1 3   ? 12.165  -6.670  -3.484  1.00 0.00 ? 3   THR A N    1 
ATOM 37   C CA   . THR A 1 3   ? 12.419  -7.067  -4.858  1.00 0.00 ? 3   THR A CA   1 
ATOM 38   C C    . THR A 1 3   ? 11.294  -7.970  -5.369  1.00 0.00 ? 3   THR A C    1 
ATOM 39   O O    . THR A 1 3   ? 11.502  -8.775  -6.276  1.00 0.00 ? 3   THR A O    1 
ATOM 40   C CB   . THR A 1 3   ? 13.799  -7.727  -4.912  1.00 0.00 ? 3   THR A CB   1 
ATOM 41   O OG1  . THR A 1 3   ? 13.998  -8.223  -3.591  1.00 0.00 ? 3   THR A OG1  1 
ATOM 42   C CG2  . THR A 1 3   ? 14.926  -6.711  -5.104  1.00 0.00 ? 3   THR A CG2  1 
ATOM 43   H H    . THR A 1 3   ? 11.429  -7.170  -3.029  1.00 0.00 ? 3   THR A H    1 
ATOM 44   H HA   . THR A 1 3   ? 12.419  -6.173  -5.481  1.00 0.00 ? 3   THR A HA   1 
ATOM 45   H HB   . THR A 1 3   ? 13.832  -8.496  -5.683  1.00 0.00 ? 3   THR A HB   1 
ATOM 46   H HG1  . THR A 1 3   ? 13.591  -9.132  -3.502  1.00 0.00 ? 3   THR A HG1  1 
ATOM 47   H HG21 . THR A 1 3   ? 14.506  -5.757  -5.424  1.00 0.00 ? 3   THR A HG21 1 
ATOM 48   H HG22 . THR A 1 3   ? 15.457  -6.576  -4.161  1.00 0.00 ? 3   THR A HG22 1 
ATOM 49   H HG23 . THR A 1 3   ? 15.619  -7.075  -5.862  1.00 0.00 ? 3   THR A HG23 1 
ATOM 50   N N    . MET A 1 4   ? 10.126  -7.805  -4.764  1.00 0.00 ? 4   MET A N    1 
ATOM 51   C CA   . MET A 1 4   ? 8.968   -8.595  -5.147  1.00 0.00 ? 4   MET A CA   1 
ATOM 52   C C    . MET A 1 4   ? 7.857   -7.704  -5.706  1.00 0.00 ? 4   MET A C    1 
ATOM 53   O O    . MET A 1 4   ? 7.862   -6.492  -5.494  1.00 0.00 ? 4   MET A O    1 
ATOM 54   C CB   . MET A 1 4   ? 8.446   -9.359  -3.929  1.00 0.00 ? 4   MET A CB   1 
ATOM 55   C CG   . MET A 1 4   ? 9.560   -10.181 -3.278  1.00 0.00 ? 4   MET A CG   1 
ATOM 56   S SD   . MET A 1 4   ? 9.824   -11.688 -4.197  1.00 0.00 ? 4   MET A SD   1 
ATOM 57   C CE   . MET A 1 4   ? 11.546  -11.491 -4.627  1.00 0.00 ? 4   MET A CE   1 
ATOM 58   H H    . MET A 1 4   ? 9.965   -7.149  -4.028  1.00 0.00 ? 4   MET A H    1 
ATOM 59   H HA   . MET A 1 4   ? 9.321   -9.277  -5.922  1.00 0.00 ? 4   MET A HA   1 
ATOM 60   H HB2  . MET A 1 4   ? 8.036   -8.657  -3.203  1.00 0.00 ? 4   MET A HB2  1 
ATOM 61   H HB3  . MET A 1 4   ? 7.632   -10.018 -4.229  1.00 0.00 ? 4   MET A HB3  1 
ATOM 62   H HG2  . MET A 1 4   ? 10.481  -9.599  -3.246  1.00 0.00 ? 4   MET A HG2  1 
ATOM 63   H HG3  . MET A 1 4   ? 9.295   -10.415 -2.247  1.00 0.00 ? 4   MET A HG3  1 
ATOM 64   H HE1  . MET A 1 4   ? 12.033  -12.467 -4.630  1.00 0.00 ? 4   MET A HE1  1 
ATOM 65   H HE2  . MET A 1 4   ? 11.624  -11.042 -5.617  1.00 0.00 ? 4   MET A HE2  1 
ATOM 66   H HE3  . MET A 1 4   ? 12.032  -10.845 -3.895  1.00 0.00 ? 4   MET A HE3  1 
ATOM 67   N N    . ASP A 1 5   ? 6.931   -8.338  -6.409  1.00 0.00 ? 5   ASP A N    1 
ATOM 68   C CA   . ASP A 1 5   ? 5.816   -7.618  -7.000  1.00 0.00 ? 5   ASP A CA   1 
ATOM 69   C C    . ASP A 1 5   ? 4.596   -7.731  -6.081  1.00 0.00 ? 5   ASP A C    1 
ATOM 70   O O    . ASP A 1 5   ? 4.637   -8.436  -5.075  1.00 0.00 ? 5   ASP A O    1 
ATOM 71   C CB   . ASP A 1 5   ? 5.437   -8.208  -8.361  1.00 0.00 ? 5   ASP A CB   1 
ATOM 72   C CG   . ASP A 1 5   ? 6.321   -9.365  -8.831  1.00 0.00 ? 5   ASP A CG   1 
ATOM 73   O OD1  . ASP A 1 5   ? 7.529   -9.112  -9.030  1.00 0.00 ? 5   ASP A OD1  1 
ATOM 74   O OD2  . ASP A 1 5   ? 5.767   -10.476 -8.981  1.00 0.00 ? 5   ASP A OD2  1 
ATOM 75   H H    . ASP A 1 5   ? 6.933   -9.324  -6.577  1.00 0.00 ? 5   ASP A H    1 
ATOM 76   H HA   . ASP A 1 5   ? 6.163   -6.591  -7.108  1.00 0.00 ? 5   ASP A HA   1 
ATOM 77   H HB2  . ASP A 1 5   ? 4.405   -8.553  -8.316  1.00 0.00 ? 5   ASP A HB2  1 
ATOM 78   H HB3  . ASP A 1 5   ? 5.476   -7.414  -9.107  1.00 0.00 ? 5   ASP A HB3  1 
ATOM 79   N N    . CYS A 1 6   ? 3.542   -7.025  -6.461  1.00 0.00 ? 6   CYS A N    1 
ATOM 80   C CA   . CYS A 1 6   ? 2.314   -7.037  -5.684  1.00 0.00 ? 6   CYS A CA   1 
ATOM 81   C C    . CYS A 1 6   ? 1.385   -5.955  -6.237  1.00 0.00 ? 6   CYS A C    1 
ATOM 82   O O    . CYS A 1 6   ? 0.164   -6.071  -6.141  1.00 0.00 ? 6   CYS A O    1 
ATOM 83   C CB   . CYS A 1 6   ? 2.588   -6.844  -4.191  1.00 0.00 ? 6   CYS A CB   1 
ATOM 84   S SG   . CYS A 1 6   ? 2.790   -5.065  -3.816  1.00 0.00 ? 6   CYS A SG   1 
ATOM 85   H H    . CYS A 1 6   ? 3.518   -6.454  -7.282  1.00 0.00 ? 6   CYS A H    1 
ATOM 86   H HA   . CYS A 1 6   ? 1.874   -8.026  -5.809  1.00 0.00 ? 6   CYS A HA   1 
ATOM 87   H HB2  . CYS A 1 6   ? 1.765   -7.257  -3.606  1.00 0.00 ? 6   CYS A HB2  1 
ATOM 88   H HB3  . CYS A 1 6   ? 3.488   -7.390  -3.904  1.00 0.00 ? 6   CYS A HB3  1 
ATOM 89   H HG   . CYS A 1 6   ? 4.119   -5.059  -3.882  1.00 0.00 ? 6   CYS A HG   1 
ATOM 90   N N    . LEU A 1 7   ? 1.998   -4.927  -6.807  1.00 0.00 ? 7   LEU A N    1 
ATOM 91   C CA   . LEU A 1 7   ? 1.240   -3.825  -7.376  1.00 0.00 ? 7   LEU A CA   1 
ATOM 92   C C    . LEU A 1 7   ? 0.826   -4.182  -8.805  1.00 0.00 ? 7   LEU A C    1 
ATOM 93   O O    . LEU A 1 7   ? 1.651   -4.625  -9.603  1.00 0.00 ? 7   LEU A O    1 
ATOM 94   C CB   . LEU A 1 7   ? 2.033   -2.521  -7.273  1.00 0.00 ? 7   LEU A CB   1 
ATOM 95   C CG   . LEU A 1 7   ? 3.550   -2.667  -7.129  1.00 0.00 ? 7   LEU A CG   1 
ATOM 96   C CD1  . LEU A 1 7   ? 4.270   -1.406  -7.612  1.00 0.00 ? 7   LEU A CD1  1 
ATOM 97   C CD2  . LEU A 1 7   ? 3.931   -3.029  -5.692  1.00 0.00 ? 7   LEU A CD2  1 
ATOM 98   H H    . LEU A 1 7   ? 2.992   -4.841  -6.882  1.00 0.00 ? 7   LEU A H    1 
ATOM 99   H HA   . LEU A 1 7   ? 0.339   -3.704  -6.774  1.00 0.00 ? 7   LEU A HA   1 
ATOM 100  H HB2  . LEU A 1 7   ? 1.828   -1.923  -8.161  1.00 0.00 ? 7   LEU A HB2  1 
ATOM 101  H HB3  . LEU A 1 7   ? 1.659   -1.958  -6.418  1.00 0.00 ? 7   LEU A HB3  1 
ATOM 102  H HG   . LEU A 1 7   ? 3.876   -3.489  -7.766  1.00 0.00 ? 7   LEU A HG   1 
ATOM 103  H HD11 . LEU A 1 7   ? 5.239   -1.680  -8.027  1.00 0.00 ? 7   LEU A HD11 1 
ATOM 104  H HD12 . LEU A 1 7   ? 3.671   -0.918  -8.380  1.00 0.00 ? 7   LEU A HD12 1 
ATOM 105  H HD13 . LEU A 1 7   ? 4.412   -0.725  -6.773  1.00 0.00 ? 7   LEU A HD13 1 
ATOM 106  H HD21 . LEU A 1 7   ? 3.068   -2.890  -5.041  1.00 0.00 ? 7   LEU A HD21 1 
ATOM 107  H HD22 . LEU A 1 7   ? 4.252   -4.071  -5.653  1.00 0.00 ? 7   LEU A HD22 1 
ATOM 108  H HD23 . LEU A 1 7   ? 4.745   -2.386  -5.358  1.00 0.00 ? 7   LEU A HD23 1 
ATOM 109  N N    . ARG A 1 8   ? -0.453  -3.976  -9.085  1.00 0.00 ? 8   ARG A N    1 
ATOM 110  C CA   . ARG A 1 8   ? -0.987  -4.270  -10.403 1.00 0.00 ? 8   ARG A CA   1 
ATOM 111  C C    . ARG A 1 8   ? -1.338  -2.973  -11.136 1.00 0.00 ? 8   ARG A C    1 
ATOM 112  O O    . ARG A 1 8   ? -2.117  -2.165  -10.634 1.00 0.00 ? 8   ARG A O    1 
ATOM 113  C CB   . ARG A 1 8   ? -2.236  -5.147  -10.308 1.00 0.00 ? 8   ARG A CB   1 
ATOM 114  C CG   . ARG A 1 8   ? -2.283  -6.162  -11.454 1.00 0.00 ? 8   ARG A CG   1 
ATOM 115  C CD   . ARG A 1 8   ? -3.609  -6.924  -11.459 1.00 0.00 ? 8   ARG A CD   1 
ATOM 116  N NE   . ARG A 1 8   ? -3.574  -8.007  -10.450 1.00 0.00 ? 8   ARG A NE   1 
ATOM 117  C CZ   . ARG A 1 8   ? -3.883  -7.838  -9.157  1.00 0.00 ? 8   ARG A CZ   1 
ATOM 118  N NH1  . ARG A 1 8   ? -4.252  -6.631  -8.707  1.00 0.00 ? 8   ARG A NH1  1 
ATOM 119  N NH2  . ARG A 1 8   ? -3.823  -8.878  -8.313  1.00 0.00 ? 8   ARG A NH2  1 
ATOM 120  H H    . ARG A 1 8   ? -1.117  -3.616  -8.430  1.00 0.00 ? 8   ARG A H    1 
ATOM 121  H HA   . ARG A 1 8   ? -0.186  -4.805  -10.915 1.00 0.00 ? 8   ARG A HA   1 
ATOM 122  H HB2  . ARG A 1 8   ? -2.244  -5.673  -9.353  1.00 0.00 ? 8   ARG A HB2  1 
ATOM 123  H HB3  . ARG A 1 8   ? -3.128  -4.522  -10.336 1.00 0.00 ? 8   ARG A HB3  1 
ATOM 124  H HG2  . ARG A 1 8   ? -2.152  -5.646  -12.406 1.00 0.00 ? 8   ARG A HG2  1 
ATOM 125  H HG3  . ARG A 1 8   ? -1.455  -6.865  -11.357 1.00 0.00 ? 8   ARG A HG3  1 
ATOM 126  H HD2  . ARG A 1 8   ? -4.430  -6.241  -11.242 1.00 0.00 ? 8   ARG A HD2  1 
ATOM 127  H HD3  . ARG A 1 8   ? -3.794  -7.343  -12.447 1.00 0.00 ? 8   ARG A HD3  1 
ATOM 128  H HE   . ARG A 1 8   ? -3.303  -8.920  -10.751 1.00 0.00 ? 8   ARG A HE   1 
ATOM 129  H HH11 . ARG A 1 8   ? -4.297  -5.855  -9.336  1.00 0.00 ? 8   ARG A HH11 1 
ATOM 130  H HH12 . ARG A 1 8   ? -4.483  -6.506  -7.742  1.00 0.00 ? 8   ARG A HH12 1 
ATOM 131  H HH21 . ARG A 1 8   ? -3.547  -9.778  -8.648  1.00 0.00 ? 8   ARG A HH21 1 
ATOM 132  H HH22 . ARG A 1 8   ? -4.054  -8.752  -7.348  1.00 0.00 ? 8   ARG A HH22 1 
ATOM 133  N N    . GLU A 1 9   ? -0.745  -2.815  -12.310 1.00 0.00 ? 9   GLU A N    1 
ATOM 134  C CA   . GLU A 1 9   ? -0.986  -1.630  -13.116 1.00 0.00 ? 9   GLU A CA   1 
ATOM 135  C C    . GLU A 1 9   ? -2.281  -1.785  -13.914 1.00 0.00 ? 9   GLU A C    1 
ATOM 136  O O    . GLU A 1 9   ? -2.327  -2.528  -14.893 1.00 0.00 ? 9   GLU A O    1 
ATOM 137  C CB   . GLU A 1 9   ? 0.199   -1.349  -14.043 1.00 0.00 ? 9   GLU A CB   1 
ATOM 138  C CG   . GLU A 1 9   ? 0.656   0.107   -13.922 1.00 0.00 ? 9   GLU A CG   1 
ATOM 139  C CD   . GLU A 1 9   ? 1.123   0.649   -15.275 1.00 0.00 ? 9   GLU A CD   1 
ATOM 140  O OE1  . GLU A 1 9   ? 1.946   -0.045  -15.911 1.00 0.00 ? 9   GLU A OE1  1 
ATOM 141  O OE2  . GLU A 1 9   ? 0.645   1.744   -15.644 1.00 0.00 ? 9   GLU A OE2  1 
ATOM 142  H H    . GLU A 1 9   ? -0.112  -3.478  -12.711 1.00 0.00 ? 9   GLU A H    1 
ATOM 143  H HA   . GLU A 1 9   ? -1.084  -0.811  -12.404 1.00 0.00 ? 9   GLU A HA   1 
ATOM 144  H HB2  . GLU A 1 9   ? 1.026   -2.014  -13.796 1.00 0.00 ? 9   GLU A HB2  1 
ATOM 145  H HB3  . GLU A 1 9   ? -0.083  -1.561  -15.074 1.00 0.00 ? 9   GLU A HB3  1 
ATOM 146  H HG2  . GLU A 1 9   ? -0.164  0.718   -13.545 1.00 0.00 ? 9   GLU A HG2  1 
ATOM 147  H HG3  . GLU A 1 9   ? 1.467   0.178   -13.198 1.00 0.00 ? 9   GLU A HG3  1 
ATOM 148  N N    . VAL A 1 10  ? -3.303  -1.071  -13.465 1.00 0.00 ? 10  VAL A N    1 
ATOM 149  C CA   . VAL A 1 10  ? -4.597  -1.119  -14.125 1.00 0.00 ? 10  VAL A CA   1 
ATOM 150  C C    . VAL A 1 10  ? -5.061  0.306   -14.433 1.00 0.00 ? 10  VAL A C    1 
ATOM 151  O O    . VAL A 1 10  ? -5.490  1.030   -13.536 1.00 0.00 ? 10  VAL A O    1 
ATOM 152  C CB   . VAL A 1 10  ? -5.594  -1.901  -13.266 1.00 0.00 ? 10  VAL A CB   1 
ATOM 153  C CG1  . VAL A 1 10  ? -6.886  -2.173  -14.038 1.00 0.00 ? 10  VAL A CG1  1 
ATOM 154  C CG2  . VAL A 1 10  ? -4.975  -3.203  -12.756 1.00 0.00 ? 10  VAL A CG2  1 
ATOM 155  H H    . VAL A 1 10  ? -3.258  -0.469  -12.668 1.00 0.00 ? 10  VAL A H    1 
ATOM 156  H HA   . VAL A 1 10  ? -4.468  -1.657  -15.065 1.00 0.00 ? 10  VAL A HA   1 
ATOM 157  H HB   . VAL A 1 10  ? -5.843  -1.288  -12.401 1.00 0.00 ? 10  VAL A HB   1 
ATOM 158  H HG11 . VAL A 1 10  ? -7.424  -2.996  -13.567 1.00 0.00 ? 10  VAL A HG11 1 
ATOM 159  H HG12 . VAL A 1 10  ? -7.510  -1.279  -14.028 1.00 0.00 ? 10  VAL A HG12 1 
ATOM 160  H HG13 . VAL A 1 10  ? -6.647  -2.438  -15.067 1.00 0.00 ? 10  VAL A HG13 1 
ATOM 161  H HG21 . VAL A 1 10  ? -5.740  -3.799  -12.258 1.00 0.00 ? 10  VAL A HG21 1 
ATOM 162  H HG22 . VAL A 1 10  ? -4.567  -3.765  -13.596 1.00 0.00 ? 10  VAL A HG22 1 
ATOM 163  H HG23 . VAL A 1 10  ? -4.175  -2.975  -12.051 1.00 0.00 ? 10  VAL A HG23 1 
ATOM 164  N N    . GLY A 1 11  ? -4.961  0.664   -15.704 1.00 0.00 ? 11  GLY A N    1 
ATOM 165  C CA   . GLY A 1 11  ? -5.365  1.991   -16.141 1.00 0.00 ? 11  GLY A CA   1 
ATOM 166  C C    . GLY A 1 11  ? -4.659  3.076   -15.327 1.00 0.00 ? 11  GLY A C    1 
ATOM 167  O O    . GLY A 1 11  ? -3.527  2.886   -14.883 1.00 0.00 ? 11  GLY A O    1 
ATOM 168  H H    . GLY A 1 11  ? -4.611  0.070   -16.428 1.00 0.00 ? 11  GLY A H    1 
ATOM 169  H HA2  . GLY A 1 11  ? -5.133  2.115   -17.199 1.00 0.00 ? 11  GLY A HA2  1 
ATOM 170  H HA3  . GLY A 1 11  ? -6.444  2.098   -16.038 1.00 0.00 ? 11  GLY A HA3  1 
ATOM 171  N N    . ASP A 1 12  ? -5.355  4.190   -15.156 1.00 0.00 ? 12  ASP A N    1 
ATOM 172  C CA   . ASP A 1 12  ? -4.808  5.305   -14.402 1.00 0.00 ? 12  ASP A CA   1 
ATOM 173  C C    . ASP A 1 12  ? -4.801  4.955   -12.914 1.00 0.00 ? 12  ASP A C    1 
ATOM 174  O O    . ASP A 1 12  ? -4.538  5.813   -12.072 1.00 0.00 ? 12  ASP A O    1 
ATOM 175  C CB   . ASP A 1 12  ? -5.658  6.564   -14.589 1.00 0.00 ? 12  ASP A CB   1 
ATOM 176  C CG   . ASP A 1 12  ? -4.937  7.739   -15.252 1.00 0.00 ? 12  ASP A CG   1 
ATOM 177  O OD1  . ASP A 1 12  ? -3.704  7.830   -15.061 1.00 0.00 ? 12  ASP A OD1  1 
ATOM 178  O OD2  . ASP A 1 12  ? -5.635  8.520   -15.935 1.00 0.00 ? 12  ASP A OD2  1 
ATOM 179  H H    . ASP A 1 12  ? -6.275  4.336   -15.521 1.00 0.00 ? 12  ASP A H    1 
ATOM 180  H HA   . ASP A 1 12  ? -3.805  5.456   -14.800 1.00 0.00 ? 12  ASP A HA   1 
ATOM 181  H HB2  . ASP A 1 12  ? -6.532  6.309   -15.187 1.00 0.00 ? 12  ASP A HB2  1 
ATOM 182  H HB3  . ASP A 1 12  ? -6.022  6.886   -13.613 1.00 0.00 ? 12  ASP A HB3  1 
ATOM 183  N N    . ASP A 1 13  ? -5.095  3.694   -12.634 1.00 0.00 ? 13  ASP A N    1 
ATOM 184  C CA   . ASP A 1 13  ? -5.126  3.220   -11.260 1.00 0.00 ? 13  ASP A CA   1 
ATOM 185  C C    . ASP A 1 13  ? -4.138  2.063   -11.102 1.00 0.00 ? 13  ASP A C    1 
ATOM 186  O O    . ASP A 1 13  ? -3.687  1.488   -12.091 1.00 0.00 ? 13  ASP A O    1 
ATOM 187  C CB   . ASP A 1 13  ? -6.518  2.708   -10.885 1.00 0.00 ? 13  ASP A CB   1 
ATOM 188  C CG   . ASP A 1 13  ? -7.637  3.748   -10.978 1.00 0.00 ? 13  ASP A CG   1 
ATOM 189  O OD1  . ASP A 1 13  ? -7.321  4.885   -11.388 1.00 0.00 ? 13  ASP A OD1  1 
ATOM 190  O OD2  . ASP A 1 13  ? -8.782  3.381   -10.638 1.00 0.00 ? 13  ASP A OD2  1 
ATOM 191  H H    . ASP A 1 13  ? -5.309  3.003   -13.324 1.00 0.00 ? 13  ASP A H    1 
ATOM 192  H HA   . ASP A 1 13  ? -4.857  4.084   -10.652 1.00 0.00 ? 13  ASP A HA   1 
ATOM 193  H HB2  . ASP A 1 13  ? -6.767  1.869   -11.536 1.00 0.00 ? 13  ASP A HB2  1 
ATOM 194  H HB3  . ASP A 1 13  ? -6.485  2.322   -9.867  1.00 0.00 ? 13  ASP A HB3  1 
ATOM 195  N N    . LEU A 1 14  ? -3.831  1.754   -9.851  1.00 0.00 ? 14  LEU A N    1 
ATOM 196  C CA   . LEU A 1 14  ? -2.905  0.675   -9.551  1.00 0.00 ? 14  LEU A CA   1 
ATOM 197  C C    . LEU A 1 14  ? -3.431  -0.124  -8.357  1.00 0.00 ? 14  LEU A C    1 
ATOM 198  O O    . LEU A 1 14  ? -3.946  0.450   -7.399  1.00 0.00 ? 14  LEU A O    1 
ATOM 199  C CB   . LEU A 1 14  ? -1.492  1.225   -9.349  1.00 0.00 ? 14  LEU A CB   1 
ATOM 200  C CG   . LEU A 1 14  ? -0.693  0.614   -8.195  1.00 0.00 ? 14  LEU A CG   1 
ATOM 201  C CD1  . LEU A 1 14  ? -1.490  0.666   -6.890  1.00 0.00 ? 14  LEU A CD1  1 
ATOM 202  C CD2  . LEU A 1 14  ? -0.240  -0.807  -8.534  1.00 0.00 ? 14  LEU A CD2  1 
ATOM 203  H H    . LEU A 1 14  ? -4.204  2.227   -9.052  1.00 0.00 ? 14  LEU A H    1 
ATOM 204  H HA   . LEU A 1 14  ? -2.875  0.020   -10.420 1.00 0.00 ? 14  LEU A HA   1 
ATOM 205  H HB2  . LEU A 1 14  ? -0.930  1.076   -10.272 1.00 0.00 ? 14  LEU A HB2  1 
ATOM 206  H HB3  . LEU A 1 14  ? -1.560  2.300   -9.187  1.00 0.00 ? 14  LEU A HB3  1 
ATOM 207  H HG   . LEU A 1 14  ? 0.207   1.212   -8.047  1.00 0.00 ? 14  LEU A HG   1 
ATOM 208  H HD11 . LEU A 1 14  ? -1.954  -0.304  -6.708  1.00 0.00 ? 14  LEU A HD11 1 
ATOM 209  H HD12 . LEU A 1 14  ? -0.820  0.907   -6.064  1.00 0.00 ? 14  LEU A HD12 1 
ATOM 210  H HD13 . LEU A 1 14  ? -2.264  1.430   -6.966  1.00 0.00 ? 14  LEU A HD13 1 
ATOM 211  H HD21 . LEU A 1 14  ? -1.054  -1.342  -9.023  1.00 0.00 ? 14  LEU A HD21 1 
ATOM 212  H HD22 . LEU A 1 14  ? 0.620   -0.765  -9.203  1.00 0.00 ? 14  LEU A HD22 1 
ATOM 213  H HD23 . LEU A 1 14  ? 0.038   -1.329  -7.617  1.00 0.00 ? 14  LEU A HD23 1 
ATOM 214  N N    . LEU A 1 15  ? -3.282  -1.438  -8.455  1.00 0.00 ? 15  LEU A N    1 
ATOM 215  C CA   . LEU A 1 15  ? -3.735  -2.323  -7.395  1.00 0.00 ? 15  LEU A CA   1 
ATOM 216  C C    . LEU A 1 15  ? -2.522  -2.952  -6.709  1.00 0.00 ? 15  LEU A C    1 
ATOM 217  O O    . LEU A 1 15  ? -1.596  -3.412  -7.376  1.00 0.00 ? 15  LEU A O    1 
ATOM 218  C CB   . LEU A 1 15  ? -4.732  -3.346  -7.942  1.00 0.00 ? 15  LEU A CB   1 
ATOM 219  C CG   . LEU A 1 15  ? -6.196  -2.901  -7.981  1.00 0.00 ? 15  LEU A CG   1 
ATOM 220  C CD1  . LEU A 1 15  ? -6.833  -3.235  -9.331  1.00 0.00 ? 15  LEU A CD1  1 
ATOM 221  C CD2  . LEU A 1 15  ? -6.982  -3.499  -6.813  1.00 0.00 ? 15  LEU A CD2  1 
ATOM 222  H H    . LEU A 1 15  ? -2.862  -1.896  -9.237  1.00 0.00 ? 15  LEU A H    1 
ATOM 223  H HA   . LEU A 1 15  ? -4.267  -1.712  -6.665  1.00 0.00 ? 15  LEU A HA   1 
ATOM 224  H HB2  . LEU A 1 15  ? -4.427  -3.616  -8.953  1.00 0.00 ? 15  LEU A HB2  1 
ATOM 225  H HB3  . LEU A 1 15  ? -4.664  -4.249  -7.336  1.00 0.00 ? 15  LEU A HB3  1 
ATOM 226  H HG   . LEU A 1 15  ? -6.227  -1.818  -7.869  1.00 0.00 ? 15  LEU A HG   1 
ATOM 227  H HD11 . LEU A 1 15  ? -7.587  -2.485  -9.572  1.00 0.00 ? 15  LEU A HD11 1 
ATOM 228  H HD12 . LEU A 1 15  ? -6.066  -3.240  -10.105 1.00 0.00 ? 15  LEU A HD12 1 
ATOM 229  H HD13 . LEU A 1 15  ? -7.303  -4.217  -9.279  1.00 0.00 ? 15  LEU A HD13 1 
ATOM 230  H HD21 . LEU A 1 15  ? -6.939  -4.587  -6.864  1.00 0.00 ? 15  LEU A HD21 1 
ATOM 231  H HD22 . LEU A 1 15  ? -6.547  -3.162  -5.871  1.00 0.00 ? 15  LEU A HD22 1 
ATOM 232  H HD23 . LEU A 1 15  ? -8.021  -3.174  -6.869  1.00 0.00 ? 15  LEU A HD23 1 
ATOM 233  N N    . VAL A 1 16  ? -2.565  -2.953  -5.384  1.00 0.00 ? 16  VAL A N    1 
ATOM 234  C CA   . VAL A 1 16  ? -1.480  -3.518  -4.601  1.00 0.00 ? 16  VAL A CA   1 
ATOM 235  C C    . VAL A 1 16  ? -2.061  -4.437  -3.523  1.00 0.00 ? 16  VAL A C    1 
ATOM 236  O O    . VAL A 1 16  ? -3.124  -4.159  -2.972  1.00 0.00 ? 16  VAL A O    1 
ATOM 237  C CB   . VAL A 1 16  ? -0.611  -2.399  -4.025  1.00 0.00 ? 16  VAL A CB   1 
ATOM 238  C CG1  . VAL A 1 16  ? 0.871   -2.778  -4.070  1.00 0.00 ? 16  VAL A CG1  1 
ATOM 239  C CG2  . VAL A 1 16  ? -0.862  -1.080  -4.758  1.00 0.00 ? 16  VAL A CG2  1 
ATOM 240  H H    . VAL A 1 16  ? -3.321  -2.577  -4.850  1.00 0.00 ? 16  VAL A H    1 
ATOM 241  H HA   . VAL A 1 16  ? -0.863  -4.114  -5.274  1.00 0.00 ? 16  VAL A HA   1 
ATOM 242  H HB   . VAL A 1 16  ? -0.890  -2.260  -2.981  1.00 0.00 ? 16  VAL A HB   1 
ATOM 243  H HG11 . VAL A 1 16  ? 1.038   -3.496  -4.873  1.00 0.00 ? 16  VAL A HG11 1 
ATOM 244  H HG12 . VAL A 1 16  ? 1.469   -1.884  -4.251  1.00 0.00 ? 16  VAL A HG12 1 
ATOM 245  H HG13 . VAL A 1 16  ? 1.161   -3.223  -3.119  1.00 0.00 ? 16  VAL A HG13 1 
ATOM 246  H HG21 . VAL A 1 16  ? -0.392  -0.264  -4.208  1.00 0.00 ? 16  VAL A HG21 1 
ATOM 247  H HG22 . VAL A 1 16  ? -0.436  -1.133  -5.760  1.00 0.00 ? 16  VAL A HG22 1 
ATOM 248  H HG23 . VAL A 1 16  ? -1.934  -0.901  -4.827  1.00 0.00 ? 16  VAL A HG23 1 
ATOM 249  N N    . ASN A 1 17  ? -1.336  -5.515  -3.256  1.00 0.00 ? 17  ASN A N    1 
ATOM 250  C CA   . ASN A 1 17  ? -1.766  -6.475  -2.255  1.00 0.00 ? 17  ASN A CA   1 
ATOM 251  C C    . ASN A 1 17  ? -1.041  -6.193  -0.938  1.00 0.00 ? 17  ASN A C    1 
ATOM 252  O O    . ASN A 1 17  ? 0.173   -6.367  -0.843  1.00 0.00 ? 17  ASN A O    1 
ATOM 253  C CB   . ASN A 1 17  ? -1.427  -7.905  -2.683  1.00 0.00 ? 17  ASN A CB   1 
ATOM 254  C CG   . ASN A 1 17  ? -2.683  -8.657  -3.129  1.00 0.00 ? 17  ASN A CG   1 
ATOM 255  O OD1  . ASN A 1 17  ? -3.345  -9.326  -2.352  1.00 0.00 ? 17  ASN A OD1  1 
ATOM 256  N ND2  . ASN A 1 17  ? -2.974  -8.508  -4.418  1.00 0.00 ? 17  ASN A ND2  1 
ATOM 257  H H    . ASN A 1 17  ? -0.472  -5.734  -3.709  1.00 0.00 ? 17  ASN A H    1 
ATOM 258  H HA   . ASN A 1 17  ? -2.844  -6.343  -2.174  1.00 0.00 ? 17  ASN A HA   1 
ATOM 259  H HB2  . ASN A 1 17  ? -0.704  -7.883  -3.498  1.00 0.00 ? 17  ASN A HB2  1 
ATOM 260  H HB3  . ASN A 1 17  ? -0.957  -8.435  -1.855  1.00 0.00 ? 17  ASN A HB3  1 
ATOM 261  H HD21 . ASN A 1 17  ? -2.388  -7.943  -5.000  1.00 0.00 ? 17  ASN A HD21 1 
ATOM 262  H HD22 . ASN A 1 17  ? -3.777  -8.960  -4.805  1.00 0.00 ? 17  ASN A HD22 1 
ATOM 263  N N    . ILE A 1 18  ? -1.815  -5.760  0.046   1.00 0.00 ? 18  ILE A N    1 
ATOM 264  C CA   . ILE A 1 18  ? -1.263  -5.450  1.353   1.00 0.00 ? 18  ILE A CA   1 
ATOM 265  C C    . ILE A 1 18  ? -2.383  -5.476  2.395   1.00 0.00 ? 18  ILE A C    1 
ATOM 266  O O    . ILE A 1 18  ? -3.520  -5.824  2.081   1.00 0.00 ? 18  ILE A O    1 
ATOM 267  C CB   . ILE A 1 18  ? -0.493  -4.129  1.310   1.00 0.00 ? 18  ILE A CB   1 
ATOM 268  C CG1  . ILE A 1 18  ? -1.451  -2.938  1.224   1.00 0.00 ? 18  ILE A CG1  1 
ATOM 269  C CG2  . ILE A 1 18  ? 0.528   -4.125  0.172   1.00 0.00 ? 18  ILE A CG2  1 
ATOM 270  C CD1  . ILE A 1 18  ? -1.158  -1.918  2.326   1.00 0.00 ? 18  ILE A CD1  1 
ATOM 271  H H    . ILE A 1 18  ? -2.803  -5.620  -0.040  1.00 0.00 ? 18  ILE A H    1 
ATOM 272  H HA   . ILE A 1 18  ? -0.546  -6.233  1.599   1.00 0.00 ? 18  ILE A HA   1 
ATOM 273  H HB   . ILE A 1 18  ? 0.063   -4.028  2.243   1.00 0.00 ? 18  ILE A HB   1 
ATOM 274  H HG12 . ILE A 1 18  ? -1.359  -2.463  0.248   1.00 0.00 ? 18  ILE A HG12 1 
ATOM 275  H HG13 . ILE A 1 18  ? -2.480  -3.288  1.313   1.00 0.00 ? 18  ILE A HG13 1 
ATOM 276  H HG21 . ILE A 1 18  ? 1.176   -4.998  0.262   1.00 0.00 ? 18  ILE A HG21 1 
ATOM 277  H HG22 . ILE A 1 18  ? 0.007   -4.157  -0.785  1.00 0.00 ? 18  ILE A HG22 1 
ATOM 278  H HG23 . ILE A 1 18  ? 1.131   -3.219  0.226   1.00 0.00 ? 18  ILE A HG23 1 
ATOM 279  H HD11 . ILE A 1 18  ? -0.536  -1.118  1.923   1.00 0.00 ? 18  ILE A HD11 1 
ATOM 280  H HD12 . ILE A 1 18  ? -2.095  -1.500  2.692   1.00 0.00 ? 18  ILE A HD12 1 
ATOM 281  H HD13 . ILE A 1 18  ? -0.633  -2.408  3.146   1.00 0.00 ? 18  ILE A HD13 1 
ATOM 282  N N    . GLU A 1 19  ? -2.023  -5.103  3.614   1.00 0.00 ? 19  GLU A N    1 
ATOM 283  C CA   . GLU A 1 19  ? -2.983  -5.079  4.704   1.00 0.00 ? 19  GLU A CA   1 
ATOM 284  C C    . GLU A 1 19  ? -3.677  -3.718  4.770   1.00 0.00 ? 19  GLU A C    1 
ATOM 285  O O    . GLU A 1 19  ? -3.197  -2.743  4.195   1.00 0.00 ? 19  GLU A O    1 
ATOM 286  C CB   . GLU A 1 19  ? -2.310  -5.416  6.036   1.00 0.00 ? 19  GLU A CB   1 
ATOM 287  C CG   . GLU A 1 19  ? -2.400  -4.239  7.010   1.00 0.00 ? 19  GLU A CG   1 
ATOM 288  C CD   . GLU A 1 19  ? -1.556  -4.495  8.260   1.00 0.00 ? 19  GLU A CD   1 
ATOM 289  O OE1  . GLU A 1 19  ? -0.314  -4.456  8.124   1.00 0.00 ? 19  GLU A OE1  1 
ATOM 290  O OE2  . GLU A 1 19  ? -2.171  -4.724  9.323   1.00 0.00 ? 19  GLU A OE2  1 
ATOM 291  H H    . GLU A 1 19  ? -1.096  -4.821  3.862   1.00 0.00 ? 19  GLU A H    1 
ATOM 292  H HA   . GLU A 1 19  ? -3.711  -5.854  4.466   1.00 0.00 ? 19  GLU A HA   1 
ATOM 293  H HB2  . GLU A 1 19  ? -2.783  -6.293  6.476   1.00 0.00 ? 19  GLU A HB2  1 
ATOM 294  H HB3  . GLU A 1 19  ? -1.263  -5.671  5.865   1.00 0.00 ? 19  GLU A HB3  1 
ATOM 295  H HG2  . GLU A 1 19  ? -2.060  -3.328  6.517   1.00 0.00 ? 19  GLU A HG2  1 
ATOM 296  H HG3  . GLU A 1 19  ? -3.439  -4.078  7.295   1.00 0.00 ? 19  GLU A HG3  1 
ATOM 297  N N    . VAL A 1 20  ? -4.798  -3.694  5.478   1.00 0.00 ? 20  VAL A N    1 
ATOM 298  C CA   . VAL A 1 20  ? -5.564  -2.467  5.625   1.00 0.00 ? 20  VAL A CA   1 
ATOM 299  C C    . VAL A 1 20  ? -4.759  -1.466  6.458   1.00 0.00 ? 20  VAL A C    1 
ATOM 300  O O    . VAL A 1 20  ? -4.874  -1.437  7.681   1.00 0.00 ? 20  VAL A O    1 
ATOM 301  C CB   . VAL A 1 20  ? -6.936  -2.777  6.226   1.00 0.00 ? 20  VAL A CB   1 
ATOM 302  C CG1  . VAL A 1 20  ? -6.798  -3.505  7.564   1.00 0.00 ? 20  VAL A CG1  1 
ATOM 303  C CG2  . VAL A 1 20  ? -7.768  -1.503  6.379   1.00 0.00 ? 20  VAL A CG2  1 
ATOM 304  H H    . VAL A 1 20  ? -5.182  -4.491  5.942   1.00 0.00 ? 20  VAL A H    1 
ATOM 305  H HA   . VAL A 1 20  ? -5.717  -2.053  4.629   1.00 0.00 ? 20  VAL A HA   1 
ATOM 306  H HB   . VAL A 1 20  ? -7.461  -3.439  5.538   1.00 0.00 ? 20  VAL A HB   1 
ATOM 307  H HG11 . VAL A 1 20  ? -7.264  -4.487  7.494   1.00 0.00 ? 20  VAL A HG11 1 
ATOM 308  H HG12 . VAL A 1 20  ? -5.741  -3.621  7.807   1.00 0.00 ? 20  VAL A HG12 1 
ATOM 309  H HG13 . VAL A 1 20  ? -7.288  -2.925  8.347   1.00 0.00 ? 20  VAL A HG13 1 
ATOM 310  H HG21 . VAL A 1 20  ? -7.106  -0.657  6.571   1.00 0.00 ? 20  VAL A HG21 1 
ATOM 311  H HG22 . VAL A 1 20  ? -8.329  -1.323  5.462   1.00 0.00 ? 20  VAL A HG22 1 
ATOM 312  H HG23 . VAL A 1 20  ? -8.461  -1.617  7.213   1.00 0.00 ? 20  VAL A HG23 1 
ATOM 313  N N    . SER A 1 21  ? -3.962  -0.672  5.760   1.00 0.00 ? 21  SER A N    1 
ATOM 314  C CA   . SER A 1 21  ? -3.138  0.328   6.418   1.00 0.00 ? 21  SER A CA   1 
ATOM 315  C C    . SER A 1 21  ? -2.370  1.144   5.376   1.00 0.00 ? 21  SER A C    1 
ATOM 316  O O    . SER A 1 21  ? -1.769  0.580   4.462   1.00 0.00 ? 21  SER A O    1 
ATOM 317  C CB   . SER A 1 21  ? -2.166  -0.323  7.405   1.00 0.00 ? 21  SER A CB   1 
ATOM 318  O OG   . SER A 1 21  ? -1.316  -1.273  6.769   1.00 0.00 ? 21  SER A OG   1 
ATOM 319  H H    . SER A 1 21  ? -3.873  -0.702  4.764   1.00 0.00 ? 21  SER A H    1 
ATOM 320  H HA   . SER A 1 21  ? -3.836  0.964   6.962   1.00 0.00 ? 21  SER A HA   1 
ATOM 321  H HB2  . SER A 1 21  ? -1.558  0.449   7.876   1.00 0.00 ? 21  SER A HB2  1 
ATOM 322  H HB3  . SER A 1 21  ? -2.730  -0.813  8.199   1.00 0.00 ? 21  SER A HB3  1 
ATOM 323  H HG   . SER A 1 21  ? -1.569  -1.367  5.806   1.00 0.00 ? 21  SER A HG   1 
ATOM 324  N N    . PRO A 1 22  ? -2.416  2.490   5.552   1.00 0.00 ? 22  PRO A N    1 
ATOM 325  C CA   . PRO A 1 22  ? -1.732  3.389   4.637   1.00 0.00 ? 22  PRO A CA   1 
ATOM 326  C C    . PRO A 1 22  ? -0.221  3.374   4.881   1.00 0.00 ? 22  PRO A C    1 
ATOM 327  O O    . PRO A 1 22  ? 0.492   2.536   4.331   1.00 0.00 ? 22  PRO A O    1 
ATOM 328  C CB   . PRO A 1 22  ? -2.359  4.751   4.881   1.00 0.00 ? 22  PRO A CB   1 
ATOM 329  C CG   . PRO A 1 22  ? -3.038  4.661   6.238   1.00 0.00 ? 22  PRO A CG   1 
ATOM 330  C CD   . PRO A 1 22  ? -3.118  3.193   6.622   1.00 0.00 ? 22  PRO A CD   1 
ATOM 331  H HA   . PRO A 1 22  ? -1.859  3.086   3.693   1.00 0.00 ? 22  PRO A HA   1 
ATOM 332  H HB2  . PRO A 1 22  ? -1.603  5.537   4.874   1.00 0.00 ? 22  PRO A HB2  1 
ATOM 333  H HB3  . PRO A 1 22  ? -3.078  4.995   4.100   1.00 0.00 ? 22  PRO A HB3  1 
ATOM 334  H HG2  . PRO A 1 22  ? -2.475  5.221   6.984   1.00 0.00 ? 22  PRO A HG2  1 
ATOM 335  H HG3  . PRO A 1 22  ? -4.035  5.100   6.195   1.00 0.00 ? 22  PRO A HG3  1 
ATOM 336  H HD2  . PRO A 1 22  ? -2.649  3.011   7.589   1.00 0.00 ? 22  PRO A HD2  1 
ATOM 337  H HD3  . PRO A 1 22  ? -4.153  2.860   6.701   1.00 0.00 ? 22  PRO A HD3  1 
ATOM 338  N N    . ALA A 1 23  ? 0.222   4.311   5.706   1.00 0.00 ? 23  ALA A N    1 
ATOM 339  C CA   . ALA A 1 23  ? 1.634   4.416   6.030   1.00 0.00 ? 23  ALA A CA   1 
ATOM 340  C C    . ALA A 1 23  ? 1.860   5.640   6.920   1.00 0.00 ? 23  ALA A C    1 
ATOM 341  O O    . ALA A 1 23  ? 1.563   6.765   6.520   1.00 0.00 ? 23  ALA A O    1 
ATOM 342  C CB   . ALA A 1 23  ? 2.452   4.475   4.738   1.00 0.00 ? 23  ALA A CB   1 
ATOM 343  H H    . ALA A 1 23  ? -0.365  4.989   6.150   1.00 0.00 ? 23  ALA A H    1 
ATOM 344  H HA   . ALA A 1 23  ? 1.916   3.519   6.583   1.00 0.00 ? 23  ALA A HA   1 
ATOM 345  H HB1  . ALA A 1 23  ? 1.783   4.638   3.893   1.00 0.00 ? 23  ALA A HB1  1 
ATOM 346  H HB2  . ALA A 1 23  ? 3.168   5.295   4.799   1.00 0.00 ? 23  ALA A HB2  1 
ATOM 347  H HB3  . ALA A 1 23  ? 2.985   3.535   4.602   1.00 0.00 ? 23  ALA A HB3  1 
ATOM 348  N N    . SER A 1 24  ? 2.382   5.380   8.109   1.00 0.00 ? 24  SER A N    1 
ATOM 349  C CA   . SER A 1 24  ? 2.651   6.446   9.059   1.00 0.00 ? 24  SER A CA   1 
ATOM 350  C C    . SER A 1 24  ? 3.890   7.233   8.625   1.00 0.00 ? 24  SER A C    1 
ATOM 351  O O    . SER A 1 24  ? 4.401   7.036   7.524   1.00 0.00 ? 24  SER A O    1 
ATOM 352  C CB   . SER A 1 24  ? 2.843   5.891   10.471  1.00 0.00 ? 24  SER A CB   1 
ATOM 353  O OG   . SER A 1 24  ? 4.003   6.425   11.102  1.00 0.00 ? 24  SER A OG   1 
ATOM 354  H H    . SER A 1 24  ? 2.620   4.462   8.426   1.00 0.00 ? 24  SER A H    1 
ATOM 355  H HA   . SER A 1 24  ? 1.766   7.083   9.036   1.00 0.00 ? 24  SER A HA   1 
ATOM 356  H HB2  . SER A 1 24  ? 1.964   6.123   11.074  1.00 0.00 ? 24  SER A HB2  1 
ATOM 357  H HB3  . SER A 1 24  ? 2.921   4.805   10.427  1.00 0.00 ? 24  SER A HB3  1 
ATOM 358  H HG   . SER A 1 24  ? 3.742   6.959   11.906  1.00 0.00 ? 24  SER A HG   1 
ATOM 359  N N    . GLY A 1 25  ? 4.336   8.109   9.513   1.00 0.00 ? 25  GLY A N    1 
ATOM 360  C CA   . GLY A 1 25  ? 5.505   8.926   9.237   1.00 0.00 ? 25  GLY A CA   1 
ATOM 361  C C    . GLY A 1 25  ? 6.376   8.288   8.152   1.00 0.00 ? 25  GLY A C    1 
ATOM 362  O O    . GLY A 1 25  ? 6.962   7.228   8.367   1.00 0.00 ? 25  GLY A O    1 
ATOM 363  H H    . GLY A 1 25  ? 3.915   8.263   10.407  1.00 0.00 ? 25  GLY A H    1 
ATOM 364  H HA2  . GLY A 1 25  ? 5.191   9.920   8.917   1.00 0.00 ? 25  GLY A HA2  1 
ATOM 365  H HA3  . GLY A 1 25  ? 6.088   9.054   10.149  1.00 0.00 ? 25  GLY A HA3  1 
ATOM 366  N N    . LYS A 1 26  ? 6.433   8.961   7.012   1.00 0.00 ? 26  LYS A N    1 
ATOM 367  C CA   . LYS A 1 26  ? 7.222   8.472   5.894   1.00 0.00 ? 26  LYS A CA   1 
ATOM 368  C C    . LYS A 1 26  ? 6.560   7.220   5.316   1.00 0.00 ? 26  LYS A C    1 
ATOM 369  O O    . LYS A 1 26  ? 6.620   6.148   5.916   1.00 0.00 ? 26  LYS A O    1 
ATOM 370  C CB   . LYS A 1 26  ? 8.677   8.258   6.318   1.00 0.00 ? 26  LYS A CB   1 
ATOM 371  C CG   . LYS A 1 26  ? 9.480   9.555   6.193   1.00 0.00 ? 26  LYS A CG   1 
ATOM 372  C CD   . LYS A 1 26  ? 10.633  9.583   7.199   1.00 0.00 ? 26  LYS A CD   1 
ATOM 373  C CE   . LYS A 1 26  ? 11.867  10.259  6.599   1.00 0.00 ? 26  LYS A CE   1 
ATOM 374  N NZ   . LYS A 1 26  ? 12.651  10.938  7.655   1.00 0.00 ? 26  LYS A NZ   1 
ATOM 375  H H    . LYS A 1 26  ? 5.953   9.822   6.846   1.00 0.00 ? 26  LYS A H    1 
ATOM 376  H HA   . LYS A 1 26  ? 7.220   9.248   5.129   1.00 0.00 ? 26  LYS A HA   1 
ATOM 377  H HB2  . LYS A 1 26  ? 8.711   7.903   7.348   1.00 0.00 ? 26  LYS A HB2  1 
ATOM 378  H HB3  . LYS A 1 26  ? 9.129   7.484   5.699   1.00 0.00 ? 26  LYS A HB3  1 
ATOM 379  H HG2  . LYS A 1 26  ? 9.873   9.646   5.181   1.00 0.00 ? 26  LYS A HG2  1 
ATOM 380  H HG3  . LYS A 1 26  ? 8.825   10.410  6.360   1.00 0.00 ? 26  LYS A HG3  1 
ATOM 381  H HD2  . LYS A 1 26  ? 10.322  10.117  8.098   1.00 0.00 ? 26  LYS A HD2  1 
ATOM 382  H HD3  . LYS A 1 26  ? 10.882  8.567   7.502   1.00 0.00 ? 26  LYS A HD3  1 
ATOM 383  H HE2  . LYS A 1 26  ? 12.488  9.518   6.097   1.00 0.00 ? 26  LYS A HE2  1 
ATOM 384  H HE3  . LYS A 1 26  ? 11.561  10.984  5.843   1.00 0.00 ? 26  LYS A HE3  1 
ATOM 385  H HZ1  . LYS A 1 26  ? 13.560  10.524  7.712   1.00 0.00 ? 26  LYS A HZ1  1 
ATOM 386  H HZ2  . LYS A 1 26  ? 12.740  11.909  7.432   1.00 0.00 ? 26  LYS A HZ2  1 
ATOM 387  H HZ3  . LYS A 1 26  ? 12.184  10.839  8.533   1.00 0.00 ? 26  LYS A HZ3  1 
ATOM 388  N N    . PHE A 1 27  ? 5.943   7.397   4.157   1.00 0.00 ? 27  PHE A N    1 
ATOM 389  C CA   . PHE A 1 27  ? 5.270   6.295   3.491   1.00 0.00 ? 27  PHE A CA   1 
ATOM 390  C C    . PHE A 1 27  ? 6.068   4.997   3.637   1.00 0.00 ? 27  PHE A C    1 
ATOM 391  O O    . PHE A 1 27  ? 7.087   4.813   2.974   1.00 0.00 ? 27  PHE A O    1 
ATOM 392  C CB   . PHE A 1 27  ? 5.176   6.658   2.008   1.00 0.00 ? 27  PHE A CB   1 
ATOM 393  C CG   . PHE A 1 27  ? 4.943   5.459   1.087   1.00 0.00 ? 27  PHE A CG   1 
ATOM 394  C CD1  . PHE A 1 27  ? 3.770   4.773   1.148   1.00 0.00 ? 27  PHE A CD1  1 
ATOM 395  C CD2  . PHE A 1 27  ? 5.908   5.079   0.208   1.00 0.00 ? 27  PHE A CD2  1 
ATOM 396  C CE1  . PHE A 1 27  ? 3.554   3.660   0.293   1.00 0.00 ? 27  PHE A CE1  1 
ATOM 397  C CE2  . PHE A 1 27  ? 5.693   3.966   -0.648  1.00 0.00 ? 27  PHE A CE2  1 
ATOM 398  C CZ   . PHE A 1 27  ? 4.520   3.280   -0.587  1.00 0.00 ? 27  PHE A CZ   1 
ATOM 399  H H    . PHE A 1 27  ? 5.898   8.272   3.675   1.00 0.00 ? 27  PHE A H    1 
ATOM 400  H HA   . PHE A 1 27  ? 4.296   6.176   3.967   1.00 0.00 ? 27  PHE A HA   1 
ATOM 401  H HB2  . PHE A 1 27  ? 4.365   7.372   1.869   1.00 0.00 ? 27  PHE A HB2  1 
ATOM 402  H HB3  . PHE A 1 27  ? 6.097   7.159   1.708   1.00 0.00 ? 27  PHE A HB3  1 
ATOM 403  H HD1  . PHE A 1 27  ? 2.997   5.078   1.852   1.00 0.00 ? 27  PHE A HD1  1 
ATOM 404  H HD2  . PHE A 1 27  ? 6.849   5.628   0.158   1.00 0.00 ? 27  PHE A HD2  1 
ATOM 405  H HE1  . PHE A 1 27  ? 2.614   3.110   0.341   1.00 0.00 ? 27  PHE A HE1  1 
ATOM 406  H HE2  . PHE A 1 27  ? 6.466   3.661   -1.352  1.00 0.00 ? 27  PHE A HE2  1 
ATOM 407  H HZ   . PHE A 1 27  ? 4.353   2.426   -1.243  1.00 0.00 ? 27  PHE A HZ   1 
ATOM 408  N N    . GLY A 1 28  ? 5.573   4.131   4.509   1.00 0.00 ? 28  GLY A N    1 
ATOM 409  C CA   . GLY A 1 28  ? 6.227   2.856   4.750   1.00 0.00 ? 28  GLY A CA   1 
ATOM 410  C C    . GLY A 1 28  ? 5.376   1.696   4.228   1.00 0.00 ? 28  GLY A C    1 
ATOM 411  O O    . GLY A 1 28  ? 4.502   1.196   4.933   1.00 0.00 ? 28  GLY A O    1 
ATOM 412  H H    . GLY A 1 28  ? 4.744   4.289   5.045   1.00 0.00 ? 28  GLY A H    1 
ATOM 413  H HA2  . GLY A 1 28  ? 7.202   2.845   4.263   1.00 0.00 ? 28  GLY A HA2  1 
ATOM 414  H HA3  . GLY A 1 28  ? 6.403   2.730   5.818   1.00 0.00 ? 28  GLY A HA3  1 
ATOM 415  N N    . ILE A 1 29  ? 5.664   1.302   2.996   1.00 0.00 ? 29  ILE A N    1 
ATOM 416  C CA   . ILE A 1 29  ? 4.936   0.211   2.370   1.00 0.00 ? 29  ILE A CA   1 
ATOM 417  C C    . ILE A 1 29  ? 5.876   -0.552  1.435   1.00 0.00 ? 29  ILE A C    1 
ATOM 418  O O    . ILE A 1 29  ? 6.076   -0.152  0.288   1.00 0.00 ? 29  ILE A O    1 
ATOM 419  C CB   . ILE A 1 29  ? 3.673   0.733   1.682   1.00 0.00 ? 29  ILE A CB   1 
ATOM 420  C CG1  . ILE A 1 29  ? 2.859   1.618   2.628   1.00 0.00 ? 29  ILE A CG1  1 
ATOM 421  C CG2  . ILE A 1 29  ? 2.841   -0.418  1.116   1.00 0.00 ? 29  ILE A CG2  1 
ATOM 422  C CD1  . ILE A 1 29  ? 1.472   1.908   2.052   1.00 0.00 ? 29  ILE A CD1  1 
ATOM 423  H H    . ILE A 1 29  ? 6.376   1.714   2.429   1.00 0.00 ? 29  ILE A H    1 
ATOM 424  H HA   . ILE A 1 29  ? 4.615   -0.464  3.163   1.00 0.00 ? 29  ILE A HA   1 
ATOM 425  H HB   . ILE A 1 29  ? 3.977   1.356   0.840   1.00 0.00 ? 29  ILE A HB   1 
ATOM 426  H HG12 . ILE A 1 29  ? 2.759   1.126   3.596   1.00 0.00 ? 29  ILE A HG12 1 
ATOM 427  H HG13 . ILE A 1 29  ? 3.388   2.556   2.800   1.00 0.00 ? 29  ILE A HG13 1 
ATOM 428  H HG21 . ILE A 1 29  ? 3.426   -1.337  1.144   1.00 0.00 ? 29  ILE A HG21 1 
ATOM 429  H HG22 . ILE A 1 29  ? 1.939   -0.544  1.715   1.00 0.00 ? 29  ILE A HG22 1 
ATOM 430  H HG23 . ILE A 1 29  ? 2.564   -0.195  0.086   1.00 0.00 ? 29  ILE A HG23 1 
ATOM 431  H HD11 . ILE A 1 29  ? 1.232   2.961   2.192   1.00 0.00 ? 29  ILE A HD11 1 
ATOM 432  H HD12 . ILE A 1 29  ? 1.464   1.672   0.987   1.00 0.00 ? 29  ILE A HD12 1 
ATOM 433  H HD13 . ILE A 1 29  ? 0.731   1.294   2.563   1.00 0.00 ? 29  ILE A HD13 1 
ATOM 434  N N    . PRO A 1 30  ? 6.443   -1.666  1.972   1.00 0.00 ? 30  PRO A N    1 
ATOM 435  C CA   . PRO A 1 30  ? 7.356   -2.488  1.198   1.00 0.00 ? 30  PRO A CA   1 
ATOM 436  C C    . PRO A 1 30  ? 6.598   -3.329  0.168   1.00 0.00 ? 30  PRO A C    1 
ATOM 437  O O    . PRO A 1 30  ? 5.391   -3.170  -0.001  1.00 0.00 ? 30  PRO A O    1 
ATOM 438  C CB   . PRO A 1 30  ? 8.094   -3.331  2.225   1.00 0.00 ? 30  PRO A CB   1 
ATOM 439  C CG   . PRO A 1 30  ? 7.246   -3.287  3.486   1.00 0.00 ? 30  PRO A CG   1 
ATOM 440  C CD   . PRO A 1 30  ? 6.230   -2.169  3.326   1.00 0.00 ? 30  PRO A CD   1 
ATOM 441  H HA   . PRO A 1 30  ? 7.982   -1.912  0.672   1.00 0.00 ? 30  PRO A HA   1 
ATOM 442  H HB2  . PRO A 1 30  ? 8.218   -4.356  1.873   1.00 0.00 ? 30  PRO A HB2  1 
ATOM 443  H HB3  . PRO A 1 30  ? 9.092   -2.935  2.411   1.00 0.00 ? 30  PRO A HB3  1 
ATOM 444  H HG2  . PRO A 1 30  ? 6.742   -4.241  3.641   1.00 0.00 ? 30  PRO A HG2  1 
ATOM 445  H HG3  . PRO A 1 30  ? 7.872   -3.112  4.360   1.00 0.00 ? 30  PRO A HG3  1 
ATOM 446  H HD2  . PRO A 1 30  ? 5.211   -2.538  3.456   1.00 0.00 ? 30  PRO A HD2  1 
ATOM 447  H HD3  . PRO A 1 30  ? 6.382   -1.386  4.068   1.00 0.00 ? 30  PRO A HD3  1 
ATOM 448  N N    . SER A 1 31  ? 7.340   -4.204  -0.495  1.00 0.00 ? 31  SER A N    1 
ATOM 449  C CA   . SER A 1 31  ? 6.753   -5.070  -1.504  1.00 0.00 ? 31  SER A CA   1 
ATOM 450  C C    . SER A 1 31  ? 6.035   -6.243  -0.834  1.00 0.00 ? 31  SER A C    1 
ATOM 451  O O    . SER A 1 31  ? 6.379   -6.630  0.282   1.00 0.00 ? 31  SER A O    1 
ATOM 452  C CB   . SER A 1 31  ? 7.818   -5.585  -2.476  1.00 0.00 ? 31  SER A CB   1 
ATOM 453  O OG   . SER A 1 31  ? 8.468   -6.754  -1.985  1.00 0.00 ? 31  SER A OG   1 
ATOM 454  H H    . SER A 1 31  ? 8.322   -4.327  -0.352  1.00 0.00 ? 31  SER A H    1 
ATOM 455  H HA   . SER A 1 31  ? 6.042   -4.444  -2.043  1.00 0.00 ? 31  SER A HA   1 
ATOM 456  H HB2  . SER A 1 31  ? 7.354   -5.804  -3.437  1.00 0.00 ? 31  SER A HB2  1 
ATOM 457  H HB3  . SER A 1 31  ? 8.558   -4.803  -2.648  1.00 0.00 ? 31  SER A HB3  1 
ATOM 458  H HG   . SER A 1 31  ? 8.863   -6.573  -1.084  1.00 0.00 ? 31  SER A HG   1 
ATOM 459  N N    . TYR A 1 32  ? 5.051   -6.777  -1.543  1.00 0.00 ? 32  TYR A N    1 
ATOM 460  C CA   . TYR A 1 32  ? 4.282   -7.898  -1.031  1.00 0.00 ? 32  TYR A CA   1 
ATOM 461  C C    . TYR A 1 32  ? 4.612   -9.183  -1.791  1.00 0.00 ? 32  TYR A C    1 
ATOM 462  O O    . TYR A 1 32  ? 5.085   -9.132  -2.926  1.00 0.00 ? 32  TYR A O    1 
ATOM 463  C CB   . TYR A 1 32  ? 2.812   -7.544  -1.265  1.00 0.00 ? 32  TYR A CB   1 
ATOM 464  C CG   . TYR A 1 32  ? 1.939   -8.738  -1.654  1.00 0.00 ? 32  TYR A CG   1 
ATOM 465  C CD1  . TYR A 1 32  ? 2.184   -9.418  -2.829  1.00 0.00 ? 32  TYR A CD1  1 
ATOM 466  C CD2  . TYR A 1 32  ? 0.905   -9.134  -0.830  1.00 0.00 ? 32  TYR A CD2  1 
ATOM 467  C CE1  . TYR A 1 32  ? 1.362   -10.543 -3.195  1.00 0.00 ? 32  TYR A CE1  1 
ATOM 468  C CE2  . TYR A 1 32  ? 0.083   -10.258 -1.196  1.00 0.00 ? 32  TYR A CE2  1 
ATOM 469  C CZ   . TYR A 1 32  ? 0.352   -10.907 -2.361  1.00 0.00 ? 32  TYR A CZ   1 
ATOM 470  O OH   . TYR A 1 32  ? -0.424  -11.968 -2.707  1.00 0.00 ? 32  TYR A OH   1 
ATOM 471  H H    . TYR A 1 32  ? 4.778   -6.456  -2.450  1.00 0.00 ? 32  TYR A H    1 
ATOM 472  H HA   . TYR A 1 32  ? 4.539   -8.030  0.021   1.00 0.00 ? 32  TYR A HA   1 
ATOM 473  H HB2  . TYR A 1 32  ? 2.409   -7.091  -0.359  1.00 0.00 ? 32  TYR A HB2  1 
ATOM 474  H HB3  . TYR A 1 32  ? 2.752   -6.790  -2.051  1.00 0.00 ? 32  TYR A HB3  1 
ATOM 475  H HD1  . TYR A 1 32  ? 3.001   -9.106  -3.480  1.00 0.00 ? 32  TYR A HD1  1 
ATOM 476  H HD2  . TYR A 1 32  ? 0.711   -8.596  0.099   1.00 0.00 ? 32  TYR A HD2  1 
ATOM 477  H HE1  . TYR A 1 32  ? 1.546   -11.089 -4.120  1.00 0.00 ? 32  TYR A HE1  1 
ATOM 478  H HE2  . TYR A 1 32  ? -0.737  -10.582 -0.554  1.00 0.00 ? 32  TYR A HE2  1 
ATOM 479  H HH   . TYR A 1 32  ? -1.368  -11.669 -2.849  1.00 0.00 ? 32  TYR A HH   1 
ATOM 480  N N    . ASN A 1 33  ? 4.351   -10.305 -1.137  1.00 0.00 ? 33  ASN A N    1 
ATOM 481  C CA   . ASN A 1 33  ? 4.614   -11.600 -1.738  1.00 0.00 ? 33  ASN A CA   1 
ATOM 482  C C    . ASN A 1 33  ? 3.354   -12.464 -1.651  1.00 0.00 ? 33  ASN A C    1 
ATOM 483  O O    . ASN A 1 33  ? 2.557   -12.315 -0.726  1.00 0.00 ? 33  ASN A O    1 
ATOM 484  C CB   . ASN A 1 33  ? 5.738   -12.331 -1.002  1.00 0.00 ? 33  ASN A CB   1 
ATOM 485  C CG   . ASN A 1 33  ? 6.939   -12.559 -1.921  1.00 0.00 ? 33  ASN A CG   1 
ATOM 486  O OD1  . ASN A 1 33  ? 6.848   -12.482 -3.136  1.00 0.00 ? 33  ASN A OD1  1 
ATOM 487  N ND2  . ASN A 1 33  ? 8.068   -12.844 -1.278  1.00 0.00 ? 33  ASN A ND2  1 
ATOM 488  H H    . ASN A 1 33  ? 3.966   -10.337 -0.214  1.00 0.00 ? 33  ASN A H    1 
ATOM 489  H HA   . ASN A 1 33  ? 4.902   -11.387 -2.767  1.00 0.00 ? 33  ASN A HA   1 
ATOM 490  H HB2  . ASN A 1 33  ? 6.047   -11.750 -0.132  1.00 0.00 ? 33  ASN A HB2  1 
ATOM 491  H HB3  . ASN A 1 33  ? 5.373   -13.289 -0.631  1.00 0.00 ? 33  ASN A HB3  1 
ATOM 492  H HD21 . ASN A 1 33  ? 8.075   -12.891 -0.279  1.00 0.00 ? 33  ASN A HD21 1 
ATOM 493  H HD22 . ASN A 1 33  ? 8.909   -13.008 -1.793  1.00 0.00 ? 33  ASN A HD22 1 
ATOM 494  N N    . GLU A 1 34  ? 3.212   -13.348 -2.628  1.00 0.00 ? 34  GLU A N    1 
ATOM 495  C CA   . GLU A 1 34  ? 2.062   -14.235 -2.674  1.00 0.00 ? 34  GLU A CA   1 
ATOM 496  C C    . GLU A 1 34  ? 2.132   -15.253 -1.534  1.00 0.00 ? 34  GLU A C    1 
ATOM 497  O O    . GLU A 1 34  ? 1.113   -15.585 -0.930  1.00 0.00 ? 34  GLU A O    1 
ATOM 498  C CB   . GLU A 1 34  ? 1.964   -14.935 -4.031  1.00 0.00 ? 34  GLU A CB   1 
ATOM 499  C CG   . GLU A 1 34  ? 3.074   -15.975 -4.192  1.00 0.00 ? 34  GLU A CG   1 
ATOM 500  C CD   . GLU A 1 34  ? 3.262   -16.352 -5.663  1.00 0.00 ? 34  GLU A CD   1 
ATOM 501  O OE1  . GLU A 1 34  ? 3.826   -15.512 -6.397  1.00 0.00 ? 34  GLU A OE1  1 
ATOM 502  O OE2  . GLU A 1 34  ? 2.839   -17.473 -6.021  1.00 0.00 ? 34  GLU A OE2  1 
ATOM 503  H H    . GLU A 1 34  ? 3.865   -13.463 -3.377  1.00 0.00 ? 34  GLU A H    1 
ATOM 504  H HA   . GLU A 1 34  ? 1.193   -13.590 -2.541  1.00 0.00 ? 34  GLU A HA   1 
ATOM 505  H HB2  . GLU A 1 34  ? 0.992   -15.420 -4.125  1.00 0.00 ? 34  GLU A HB2  1 
ATOM 506  H HB3  . GLU A 1 34  ? 2.031   -14.198 -4.831  1.00 0.00 ? 34  GLU A HB3  1 
ATOM 507  H HG2  . GLU A 1 34  ? 4.009   -15.580 -3.792  1.00 0.00 ? 34  GLU A HG2  1 
ATOM 508  H HG3  . GLU A 1 34  ? 2.831   -16.866 -3.613  1.00 0.00 ? 34  GLU A HG3  1 
ATOM 509  N N    . TRP A 1 35  ? 3.343   -15.722 -1.276  1.00 0.00 ? 35  TRP A N    1 
ATOM 510  C CA   . TRP A 1 35  ? 3.559   -16.696 -0.219  1.00 0.00 ? 35  TRP A CA   1 
ATOM 511  C C    . TRP A 1 35  ? 2.883   -16.175 1.051   1.00 0.00 ? 35  TRP A C    1 
ATOM 512  O O    . TRP A 1 35  ? 2.095   -16.882 1.675   1.00 0.00 ? 35  TRP A O    1 
ATOM 513  C CB   . TRP A 1 35  ? 5.051   -16.978 -0.029  1.00 0.00 ? 35  TRP A CB   1 
ATOM 514  C CG   . TRP A 1 35  ? 5.351   -18.332 0.618   1.00 0.00 ? 35  TRP A CG   1 
ATOM 515  C CD1  . TRP A 1 35  ? 5.177   -18.691 1.896   1.00 0.00 ? 35  TRP A CD1  1 
ATOM 516  C CD2  . TRP A 1 35  ? 5.888   -19.498 -0.039  1.00 0.00 ? 35  TRP A CD2  1 
ATOM 517  N NE1  . TRP A 1 35  ? 5.561   -19.999 2.112   1.00 0.00 ? 35  TRP A NE1  1 
ATOM 518  C CE2  . TRP A 1 35  ? 6.007   -20.506 0.897   1.00 0.00 ? 35  TRP A CE2  1 
ATOM 519  C CE3  . TRP A 1 35  ? 6.261   -19.697 -1.380  1.00 0.00 ? 35  TRP A CE3  1 
ATOM 520  C CZ2  . TRP A 1 35  ? 6.500   -21.780 0.593   1.00 0.00 ? 35  TRP A CZ2  1 
ATOM 521  C CZ3  . TRP A 1 35  ? 6.751   -20.976 -1.668  1.00 0.00 ? 35  TRP A CZ3  1 
ATOM 522  C CH2  . TRP A 1 35  ? 6.877   -22.001 -0.737  1.00 0.00 ? 35  TRP A CH2  1 
ATOM 523  H H    . TRP A 1 35  ? 4.167   -15.447 -1.772  1.00 0.00 ? 35  TRP A H    1 
ATOM 524  H HA   . TRP A 1 35  ? 3.096   -17.632 -0.530  1.00 0.00 ? 35  TRP A HA   1 
ATOM 525  H HB2  . TRP A 1 35  ? 5.545   -16.934 -1.001  1.00 0.00 ? 35  TRP A HB2  1 
ATOM 526  H HB3  . TRP A 1 35  ? 5.485   -16.189 0.585   1.00 0.00 ? 35  TRP A HB3  1 
ATOM 527  H HD1  . TRP A 1 35  ? 4.782   -18.032 2.671   1.00 0.00 ? 35  TRP A HD1  1 
ATOM 528  H HE1  . TRP A 1 35  ? 5.522   -20.536 3.059   1.00 0.00 ? 35  TRP A HE1  1 
ATOM 529  H HE3  . TRP A 1 35  ? 6.177   -18.918 -2.138  1.00 0.00 ? 35  TRP A HE3  1 
ATOM 530  H HZ2  . TRP A 1 35  ? 6.585   -22.559 1.351   1.00 0.00 ? 35  TRP A HZ2  1 
ATOM 531  H HZ3  . TRP A 1 35  ? 7.055   -21.184 -2.694  1.00 0.00 ? 35  TRP A HZ3  1 
ATOM 532  H HH2  . TRP A 1 35  ? 7.269   -22.972 -1.041  1.00 0.00 ? 35  TRP A HH2  1 
ATOM 533  N N    . ARG A 1 36  ? 3.217   -14.938 1.395   1.00 0.00 ? 36  ARG A N    1 
ATOM 534  C CA   . ARG A 1 36  ? 2.652   -14.313 2.578   1.00 0.00 ? 36  ARG A CA   1 
ATOM 535  C C    . ARG A 1 36  ? 1.296   -13.683 2.251   1.00 0.00 ? 36  ARG A C    1 
ATOM 536  O O    . ARG A 1 36  ? 0.470   -13.482 3.140   1.00 0.00 ? 36  ARG A O    1 
ATOM 537  C CB   . ARG A 1 36  ? 3.587   -13.236 3.132   1.00 0.00 ? 36  ARG A CB   1 
ATOM 538  C CG   . ARG A 1 36  ? 3.659   -13.305 4.658   1.00 0.00 ? 36  ARG A CG   1 
ATOM 539  C CD   . ARG A 1 36  ? 3.671   -11.903 5.271   1.00 0.00 ? 36  ARG A CD   1 
ATOM 540  N NE   . ARG A 1 36  ? 4.218   -11.955 6.645   1.00 0.00 ? 36  ARG A NE   1 
ATOM 541  C CZ   . ARG A 1 36  ? 5.506   -12.188 6.932   1.00 0.00 ? 36  ARG A CZ   1 
ATOM 542  N NH1  . ARG A 1 36  ? 6.387   -12.391 5.943   1.00 0.00 ? 36  ARG A NH1  1 
ATOM 543  N NH2  . ARG A 1 36  ? 5.913   -12.217 8.208   1.00 0.00 ? 36  ARG A NH2  1 
ATOM 544  H H    . ARG A 1 36  ? 3.858   -14.369 0.881   1.00 0.00 ? 36  ARG A H    1 
ATOM 545  H HA   . ARG A 1 36  ? 2.543   -15.125 3.297   1.00 0.00 ? 36  ARG A HA   1 
ATOM 546  H HB2  . ARG A 1 36  ? 4.584   -13.364 2.711   1.00 0.00 ? 36  ARG A HB2  1 
ATOM 547  H HB3  . ARG A 1 36  ? 3.235   -12.251 2.825   1.00 0.00 ? 36  ARG A HB3  1 
ATOM 548  H HG2  . ARG A 1 36  ? 2.807   -13.866 5.042   1.00 0.00 ? 36  ARG A HG2  1 
ATOM 549  H HG3  . ARG A 1 36  ? 4.557   -13.845 4.960   1.00 0.00 ? 36  ARG A HG3  1 
ATOM 550  H HD2  . ARG A 1 36  ? 4.273   -11.234 4.656   1.00 0.00 ? 36  ARG A HD2  1 
ATOM 551  H HD3  . ARG A 1 36  ? 2.660   -11.497 5.289   1.00 0.00 ? 36  ARG A HD3  1 
ATOM 552  H HE   . ARG A 1 36  ? 3.587   -11.807 7.406   1.00 0.00 ? 36  ARG A HE   1 
ATOM 553  H HH11 . ARG A 1 36  ? 6.084   -12.369 4.991   1.00 0.00 ? 36  ARG A HH11 1 
ATOM 554  H HH12 . ARG A 1 36  ? 7.349   -12.564 6.158   1.00 0.00 ? 36  ARG A HH12 1 
ATOM 555  H HH21 . ARG A 1 36  ? 5.256   -12.065 8.946   1.00 0.00 ? 36  ARG A HH21 1 
ATOM 556  H HH22 . ARG A 1 36  ? 6.875   -12.390 8.423   1.00 0.00 ? 36  ARG A HH22 1 
ATOM 557  N N    . LYS A 1 37  ? 1.110   -13.389 0.973   1.00 0.00 ? 37  LYS A N    1 
ATOM 558  C CA   . LYS A 1 37  ? -0.131  -12.785 0.516   1.00 0.00 ? 37  LYS A CA   1 
ATOM 559  C C    . LYS A 1 37  ? -0.530  -11.664 1.476   1.00 0.00 ? 37  LYS A C    1 
ATOM 560  O O    . LYS A 1 37  ? -1.705  -11.312 1.570   1.00 0.00 ? 37  LYS A O    1 
ATOM 561  C CB   . LYS A 1 37  ? -1.211  -13.854 0.336   1.00 0.00 ? 37  LYS A CB   1 
ATOM 562  C CG   . LYS A 1 37  ? -1.816  -14.256 1.682   1.00 0.00 ? 37  LYS A CG   1 
ATOM 563  C CD   . LYS A 1 37  ? -3.335  -14.410 1.577   1.00 0.00 ? 37  LYS A CD   1 
ATOM 564  C CE   . LYS A 1 37  ? -4.040  -13.079 1.844   1.00 0.00 ? 37  LYS A CE   1 
ATOM 565  N NZ   . LYS A 1 37  ? -5.499  -13.214 1.630   1.00 0.00 ? 37  LYS A NZ   1 
ATOM 566  H H    . LYS A 1 37  ? 1.788   -13.556 0.256   1.00 0.00 ? 37  LYS A H    1 
ATOM 567  H HA   . LYS A 1 37  ? 0.059   -12.350 -0.465  1.00 0.00 ? 37  LYS A HA   1 
ATOM 568  H HB2  . LYS A 1 37  ? -1.995  -13.477 -0.322  1.00 0.00 ? 37  LYS A HB2  1 
ATOM 569  H HB3  . LYS A 1 37  ? -0.783  -14.730 -0.152  1.00 0.00 ? 37  LYS A HB3  1 
ATOM 570  H HG2  . LYS A 1 37  ? -1.374  -15.195 2.017   1.00 0.00 ? 37  LYS A HG2  1 
ATOM 571  H HG3  . LYS A 1 37  ? -1.574  -13.504 2.433   1.00 0.00 ? 37  LYS A HG3  1 
ATOM 572  H HD2  . LYS A 1 37  ? -3.598  -14.773 0.583   1.00 0.00 ? 37  LYS A HD2  1 
ATOM 573  H HD3  . LYS A 1 37  ? -3.678  -15.158 2.291   1.00 0.00 ? 37  LYS A HD3  1 
ATOM 574  H HE2  . LYS A 1 37  ? -3.844  -12.756 2.867   1.00 0.00 ? 37  LYS A HE2  1 
ATOM 575  H HE3  . LYS A 1 37  ? -3.639  -12.309 1.185   1.00 0.00 ? 37  LYS A HE3  1 
ATOM 576  H HZ1  . LYS A 1 37  ? -5.840  -12.410 1.144   1.00 0.00 ? 37  LYS A HZ1  1 
ATOM 577  H HZ2  . LYS A 1 37  ? -5.682  -14.034 1.089   1.00 0.00 ? 37  LYS A HZ2  1 
ATOM 578  H HZ3  . LYS A 1 37  ? -5.959  -13.289 2.515   1.00 0.00 ? 37  LYS A HZ3  1 
ATOM 579  N N    . ARG A 1 38  ? 0.470   -11.134 2.166   1.00 0.00 ? 38  ARG A N    1 
ATOM 580  C CA   . ARG A 1 38  ? 0.237   -10.059 3.115   1.00 0.00 ? 38  ARG A CA   1 
ATOM 581  C C    . ARG A 1 38  ? 1.514   -9.240  3.313   1.00 0.00 ? 38  ARG A C    1 
ATOM 582  O O    . ARG A 1 38  ? 2.567   -9.793  3.630   1.00 0.00 ? 38  ARG A O    1 
ATOM 583  C CB   . ARG A 1 38  ? -0.224  -10.609 4.467   1.00 0.00 ? 38  ARG A CB   1 
ATOM 584  C CG   . ARG A 1 38  ? 0.167   -9.663  5.605   1.00 0.00 ? 38  ARG A CG   1 
ATOM 585  C CD   . ARG A 1 38  ? -0.536  -8.311  5.460   1.00 0.00 ? 38  ARG A CD   1 
ATOM 586  N NE   . ARG A 1 38  ? -0.322  -7.497  6.676   1.00 0.00 ? 38  ARG A NE   1 
ATOM 587  C CZ   . ARG A 1 38  ? -0.820  -7.804  7.882   1.00 0.00 ? 38  ARG A CZ   1 
ATOM 588  N NH1  . ARG A 1 38  ? -1.561  -8.908  8.040   1.00 0.00 ? 38  ARG A NH1  1 
ATOM 589  N NH2  . ARG A 1 38  ? -0.575  -7.006  8.931   1.00 0.00 ? 38  ARG A NH2  1 
ATOM 590  H H    . ARG A 1 38  ? 1.422   -11.427 2.084   1.00 0.00 ? 38  ARG A H    1 
ATOM 591  H HA   . ARG A 1 38  ? -0.550  -9.454  2.665   1.00 0.00 ? 38  ARG A HA   1 
ATOM 592  H HB2  . ARG A 1 38  ? -1.305  -10.746 4.458   1.00 0.00 ? 38  ARG A HB2  1 
ATOM 593  H HB3  . ARG A 1 38  ? 0.221   -11.589 4.636   1.00 0.00 ? 38  ARG A HB3  1 
ATOM 594  H HG2  . ARG A 1 38  ? -0.097  -10.112 6.562   1.00 0.00 ? 38  ARG A HG2  1 
ATOM 595  H HG3  . ARG A 1 38  ? 1.247   -9.517  5.607   1.00 0.00 ? 38  ARG A HG3  1 
ATOM 596  H HD2  . ARG A 1 38  ? -0.150  -7.784  4.587   1.00 0.00 ? 38  ARG A HD2  1 
ATOM 597  H HD3  . ARG A 1 38  ? -1.602  -8.462  5.295   1.00 0.00 ? 38  ARG A HD3  1 
ATOM 598  H HE   . ARG A 1 38  ? 0.227   -6.665  6.594   1.00 0.00 ? 38  ARG A HE   1 
ATOM 599  H HH11 . ARG A 1 38  ? -1.744  -9.503  7.257   1.00 0.00 ? 38  ARG A HH11 1 
ATOM 600  H HH12 . ARG A 1 38  ? -1.933  -9.137  8.940   1.00 0.00 ? 38  ARG A HH12 1 
ATOM 601  H HH21 . ARG A 1 38  ? -0.021  -6.182  8.814   1.00 0.00 ? 38  ARG A HH21 1 
ATOM 602  H HH22 . ARG A 1 38  ? -0.946  -7.235  9.831   1.00 0.00 ? 38  ARG A HH22 1 
ATOM 603  N N    . ILE A 1 39  ? 1.380   -7.937  3.120   1.00 0.00 ? 39  ILE A N    1 
ATOM 604  C CA   . ILE A 1 39  ? 2.510   -7.036  3.273   1.00 0.00 ? 39  ILE A CA   1 
ATOM 605  C C    . ILE A 1 39  ? 2.381   -6.283  4.598   1.00 0.00 ? 39  ILE A C    1 
ATOM 606  O O    . ILE A 1 39  ? 1.279   -6.127  5.122   1.00 0.00 ? 39  ILE A O    1 
ATOM 607  C CB   . ILE A 1 39  ? 2.636   -6.121  2.054   1.00 0.00 ? 39  ILE A CB   1 
ATOM 608  C CG1  . ILE A 1 39  ? 4.039   -6.199  1.450   1.00 0.00 ? 39  ILE A CG1  1 
ATOM 609  C CG2  . ILE A 1 39  ? 2.242   -4.684  2.405   1.00 0.00 ? 39  ILE A CG2  1 
ATOM 610  C CD1  . ILE A 1 39  ? 4.900   -5.021  1.909   1.00 0.00 ? 39  ILE A CD1  1 
ATOM 611  H H    . ILE A 1 39  ? 0.520   -7.496  2.862   1.00 0.00 ? 39  ILE A H    1 
ATOM 612  H HA   . ILE A 1 39  ? 3.413   -7.648  3.311   1.00 0.00 ? 39  ILE A HA   1 
ATOM 613  H HB   . ILE A 1 39  ? 1.938   -6.468  1.293   1.00 0.00 ? 39  ILE A HB   1 
ATOM 614  H HG12 . ILE A 1 39  ? 4.512   -7.136  1.743   1.00 0.00 ? 39  ILE A HG12 1 
ATOM 615  H HG13 . ILE A 1 39  ? 3.972   -6.203  0.362   1.00 0.00 ? 39  ILE A HG13 1 
ATOM 616  H HG21 . ILE A 1 39  ? 1.246   -4.678  2.846   1.00 0.00 ? 39  ILE A HG21 1 
ATOM 617  H HG22 . ILE A 1 39  ? 2.957   -4.276  3.119   1.00 0.00 ? 39  ILE A HG22 1 
ATOM 618  H HG23 . ILE A 1 39  ? 2.244   -4.076  1.501   1.00 0.00 ? 39  ILE A HG23 1 
ATOM 619  H HD11 . ILE A 1 39  ? 5.883   -5.085  1.442   1.00 0.00 ? 39  ILE A HD11 1 
ATOM 620  H HD12 . ILE A 1 39  ? 4.420   -4.086  1.619   1.00 0.00 ? 39  ILE A HD12 1 
ATOM 621  H HD13 . ILE A 1 39  ? 5.010   -5.052  2.994   1.00 0.00 ? 39  ILE A HD13 1 
ATOM 622  N N    . GLU A 1 40  ? 3.521   -5.835  5.102   1.00 0.00 ? 40  GLU A N    1 
ATOM 623  C CA   . GLU A 1 40  ? 3.549   -5.102  6.356   1.00 0.00 ? 40  GLU A CA   1 
ATOM 624  C C    . GLU A 1 40  ? 3.731   -3.606  6.092   1.00 0.00 ? 40  GLU A C    1 
ATOM 625  O O    . GLU A 1 40  ? 4.786   -3.179  5.625   1.00 0.00 ? 40  GLU A O    1 
ATOM 626  C CB   . GLU A 1 40  ? 4.647   -5.635  7.278   1.00 0.00 ? 40  GLU A CB   1 
ATOM 627  C CG   . GLU A 1 40  ? 4.923   -7.113  7.005   1.00 0.00 ? 40  GLU A CG   1 
ATOM 628  C CD   . GLU A 1 40  ? 6.109   -7.612  7.834   1.00 0.00 ? 40  GLU A CD   1 
ATOM 629  O OE1  . GLU A 1 40  ? 6.462   -6.905  8.803   1.00 0.00 ? 40  GLU A OE1  1 
ATOM 630  O OE2  . GLU A 1 40  ? 6.636   -8.689  7.480   1.00 0.00 ? 40  GLU A OE2  1 
ATOM 631  H H    . GLU A 1 40  ? 4.413   -5.967  4.669   1.00 0.00 ? 40  GLU A H    1 
ATOM 632  H HA   . GLU A 1 40  ? 2.578   -5.281  6.817   1.00 0.00 ? 40  GLU A HA   1 
ATOM 633  H HB2  . GLU A 1 40  ? 5.560   -5.057  7.134   1.00 0.00 ? 40  GLU A HB2  1 
ATOM 634  H HB3  . GLU A 1 40  ? 4.349   -5.502  8.319   1.00 0.00 ? 40  GLU A HB3  1 
ATOM 635  H HG2  . GLU A 1 40  ? 4.038   -7.703  7.241   1.00 0.00 ? 40  GLU A HG2  1 
ATOM 636  H HG3  . GLU A 1 40  ? 5.131   -7.258  5.944   1.00 0.00 ? 40  GLU A HG3  1 
ATOM 637  N N    . VAL A 1 41  ? 2.688   -2.851  6.402   1.00 0.00 ? 41  VAL A N    1 
ATOM 638  C CA   . VAL A 1 41  ? 2.720   -1.412  6.205   1.00 0.00 ? 41  VAL A CA   1 
ATOM 639  C C    . VAL A 1 41  ? 2.928   -0.720  7.554   1.00 0.00 ? 41  VAL A C    1 
ATOM 640  O O    . VAL A 1 41  ? 2.725   -1.328  8.604   1.00 0.00 ? 41  VAL A O    1 
ATOM 641  C CB   . VAL A 1 41  ? 1.448   -0.954  5.488   1.00 0.00 ? 41  VAL A CB   1 
ATOM 642  C CG1  . VAL A 1 41  ? 1.118   0.500   5.831   1.00 0.00 ? 41  VAL A CG1  1 
ATOM 643  C CG2  . VAL A 1 41  ? 1.572   -1.145  3.975   1.00 0.00 ? 41  VAL A CG2  1 
ATOM 644  H H    . VAL A 1 41  ? 1.834   -3.206  6.782   1.00 0.00 ? 41  VAL A H    1 
ATOM 645  H HA   . VAL A 1 41  ? 3.569   -1.187  5.560   1.00 0.00 ? 41  VAL A HA   1 
ATOM 646  H HB   . VAL A 1 41  ? 0.624   -1.576  5.837   1.00 0.00 ? 41  VAL A HB   1 
ATOM 647  H HG11 . VAL A 1 41  ? 0.129   0.749   5.447   1.00 0.00 ? 41  VAL A HG11 1 
ATOM 648  H HG12 . VAL A 1 41  ? 1.131   0.629   6.914   1.00 0.00 ? 41  VAL A HG12 1 
ATOM 649  H HG13 . VAL A 1 41  ? 1.860   1.158   5.379   1.00 0.00 ? 41  VAL A HG13 1 
ATOM 650  H HG21 . VAL A 1 41  ? 2.572   -0.851  3.653   1.00 0.00 ? 41  VAL A HG21 1 
ATOM 651  H HG22 . VAL A 1 41  ? 1.403   -2.193  3.726   1.00 0.00 ? 41  VAL A HG22 1 
ATOM 652  H HG23 . VAL A 1 41  ? 0.830   -0.528  3.469   1.00 0.00 ? 41  VAL A HG23 1 
ATOM 653  N N    . LYS A 1 42  ? 3.329   0.540   7.481   1.00 0.00 ? 42  LYS A N    1 
ATOM 654  C CA   . LYS A 1 42  ? 3.566   1.321   8.683   1.00 0.00 ? 42  LYS A CA   1 
ATOM 655  C C    . LYS A 1 42  ? 2.456   2.363   8.837   1.00 0.00 ? 42  LYS A C    1 
ATOM 656  O O    . LYS A 1 42  ? 2.096   3.038   7.874   1.00 0.00 ? 42  LYS A O    1 
ATOM 657  C CB   . LYS A 1 42  ? 4.974   1.920   8.664   1.00 0.00 ? 42  LYS A CB   1 
ATOM 658  C CG   . LYS A 1 42  ? 5.073   3.118   9.609   1.00 0.00 ? 42  LYS A CG   1 
ATOM 659  C CD   . LYS A 1 42  ? 6.415   3.834   9.448   1.00 0.00 ? 42  LYS A CD   1 
ATOM 660  C CE   . LYS A 1 42  ? 6.475   4.595   8.122   1.00 0.00 ? 42  LYS A CE   1 
ATOM 661  N NZ   . LYS A 1 42  ? 7.868   4.990   7.814   1.00 0.00 ? 42  LYS A NZ   1 
ATOM 662  H H    . LYS A 1 42  ? 3.491   1.027   6.622   1.00 0.00 ? 42  LYS A H    1 
ATOM 663  H HA   . LYS A 1 42  ? 3.518   0.637   9.531   1.00 0.00 ? 42  LYS A HA   1 
ATOM 664  H HB2  . LYS A 1 42  ? 5.700   1.161   8.955   1.00 0.00 ? 42  LYS A HB2  1 
ATOM 665  H HB3  . LYS A 1 42  ? 5.227   2.230   7.650   1.00 0.00 ? 42  LYS A HB3  1 
ATOM 666  H HG2  . LYS A 1 42  ? 4.258   3.814   9.407   1.00 0.00 ? 42  LYS A HG2  1 
ATOM 667  H HG3  . LYS A 1 42  ? 4.956   2.783   10.641  1.00 0.00 ? 42  LYS A HG3  1 
ATOM 668  H HD2  . LYS A 1 42  ? 6.564   4.527   10.277  1.00 0.00 ? 42  LYS A HD2  1 
ATOM 669  H HD3  . LYS A 1 42  ? 7.227   3.108   9.492   1.00 0.00 ? 42  LYS A HD3  1 
ATOM 670  H HE2  . LYS A 1 42  ? 6.081   3.971   7.320   1.00 0.00 ? 42  LYS A HE2  1 
ATOM 671  H HE3  . LYS A 1 42  ? 5.843   5.481   8.176   1.00 0.00 ? 42  LYS A HE3  1 
ATOM 672  H HZ1  . LYS A 1 42  ? 8.004   5.950   8.059   1.00 0.00 ? 42  LYS A HZ1  1 
ATOM 673  H HZ2  . LYS A 1 42  ? 8.500   4.420   8.338   1.00 0.00 ? 42  LYS A HZ2  1 
ATOM 674  H HZ3  . LYS A 1 42  ? 8.040   4.868   6.838   1.00 0.00 ? 42  LYS A HZ3  1 
ATOM 675  N N    . ILE A 1 43  ? 1.945   2.461   10.056  1.00 0.00 ? 43  ILE A N    1 
ATOM 676  C CA   . ILE A 1 43  ? 0.884   3.409   10.348  1.00 0.00 ? 43  ILE A CA   1 
ATOM 677  C C    . ILE A 1 43  ? 0.817   3.644   11.858  1.00 0.00 ? 43  ILE A C    1 
ATOM 678  O O    . ILE A 1 43  ? 1.652   3.137   12.607  1.00 0.00 ? 43  ILE A O    1 
ATOM 679  C CB   . ILE A 1 43  ? -0.438  2.938   9.740   1.00 0.00 ? 43  ILE A CB   1 
ATOM 680  C CG1  . ILE A 1 43  ? -0.513  1.410   9.709   1.00 0.00 ? 43  ILE A CG1  1 
ATOM 681  C CG2  . ILE A 1 43  ? -0.654  3.551   8.354   1.00 0.00 ? 43  ILE A CG2  1 
ATOM 682  C CD1  . ILE A 1 43  ? -1.935  0.926   9.999   1.00 0.00 ? 43  ILE A CD1  1 
ATOM 683  H H    . ILE A 1 43  ? 2.244   1.908   10.833  1.00 0.00 ? 43  ILE A H    1 
ATOM 684  H HA   . ILE A 1 43  ? 1.145   4.350   9.863   1.00 0.00 ? 43  ILE A HA   1 
ATOM 685  H HB   . ILE A 1 43  ? -1.251  3.288   10.377  1.00 0.00 ? 43  ILE A HB   1 
ATOM 686  H HG12 . ILE A 1 43  ? -0.195  1.047   8.731   1.00 0.00 ? 43  ILE A HG12 1 
ATOM 687  H HG13 . ILE A 1 43  ? 0.174   0.994   10.444  1.00 0.00 ? 43  ILE A HG13 1 
ATOM 688  H HG21 . ILE A 1 43  ? -0.830  2.757   7.629   1.00 0.00 ? 43  ILE A HG21 1 
ATOM 689  H HG22 . ILE A 1 43  ? -1.516  4.217   8.382   1.00 0.00 ? 43  ILE A HG22 1 
ATOM 690  H HG23 . ILE A 1 43  ? 0.233   4.116   8.065   1.00 0.00 ? 43  ILE A HG23 1 
ATOM 691  H HD11 . ILE A 1 43  ? -1.969  -0.162  9.935   1.00 0.00 ? 43  ILE A HD11 1 
ATOM 692  H HD12 . ILE A 1 43  ? -2.228  1.240   11.002  1.00 0.00 ? 43  ILE A HD12 1 
ATOM 693  H HD13 . ILE A 1 43  ? -2.621  1.354   9.270   1.00 0.00 ? 43  ILE A HD13 1 
ATOM 694  N N    . HIS A 1 44  ? -0.184  4.412   12.262  1.00 0.00 ? 44  HIS A N    1 
ATOM 695  C CA   . HIS A 1 44  ? -0.370  4.719   13.670  1.00 0.00 ? 44  HIS A CA   1 
ATOM 696  C C    . HIS A 1 44  ? -0.880  3.477   14.404  1.00 0.00 ? 44  HIS A C    1 
ATOM 697  O O    . HIS A 1 44  ? -0.865  2.377   13.853  1.00 0.00 ? 44  HIS A O    1 
ATOM 698  C CB   . HIS A 1 44  ? -1.290  5.929   13.844  1.00 0.00 ? 44  HIS A CB   1 
ATOM 699  C CG   . HIS A 1 44  ? -0.749  7.204   13.242  1.00 0.00 ? 44  HIS A CG   1 
ATOM 700  N ND1  . HIS A 1 44  ? -1.471  7.978   12.351  1.00 0.00 ? 44  HIS A ND1  1 
ATOM 701  C CD2  . HIS A 1 44  ? 0.450   7.832   13.413  1.00 0.00 ? 44  HIS A CD2  1 
ATOM 702  C CE1  . HIS A 1 44  ? -0.730  9.021   12.007  1.00 0.00 ? 44  HIS A CE1  1 
ATOM 703  N NE2  . HIS A 1 44  ? 0.460   8.928   12.666  1.00 0.00 ? 44  HIS A NE2  1 
ATOM 704  H H    . HIS A 1 44  ? -0.858  4.821   11.647  1.00 0.00 ? 44  HIS A H    1 
ATOM 705  H HA   . HIS A 1 44  ? 0.609   4.988   14.064  1.00 0.00 ? 44  HIS A HA   1 
ATOM 706  H HB2  . HIS A 1 44  ? -2.256  5.708   13.391  1.00 0.00 ? 44  HIS A HB2  1 
ATOM 707  H HB3  . HIS A 1 44  ? -1.467  6.088   14.908  1.00 0.00 ? 44  HIS A HB3  1 
ATOM 708  H HD1  . HIS A 1 44  ? -2.396  7.783   12.022  1.00 0.00 ? 44  HIS A HD1  1 
ATOM 709  H HD2  . HIS A 1 44  ? 1.262   7.490   14.055  1.00 0.00 ? 44  HIS A HD2  1 
ATOM 710  H HE1  . HIS A 1 44  ? -1.021  9.815   11.319  1.00 0.00 ? 44  HIS A HE1  1 
ATOM 711  N N    . SER A 1 45  ? -1.319  3.695   15.634  1.00 0.00 ? 45  SER A N    1 
ATOM 712  C CA   . SER A 1 45  ? -1.832  2.606   16.449  1.00 0.00 ? 45  SER A CA   1 
ATOM 713  C C    . SER A 1 45  ? -3.349  2.500   16.285  1.00 0.00 ? 45  SER A C    1 
ATOM 714  O O    . SER A 1 45  ? -3.923  1.428   16.466  1.00 0.00 ? 45  SER A O    1 
ATOM 715  C CB   . SER A 1 45  ? -1.470  2.803   17.922  1.00 0.00 ? 45  SER A CB   1 
ATOM 716  O OG   . SER A 1 45  ? -0.907  1.627   18.496  1.00 0.00 ? 45  SER A OG   1 
ATOM 717  H H    . SER A 1 45  ? -1.327  4.592   16.075  1.00 0.00 ? 45  SER A H    1 
ATOM 718  H HA   . SER A 1 45  ? -1.342  1.709   16.072  1.00 0.00 ? 45  SER A HA   1 
ATOM 719  H HB2  . SER A 1 45  ? -0.762  3.626   18.015  1.00 0.00 ? 45  SER A HB2  1 
ATOM 720  H HB3  . SER A 1 45  ? -2.362  3.087   18.480  1.00 0.00 ? 45  SER A HB3  1 
ATOM 721  H HG   . SER A 1 45  ? 0.046   1.528   18.208  1.00 0.00 ? 45  SER A HG   1 
ATOM 722  N N    . PRO A 1 46  ? -3.972  3.657   15.934  1.00 0.00 ? 46  PRO A N    1 
ATOM 723  C CA   . PRO A 1 46  ? -5.412  3.704   15.743  1.00 0.00 ? 46  PRO A CA   1 
ATOM 724  C C    . PRO A 1 46  ? -5.810  3.048   14.420  1.00 0.00 ? 46  PRO A C    1 
ATOM 725  O O    . PRO A 1 46  ? -6.908  2.504   14.299  1.00 0.00 ? 46  PRO A O    1 
ATOM 726  C CB   . PRO A 1 46  ? -5.769  5.180   15.806  1.00 0.00 ? 46  PRO A CB   1 
ATOM 727  C CG   . PRO A 1 46  ? -4.471  5.933   15.564  1.00 0.00 ? 46  PRO A CG   1 
ATOM 728  C CD   . PRO A 1 46  ? -3.324  4.946   15.711  1.00 0.00 ? 46  PRO A CD   1 
ATOM 729  H HA   . PRO A 1 46  ? -5.873  3.180   16.459  1.00 0.00 ? 46  PRO A HA   1 
ATOM 730  H HB2  . PRO A 1 46  ? -6.514  5.434   15.052  1.00 0.00 ? 46  PRO A HB2  1 
ATOM 731  H HB3  . PRO A 1 46  ? -6.195  5.438   16.775  1.00 0.00 ? 46  PRO A HB3  1 
ATOM 732  H HG2  . PRO A 1 46  ? -4.467  6.377   14.568  1.00 0.00 ? 46  PRO A HG2  1 
ATOM 733  H HG3  . PRO A 1 46  ? -4.365  6.750   16.277  1.00 0.00 ? 46  PRO A HG3  1 
ATOM 734  H HD2  . PRO A 1 46  ? -2.701  4.927   14.817  1.00 0.00 ? 46  PRO A HD2  1 
ATOM 735  H HD3  . PRO A 1 46  ? -2.677  5.214   16.545  1.00 0.00 ? 46  PRO A HD3  1 
ATOM 736  N N    . PRO A 1 47  ? -4.875  3.122   13.436  1.00 0.00 ? 47  PRO A N    1 
ATOM 737  C CA   . PRO A 1 47  ? -5.118  2.541   12.126  1.00 0.00 ? 47  PRO A CA   1 
ATOM 738  C C    . PRO A 1 47  ? -5.000  1.016   12.172  1.00 0.00 ? 47  PRO A C    1 
ATOM 739  O O    . PRO A 1 47  ? -5.823  0.309   11.593  1.00 0.00 ? 47  PRO A O    1 
ATOM 740  C CB   . PRO A 1 47  ? -4.093  3.190   11.212  1.00 0.00 ? 47  PRO A CB   1 
ATOM 741  C CG   . PRO A 1 47  ? -3.017  3.755   12.126  1.00 0.00 ? 47  PRO A CG   1 
ATOM 742  C CD   . PRO A 1 47  ? -3.566  3.758   13.545  1.00 0.00 ? 47  PRO A CD   1 
ATOM 743  H HA   . PRO A 1 47  ? -6.054  2.734   11.830  1.00 0.00 ? 47  PRO A HA   1 
ATOM 744  H HB2  . PRO A 1 47  ? -3.672  2.462   10.518  1.00 0.00 ? 47  PRO A HB2  1 
ATOM 745  H HB3  . PRO A 1 47  ? -4.548  3.977   10.610  1.00 0.00 ? 47  PRO A HB3  1 
ATOM 746  H HG2  . PRO A 1 47  ? -2.111  3.152   12.068  1.00 0.00 ? 47  PRO A HG2  1 
ATOM 747  H HG3  . PRO A 1 47  ? -2.748  4.766   11.819  1.00 0.00 ? 47  PRO A HG3  1 
ATOM 748  H HD2  . PRO A 1 47  ? -2.913  3.208   14.221  1.00 0.00 ? 47  PRO A HD2  1 
ATOM 749  H HD3  . PRO A 1 47  ? -3.648  4.772   13.935  1.00 0.00 ? 47  PRO A HD3  1 
ATOM 750  N N    . GLN A 1 48  ? -3.969  0.555   12.865  1.00 0.00 ? 48  GLN A N    1 
ATOM 751  C CA   . GLN A 1 48  ? -3.732  -0.872  12.993  1.00 0.00 ? 48  GLN A CA   1 
ATOM 752  C C    . GLN A 1 48  ? -4.819  -1.515  13.857  1.00 0.00 ? 48  GLN A C    1 
ATOM 753  O O    . GLN A 1 48  ? -4.747  -2.702  14.170  1.00 0.00 ? 48  GLN A O    1 
ATOM 754  C CB   . GLN A 1 48  ? -2.341  -1.147  13.567  1.00 0.00 ? 48  GLN A CB   1 
ATOM 755  C CG   . GLN A 1 48  ? -2.317  -0.917  15.079  1.00 0.00 ? 48  GLN A CG   1 
ATOM 756  C CD   . GLN A 1 48  ? -2.021  -2.219  15.828  1.00 0.00 ? 48  GLN A CD   1 
ATOM 757  O OE1  . GLN A 1 48  ? -1.890  -3.283  15.246  1.00 0.00 ? 48  GLN A OE1  1 
ATOM 758  N NE2  . GLN A 1 48  ? -1.923  -2.074  17.146  1.00 0.00 ? 48  GLN A NE2  1 
ATOM 759  H H    . GLN A 1 48  ? -3.304  1.138   13.332  1.00 0.00 ? 48  GLN A H    1 
ATOM 760  H HA   . GLN A 1 48  ? -3.784  -1.267  11.978  1.00 0.00 ? 48  GLN A HA   1 
ATOM 761  H HB2  . GLN A 1 48  ? -2.050  -2.175  13.348  1.00 0.00 ? 48  GLN A HB2  1 
ATOM 762  H HB3  . GLN A 1 48  ? -1.609  -0.499  13.085  1.00 0.00 ? 48  GLN A HB3  1 
ATOM 763  H HG2  . GLN A 1 48  ? -1.560  -0.172  15.325  1.00 0.00 ? 48  GLN A HG2  1 
ATOM 764  H HG3  . GLN A 1 48  ? -3.277  -0.517  15.406  1.00 0.00 ? 48  GLN A HG3  1 
ATOM 765  H HE21 . GLN A 1 48  ? -2.042  -1.173  17.561  1.00 0.00 ? 48  GLN A HE21 1 
ATOM 766  H HE22 . GLN A 1 48  ? -1.731  -2.869  17.724  1.00 0.00 ? 48  GLN A HE22 1 
ATOM 767  N N    . LYS A 1 49  ? -5.802  -0.702  14.217  1.00 0.00 ? 49  LYS A N    1 
ATOM 768  C CA   . LYS A 1 49  ? -6.902  -1.177  15.039  1.00 0.00 ? 49  LYS A CA   1 
ATOM 769  C C    . LYS A 1 49  ? -8.153  -1.327  14.170  1.00 0.00 ? 49  LYS A C    1 
ATOM 770  O O    . LYS A 1 49  ? -9.202  -1.746  14.655  1.00 0.00 ? 49  LYS A O    1 
ATOM 771  C CB   . LYS A 1 49  ? -7.099  -0.263  16.250  1.00 0.00 ? 49  LYS A CB   1 
ATOM 772  C CG   . LYS A 1 49  ? -7.613  -1.054  17.455  1.00 0.00 ? 49  LYS A CG   1 
ATOM 773  C CD   . LYS A 1 49  ? -8.089  -0.114  18.564  1.00 0.00 ? 49  LYS A CD   1 
ATOM 774  C CE   . LYS A 1 49  ? -9.615  -0.101  18.656  1.00 0.00 ? 49  LYS A CE   1 
ATOM 775  N NZ   . LYS A 1 49  ? -10.201 0.549   17.463  1.00 0.00 ? 49  LYS A NZ   1 
ATOM 776  H H    . LYS A 1 49  ? -5.853  0.263   13.958  1.00 0.00 ? 49  LYS A H    1 
ATOM 777  H HA   . LYS A 1 49  ? -6.625  -2.161  15.418  1.00 0.00 ? 49  LYS A HA   1 
ATOM 778  H HB2  . LYS A 1 49  ? -6.156  0.221   16.502  1.00 0.00 ? 49  LYS A HB2  1 
ATOM 779  H HB3  . LYS A 1 49  ? -7.807  0.528   16.001  1.00 0.00 ? 49  LYS A HB3  1 
ATOM 780  H HG2  . LYS A 1 49  ? -8.433  -1.702  17.147  1.00 0.00 ? 49  LYS A HG2  1 
ATOM 781  H HG3  . LYS A 1 49  ? -6.822  -1.700  17.835  1.00 0.00 ? 49  LYS A HG3  1 
ATOM 782  H HD2  . LYS A 1 49  ? -7.666  -0.428  19.519  1.00 0.00 ? 49  LYS A HD2  1 
ATOM 783  H HD3  . LYS A 1 49  ? -7.724  0.896   18.372  1.00 0.00 ? 49  LYS A HD3  1 
ATOM 784  H HE2  . LYS A 1 49  ? -9.989  -1.121  18.741  1.00 0.00 ? 49  LYS A HE2  1 
ATOM 785  H HE3  . LYS A 1 49  ? -9.928  0.429   19.556  1.00 0.00 ? 49  LYS A HE3  1 
ATOM 786  H HZ1  . LYS A 1 49  ? -9.477  0.995   16.936  1.00 0.00 ? 49  LYS A HZ1  1 
ATOM 787  H HZ2  . LYS A 1 49  ? -10.649 -0.141  16.893  1.00 0.00 ? 49  LYS A HZ2  1 
ATOM 788  H HZ3  . LYS A 1 49  ? -10.874 1.230   17.750  1.00 0.00 ? 49  LYS A HZ3  1 
ATOM 789  N N    . GLY A 1 50  ? -7.999  -0.976  12.902  1.00 0.00 ? 50  GLY A N    1 
ATOM 790  C CA   . GLY A 1 50  ? -9.104  -1.066  11.962  1.00 0.00 ? 50  GLY A CA   1 
ATOM 791  C C    . GLY A 1 50  ? -9.254  0.232   11.165  1.00 0.00 ? 50  GLY A C    1 
ATOM 792  O O    . GLY A 1 50  ? -9.572  0.202   9.978   1.00 0.00 ? 50  GLY A O    1 
ATOM 793  H H    . GLY A 1 50  ? -7.143  -0.636  12.516  1.00 0.00 ? 50  GLY A H    1 
ATOM 794  H HA2  . GLY A 1 50  ? -8.938  -1.900  11.279  1.00 0.00 ? 50  GLY A HA2  1 
ATOM 795  H HA3  . GLY A 1 50  ? -10.028 -1.276  12.500  1.00 0.00 ? 50  GLY A HA3  1 
ATOM 796  N N    . LYS A 1 51  ? -9.016  1.339   11.851  1.00 0.00 ? 51  LYS A N    1 
ATOM 797  C CA   . LYS A 1 51  ? -9.121  2.646   11.223  1.00 0.00 ? 51  LYS A CA   1 
ATOM 798  C C    . LYS A 1 51  ? -8.192  2.697   10.008  1.00 0.00 ? 51  LYS A C    1 
ATOM 799  O O    . LYS A 1 51  ? -8.414  3.481   9.086   1.00 0.00 ? 51  LYS A O    1 
ATOM 800  C CB   . LYS A 1 51  ? -8.859  3.754   12.244  1.00 0.00 ? 51  LYS A CB   1 
ATOM 801  C CG   . LYS A 1 51  ? -8.060  4.899   11.619  1.00 0.00 ? 51  LYS A CG   1 
ATOM 802  C CD   . LYS A 1 51  ? -8.901  5.658   10.592  1.00 0.00 ? 51  LYS A CD   1 
ATOM 803  C CE   . LYS A 1 51  ? -9.199  7.081   11.070  1.00 0.00 ? 51  LYS A CE   1 
ATOM 804  N NZ   . LYS A 1 51  ? -8.943  8.057   9.987   1.00 0.00 ? 51  LYS A NZ   1 
ATOM 805  H H    . LYS A 1 51  ? -8.758  1.355   12.817  1.00 0.00 ? 51  LYS A H    1 
ATOM 806  H HA   . LYS A 1 51  ? -10.148 2.760   10.878  1.00 0.00 ? 51  LYS A HA   1 
ATOM 807  H HB2  . LYS A 1 51  ? -9.808  4.134   12.626  1.00 0.00 ? 51  LYS A HB2  1 
ATOM 808  H HB3  . LYS A 1 51  ? -8.314  3.348   13.096  1.00 0.00 ? 51  LYS A HB3  1 
ATOM 809  H HG2  . LYS A 1 51  ? -7.727  5.583   12.399  1.00 0.00 ? 51  LYS A HG2  1 
ATOM 810  H HG3  . LYS A 1 51  ? -7.165  4.503   11.139  1.00 0.00 ? 51  LYS A HG3  1 
ATOM 811  H HD2  . LYS A 1 51  ? -8.373  5.695   9.638   1.00 0.00 ? 51  LYS A HD2  1 
ATOM 812  H HD3  . LYS A 1 51  ? -9.837  5.127   10.417  1.00 0.00 ? 51  LYS A HD3  1 
ATOM 813  H HE2  . LYS A 1 51  ? -10.238 7.152   11.394  1.00 0.00 ? 51  LYS A HE2  1 
ATOM 814  H HE3  . LYS A 1 51  ? -8.579  7.317   11.934  1.00 0.00 ? 51  LYS A HE3  1 
ATOM 815  H HZ1  . LYS A 1 51  ? -8.696  7.568   9.150   1.00 0.00 ? 51  LYS A HZ1  1 
ATOM 816  H HZ2  . LYS A 1 51  ? -9.767  8.599   9.825   1.00 0.00 ? 51  LYS A HZ2  1 
ATOM 817  H HZ3  . LYS A 1 51  ? -8.193  8.662   10.255  1.00 0.00 ? 51  LYS A HZ3  1 
ATOM 818  N N    . ALA A 1 52  ? -7.172  1.854   10.047  1.00 0.00 ? 52  ALA A N    1 
ATOM 819  C CA   . ALA A 1 52  ? -6.209  1.793   8.960   1.00 0.00 ? 52  ALA A CA   1 
ATOM 820  C C    . ALA A 1 52  ? -6.953  1.796   7.623   1.00 0.00 ? 52  ALA A C    1 
ATOM 821  O O    . ALA A 1 52  ? -6.404  2.209   6.603   1.00 0.00 ? 52  ALA A O    1 
ATOM 822  C CB   . ALA A 1 52  ? -5.321  0.559   9.131   1.00 0.00 ? 52  ALA A CB   1 
ATOM 823  H H    . ALA A 1 52  ? -6.998  1.219   10.800  1.00 0.00 ? 52  ALA A H    1 
ATOM 824  H HA   . ALA A 1 52  ? -5.585  2.685   9.020   1.00 0.00 ? 52  ALA A HA   1 
ATOM 825  H HB1  . ALA A 1 52  ? -4.849  0.316   8.179   1.00 0.00 ? 52  ALA A HB1  1 
ATOM 826  H HB2  . ALA A 1 52  ? -4.554  0.763   9.877   1.00 0.00 ? 52  ALA A HB2  1 
ATOM 827  H HB3  . ALA A 1 52  ? -5.932  -0.284  9.459   1.00 0.00 ? 52  ALA A HB3  1 
ATOM 828  N N    . ASN A 1 53  ? -8.192  1.328   7.672   1.00 0.00 ? 53  ASN A N    1 
ATOM 829  C CA   . ASN A 1 53  ? -9.018  1.272   6.478   1.00 0.00 ? 53  ASN A CA   1 
ATOM 830  C C    . ASN A 1 53  ? -9.306  2.693   5.993   1.00 0.00 ? 53  ASN A C    1 
ATOM 831  O O    . ASN A 1 53  ? -8.933  3.062   4.880   1.00 0.00 ? 53  ASN A O    1 
ATOM 832  C CB   . ASN A 1 53  ? -10.358 0.591   6.766   1.00 0.00 ? 53  ASN A CB   1 
ATOM 833  C CG   . ASN A 1 53  ? -10.468 -0.741  6.020   1.00 0.00 ? 53  ASN A CG   1 
ATOM 834  O OD1  . ASN A 1 53  ? -10.368 -0.812  4.807   1.00 0.00 ? 53  ASN A OD1  1 
ATOM 835  N ND2  . ASN A 1 53  ? -10.679 -1.789  6.813   1.00 0.00 ? 53  ASN A ND2  1 
ATOM 836  H H    . ASN A 1 53  ? -8.632  0.994   8.506   1.00 0.00 ? 53  ASN A H    1 
ATOM 837  H HA   . ASN A 1 53  ? -8.439  0.695   5.757   1.00 0.00 ? 53  ASN A HA   1 
ATOM 838  H HB2  . ASN A 1 53  ? -10.460 0.421   7.838   1.00 0.00 ? 53  ASN A HB2  1 
ATOM 839  H HB3  . ASN A 1 53  ? -11.175 1.248   6.468   1.00 0.00 ? 53  ASN A HB3  1 
ATOM 840  H HD21 . ASN A 1 53  ? -10.750 -1.661  7.802   1.00 0.00 ? 53  ASN A HD21 1 
ATOM 841  H HD22 . ASN A 1 53  ? -10.765 -2.703  6.418   1.00 0.00 ? 53  ASN A HD22 1 
ATOM 842  N N    . ARG A 1 54  ? -9.965  3.456   6.853   1.00 0.00 ? 54  ARG A N    1 
ATOM 843  C CA   . ARG A 1 54  ? -10.306 4.830   6.527   1.00 0.00 ? 54  ARG A CA   1 
ATOM 844  C C    . ARG A 1 54  ? -9.056  5.712   6.568   1.00 0.00 ? 54  ARG A C    1 
ATOM 845  O O    . ARG A 1 54  ? -8.963  6.698   5.838   1.00 0.00 ? 54  ARG A O    1 
ATOM 846  C CB   . ARG A 1 54  ? -11.346 5.386   7.502   1.00 0.00 ? 54  ARG A CB   1 
ATOM 847  C CG   . ARG A 1 54  ? -12.671 5.666   6.790   1.00 0.00 ? 54  ARG A CG   1 
ATOM 848  C CD   . ARG A 1 54  ? -13.504 6.689   7.563   1.00 0.00 ? 54  ARG A CD   1 
ATOM 849  N NE   . ARG A 1 54  ? -13.280 6.529   9.018   1.00 0.00 ? 54  ARG A NE   1 
ATOM 850  C CZ   . ARG A 1 54  ? -13.754 7.368   9.948   1.00 0.00 ? 54  ARG A CZ   1 
ATOM 851  N NH1  . ARG A 1 54  ? -14.481 8.433   9.581   1.00 0.00 ? 54  ARG A NH1  1 
ATOM 852  N NH2  . ARG A 1 54  ? -13.503 7.144   11.245  1.00 0.00 ? 54  ARG A NH2  1 
ATOM 853  H H    . ARG A 1 54  ? -10.263 3.150   7.756   1.00 0.00 ? 54  ARG A H    1 
ATOM 854  H HA   . ARG A 1 54  ? -10.720 4.783   5.519   1.00 0.00 ? 54  ARG A HA   1 
ATOM 855  H HB2  . ARG A 1 54  ? -11.507 4.674   8.311   1.00 0.00 ? 54  ARG A HB2  1 
ATOM 856  H HB3  . ARG A 1 54  ? -10.971 6.304   7.954   1.00 0.00 ? 54  ARG A HB3  1 
ATOM 857  H HG2  . ARG A 1 54  ? -12.476 6.035   5.783   1.00 0.00 ? 54  ARG A HG2  1 
ATOM 858  H HG3  . ARG A 1 54  ? -13.234 4.738   6.685   1.00 0.00 ? 54  ARG A HG3  1 
ATOM 859  H HD2  . ARG A 1 54  ? -13.232 7.699   7.255   1.00 0.00 ? 54  ARG A HD2  1 
ATOM 860  H HD3  . ARG A 1 54  ? -14.561 6.559   7.332   1.00 0.00 ? 54  ARG A HD3  1 
ATOM 861  H HE   . ARG A 1 54  ? -12.742 5.744   9.325   1.00 0.00 ? 54  ARG A HE   1 
ATOM 862  H HH11 . ARG A 1 54  ? -14.670 8.601   8.614   1.00 0.00 ? 54  ARG A HH11 1 
ATOM 863  H HH12 . ARG A 1 54  ? -14.836 9.060   10.275  1.00 0.00 ? 54  ARG A HH12 1 
ATOM 864  H HH21 . ARG A 1 54  ? -12.960 6.349   11.518  1.00 0.00 ? 54  ARG A HH21 1 
ATOM 865  H HH22 . ARG A 1 54  ? -13.856 7.771   11.939  1.00 0.00 ? 54  ARG A HH22 1 
ATOM 866  N N    . GLU A 1 55  ? -8.126  5.325   7.427   1.00 0.00 ? 55  GLU A N    1 
ATOM 867  C CA   . GLU A 1 55  ? -6.885  6.068   7.573   1.00 0.00 ? 55  GLU A CA   1 
ATOM 868  C C    . GLU A 1 55  ? -6.020  5.905   6.322   1.00 0.00 ? 55  GLU A C    1 
ATOM 869  O O    . GLU A 1 55  ? -5.250  6.800   5.976   1.00 0.00 ? 55  GLU A O    1 
ATOM 870  C CB   . GLU A 1 55  ? -6.126  5.626   8.826   1.00 0.00 ? 55  GLU A CB   1 
ATOM 871  C CG   . GLU A 1 55  ? -5.970  6.788   9.810   1.00 0.00 ? 55  GLU A CG   1 
ATOM 872  C CD   . GLU A 1 55  ? -4.819  6.530   10.784  1.00 0.00 ? 55  GLU A CD   1 
ATOM 873  O OE1  . GLU A 1 55  ? -3.743  6.121   10.296  1.00 0.00 ? 55  GLU A OE1  1 
ATOM 874  O OE2  . GLU A 1 55  ? -5.041  6.747   11.995  1.00 0.00 ? 55  GLU A OE2  1 
ATOM 875  H H    . GLU A 1 55  ? -8.208  4.520   8.017   1.00 0.00 ? 55  GLU A H    1 
ATOM 876  H HA   . GLU A 1 55  ? -7.184  7.110   7.685   1.00 0.00 ? 55  GLU A HA   1 
ATOM 877  H HB2  . GLU A 1 55  ? -6.657  4.806   9.308   1.00 0.00 ? 55  GLU A HB2  1 
ATOM 878  H HB3  . GLU A 1 55  ? -5.143  5.248   8.546   1.00 0.00 ? 55  GLU A HB3  1 
ATOM 879  H HG2  . GLU A 1 55  ? -5.787  7.711   9.261   1.00 0.00 ? 55  GLU A HG2  1 
ATOM 880  H HG3  . GLU A 1 55  ? -6.897  6.924   10.366  1.00 0.00 ? 55  GLU A HG3  1 
ATOM 881  N N    . ILE A 1 56  ? -6.176  4.758   5.678   1.00 0.00 ? 56  ILE A N    1 
ATOM 882  C CA   . ILE A 1 56  ? -5.418  4.469   4.473   1.00 0.00 ? 56  ILE A CA   1 
ATOM 883  C C    . ILE A 1 56  ? -5.550  5.640   3.498   1.00 0.00 ? 56  ILE A C    1 
ATOM 884  O O    . ILE A 1 56  ? -4.559  6.281   3.154   1.00 0.00 ? 56  ILE A O    1 
ATOM 885  C CB   . ILE A 1 56  ? -5.847  3.123   3.881   1.00 0.00 ? 56  ILE A CB   1 
ATOM 886  C CG1  . ILE A 1 56  ? -4.855  2.020   4.251   1.00 0.00 ? 56  ILE A CG1  1 
ATOM 887  C CG2  . ILE A 1 56  ? -6.048  3.230   2.368   1.00 0.00 ? 56  ILE A CG2  1 
ATOM 888  C CD1  . ILE A 1 56  ? -5.287  0.674   3.665   1.00 0.00 ? 56  ILE A CD1  1 
ATOM 889  H H    . ILE A 1 56  ? -6.804  4.036   5.966   1.00 0.00 ? 56  ILE A H    1 
ATOM 890  H HA   . ILE A 1 56  ? -4.370  4.374   4.760   1.00 0.00 ? 56  ILE A HA   1 
ATOM 891  H HB   . ILE A 1 56  ? -6.809  2.851   4.315   1.00 0.00 ? 56  ILE A HB   1 
ATOM 892  H HG12 . ILE A 1 56  ? -3.862  2.279   3.882   1.00 0.00 ? 56  ILE A HG12 1 
ATOM 893  H HG13 . ILE A 1 56  ? -4.781  1.942   5.336   1.00 0.00 ? 56  ILE A HG13 1 
ATOM 894  H HG21 . ILE A 1 56  ? -5.526  4.110   1.993   1.00 0.00 ? 56  ILE A HG21 1 
ATOM 895  H HG22 . ILE A 1 56  ? -5.649  2.338   1.884   1.00 0.00 ? 56  ILE A HG22 1 
ATOM 896  H HG23 . ILE A 1 56  ? -7.111  3.318   2.148   1.00 0.00 ? 56  ILE A HG23 1 
ATOM 897  H HD11 . ILE A 1 56  ? -4.441  0.209   3.159   1.00 0.00 ? 56  ILE A HD11 1 
ATOM 898  H HD12 . ILE A 1 56  ? -5.634  0.023   4.468   1.00 0.00 ? 56  ILE A HD12 1 
ATOM 899  H HD13 . ILE A 1 56  ? -6.096  0.832   2.952   1.00 0.00 ? 56  ILE A HD13 1 
ATOM 900  N N    . ILE A 1 57  ? -6.784  5.883   3.079   1.00 0.00 ? 57  ILE A N    1 
ATOM 901  C CA   . ILE A 1 57  ? -7.058  6.966   2.150   1.00 0.00 ? 57  ILE A CA   1 
ATOM 902  C C    . ILE A 1 57  ? -6.606  8.291   2.769   1.00 0.00 ? 57  ILE A C    1 
ATOM 903  O O    . ILE A 1 57  ? -6.273  9.233   2.052   1.00 0.00 ? 57  ILE A O    1 
ATOM 904  C CB   . ILE A 1 57  ? -8.531  6.954   1.734   1.00 0.00 ? 57  ILE A CB   1 
ATOM 905  C CG1  . ILE A 1 57  ? -8.820  5.798   0.775   1.00 0.00 ? 57  ILE A CG1  1 
ATOM 906  C CG2  . ILE A 1 57  ? -8.945  8.304   1.145   1.00 0.00 ? 57  ILE A CG2  1 
ATOM 907  C CD1  . ILE A 1 57  ? -9.492  4.634   1.506   1.00 0.00 ? 57  ILE A CD1  1 
ATOM 908  H H    . ILE A 1 57  ? -7.585  5.356   3.364   1.00 0.00 ? 57  ILE A H    1 
ATOM 909  H HA   . ILE A 1 57  ? -6.468  6.785   1.253   1.00 0.00 ? 57  ILE A HA   1 
ATOM 910  H HB   . ILE A 1 57  ? -9.136  6.792   2.625   1.00 0.00 ? 57  ILE A HB   1 
ATOM 911  H HG12 . ILE A 1 57  ? -9.463  6.143   -0.034  1.00 0.00 ? 57  ILE A HG12 1 
ATOM 912  H HG13 . ILE A 1 57  ? -7.890  5.457   0.319   1.00 0.00 ? 57  ILE A HG13 1 
ATOM 913  H HG21 . ILE A 1 57  ? -8.801  9.086   1.891   1.00 0.00 ? 57  ILE A HG21 1 
ATOM 914  H HG22 . ILE A 1 57  ? -8.334  8.521   0.269   1.00 0.00 ? 57  ILE A HG22 1 
ATOM 915  H HG23 . ILE A 1 57  ? -9.995  8.267   0.855   1.00 0.00 ? 57  ILE A HG23 1 
ATOM 916  H HD11 . ILE A 1 57  ? -10.574 4.750   1.458   1.00 0.00 ? 57  ILE A HD11 1 
ATOM 917  H HD12 . ILE A 1 57  ? -9.206  3.694   1.034   1.00 0.00 ? 57  ILE A HD12 1 
ATOM 918  H HD13 . ILE A 1 57  ? -9.173  4.627   2.548   1.00 0.00 ? 57  ILE A HD13 1 
ATOM 919  N N    . LYS A 1 58  ? -6.607  8.319   4.094   1.00 0.00 ? 58  LYS A N    1 
ATOM 920  C CA   . LYS A 1 58  ? -6.200  9.511   4.817   1.00 0.00 ? 58  LYS A CA   1 
ATOM 921  C C    . LYS A 1 58  ? -4.683  9.675   4.709   1.00 0.00 ? 58  LYS A C    1 
ATOM 922  O O    . LYS A 1 58  ? -4.198  10.689  4.212   1.00 0.00 ? 58  LYS A O    1 
ATOM 923  C CB   . LYS A 1 58  ? -6.713  9.466   6.257   1.00 0.00 ? 58  LYS A CB   1 
ATOM 924  C CG   . LYS A 1 58  ? -7.486  10.740  6.605   1.00 0.00 ? 58  LYS A CG   1 
ATOM 925  C CD   . LYS A 1 58  ? -6.664  11.647  7.522   1.00 0.00 ? 58  LYS A CD   1 
ATOM 926  C CE   . LYS A 1 58  ? -5.680  12.497  6.715   1.00 0.00 ? 58  LYS A CE   1 
ATOM 927  N NZ   . LYS A 1 58  ? -6.373  13.655  6.109   1.00 0.00 ? 58  LYS A NZ   1 
ATOM 928  H H    . LYS A 1 58  ? -6.879  7.548   4.669   1.00 0.00 ? 58  LYS A H    1 
ATOM 929  H HA   . LYS A 1 58  ? -6.674  10.365  4.333   1.00 0.00 ? 58  LYS A HA   1 
ATOM 930  H HB2  . LYS A 1 58  ? -7.359  8.598   6.390   1.00 0.00 ? 58  LYS A HB2  1 
ATOM 931  H HB3  . LYS A 1 58  ? -5.875  9.347   6.943   1.00 0.00 ? 58  LYS A HB3  1 
ATOM 932  H HG2  . LYS A 1 58  ? -7.740  11.277  5.691   1.00 0.00 ? 58  LYS A HG2  1 
ATOM 933  H HG3  . LYS A 1 58  ? -8.425  10.480  7.092   1.00 0.00 ? 58  LYS A HG3  1 
ATOM 934  H HD2  . LYS A 1 58  ? -7.329  12.296  8.091   1.00 0.00 ? 58  LYS A HD2  1 
ATOM 935  H HD3  . LYS A 1 58  ? -6.117  11.040  8.244   1.00 0.00 ? 58  LYS A HD3  1 
ATOM 936  H HE2  . LYS A 1 58  ? -4.875  12.845  7.362   1.00 0.00 ? 58  LYS A HE2  1 
ATOM 937  H HE3  . LYS A 1 58  ? -5.221  11.890  5.934   1.00 0.00 ? 58  LYS A HE3  1 
ATOM 938  H HZ1  . LYS A 1 58  ? -5.910  13.913  5.260   1.00 0.00 ? 58  LYS A HZ1  1 
ATOM 939  H HZ2  . LYS A 1 58  ? -7.322  13.409  5.909   1.00 0.00 ? 58  LYS A HZ2  1 
ATOM 940  H HZ3  . LYS A 1 58  ? -6.356  14.425  6.746   1.00 0.00 ? 58  LYS A HZ3  1 
ATOM 941  N N    . GLU A 1 59  ? -3.975  8.661   5.186   1.00 0.00 ? 59  GLU A N    1 
ATOM 942  C CA   . GLU A 1 59  ? -2.523  8.679   5.150   1.00 0.00 ? 59  GLU A CA   1 
ATOM 943  C C    . GLU A 1 59  ? -2.022  8.363   3.740   1.00 0.00 ? 59  GLU A C    1 
ATOM 944  O O    . GLU A 1 59  ? -1.364  9.189   3.111   1.00 0.00 ? 59  GLU A O    1 
ATOM 945  C CB   . GLU A 1 59  ? -1.937  7.702   6.172   1.00 0.00 ? 59  GLU A CB   1 
ATOM 946  C CG   . GLU A 1 59  ? -2.015  8.278   7.588   1.00 0.00 ? 59  GLU A CG   1 
ATOM 947  C CD   . GLU A 1 59  ? -0.663  8.175   8.298   1.00 0.00 ? 59  GLU A CD   1 
ATOM 948  O OE1  . GLU A 1 59  ? 0.143   9.113   8.121   1.00 0.00 ? 59  GLU A OE1  1 
ATOM 949  O OE2  . GLU A 1 59  ? -0.467  7.160   9.000   1.00 0.00 ? 59  GLU A OE2  1 
ATOM 950  H H    . GLU A 1 59  ? -4.377  7.839   5.590   1.00 0.00 ? 59  GLU A H    1 
ATOM 951  H HA   . GLU A 1 59  ? -2.239  9.695   5.425   1.00 0.00 ? 59  GLU A HA   1 
ATOM 952  H HB2  . GLU A 1 59  ? -2.478  6.757   6.129   1.00 0.00 ? 59  GLU A HB2  1 
ATOM 953  H HB3  . GLU A 1 59  ? -0.899  7.487   5.921   1.00 0.00 ? 59  GLU A HB3  1 
ATOM 954  H HG2  . GLU A 1 59  ? -2.328  9.321   7.544   1.00 0.00 ? 59  GLU A HG2  1 
ATOM 955  H HG3  . GLU A 1 59  ? -2.772  7.742   8.161   1.00 0.00 ? 59  GLU A HG3  1 
ATOM 956  N N    . PHE A 1 60  ? -2.355  7.163   3.284   1.00 0.00 ? 60  PHE A N    1 
ATOM 957  C CA   . PHE A 1 60  ? -1.947  6.728   1.959   1.00 0.00 ? 60  PHE A CA   1 
ATOM 958  C C    . PHE A 1 60  ? -2.102  7.856   0.938   1.00 0.00 ? 60  PHE A C    1 
ATOM 959  O O    . PHE A 1 60  ? -1.147  8.211   0.250   1.00 0.00 ? 60  PHE A O    1 
ATOM 960  C CB   . PHE A 1 60  ? -2.868  5.570   1.566   1.00 0.00 ? 60  PHE A CB   1 
ATOM 961  C CG   . PHE A 1 60  ? -2.129  4.274   1.230   1.00 0.00 ? 60  PHE A CG   1 
ATOM 962  C CD1  . PHE A 1 60  ? -0.933  4.320   0.585   1.00 0.00 ? 60  PHE A CD1  1 
ATOM 963  C CD2  . PHE A 1 60  ? -2.669  3.074   1.575   1.00 0.00 ? 60  PHE A CD2  1 
ATOM 964  C CE1  . PHE A 1 60  ? -0.247  3.116   0.273   1.00 0.00 ? 60  PHE A CE1  1 
ATOM 965  C CE2  . PHE A 1 60  ? -1.983  1.870   1.263   1.00 0.00 ? 60  PHE A CE2  1 
ATOM 966  C CZ   . PHE A 1 60  ? -0.787  1.917   0.619   1.00 0.00 ? 60  PHE A CZ   1 
ATOM 967  H H    . PHE A 1 60  ? -2.890  6.496   3.802   1.00 0.00 ? 60  PHE A H    1 
ATOM 968  H HA   . PHE A 1 60  ? -0.898  6.438   2.022   1.00 0.00 ? 60  PHE A HA   1 
ATOM 969  H HB2  . PHE A 1 60  ? -3.563  5.379   2.383   1.00 0.00 ? 60  PHE A HB2  1 
ATOM 970  H HB3  . PHE A 1 60  ? -3.464  5.871   0.705   1.00 0.00 ? 60  PHE A HB3  1 
ATOM 971  H HD1  . PHE A 1 60  ? -0.500  5.282   0.308   1.00 0.00 ? 60  PHE A HD1  1 
ATOM 972  H HD2  . PHE A 1 60  ? -3.628  3.037   2.092   1.00 0.00 ? 60  PHE A HD2  1 
ATOM 973  H HE1  . PHE A 1 60  ? 0.713   3.154   -0.244  1.00 0.00 ? 60  PHE A HE1  1 
ATOM 974  H HE2  . PHE A 1 60  ? -2.417  0.909   1.540   1.00 0.00 ? 60  PHE A HE2  1 
ATOM 975  H HZ   . PHE A 1 60  ? -0.261  0.994   0.379   1.00 0.00 ? 60  PHE A HZ   1 
ATOM 976  N N    . SER A 1 61  ? -3.313  8.389   0.873   1.00 0.00 ? 61  SER A N    1 
ATOM 977  C CA   . SER A 1 61  ? -3.606  9.471   -0.052  1.00 0.00 ? 61  SER A CA   1 
ATOM 978  C C    . SER A 1 61  ? -2.740  10.689  0.277   1.00 0.00 ? 61  SER A C    1 
ATOM 979  O O    . SER A 1 61  ? -2.315  11.415  -0.622  1.00 0.00 ? 61  SER A O    1 
ATOM 980  C CB   . SER A 1 61  ? -5.088  9.847   -0.009  1.00 0.00 ? 61  SER A CB   1 
ATOM 981  O OG   . SER A 1 61  ? -5.455  10.696  -1.093  1.00 0.00 ? 61  SER A OG   1 
ATOM 982  H H    . SER A 1 61  ? -4.085  8.096   1.437   1.00 0.00 ? 61  SER A H    1 
ATOM 983  H HA   . SER A 1 61  ? -3.359  9.082   -1.039  1.00 0.00 ? 61  SER A HA   1 
ATOM 984  H HB2  . SER A 1 61  ? -5.693  8.940   -0.038  1.00 0.00 ? 61  SER A HB2  1 
ATOM 985  H HB3  . SER A 1 61  ? -5.308  10.348  0.934   1.00 0.00 ? 61  SER A HB3  1 
ATOM 986  H HG   . SER A 1 61  ? -4.964  10.425  -1.921  1.00 0.00 ? 61  SER A HG   1 
ATOM 987  N N    . GLU A 1 62  ? -2.503  10.877  1.567   1.00 0.00 ? 62  GLU A N    1 
ATOM 988  C CA   . GLU A 1 62  ? -1.697  11.995  2.025   1.00 0.00 ? 62  GLU A CA   1 
ATOM 989  C C    . GLU A 1 62  ? -0.211  11.696  1.818   1.00 0.00 ? 62  GLU A C    1 
ATOM 990  O O    . GLU A 1 62  ? 0.548   12.566  1.392   1.00 0.00 ? 62  GLU A O    1 
ATOM 991  C CB   . GLU A 1 62  ? -1.991  12.320  3.491   1.00 0.00 ? 62  GLU A CB   1 
ATOM 992  C CG   . GLU A 1 62  ? -3.160  13.300  3.611   1.00 0.00 ? 62  GLU A CG   1 
ATOM 993  C CD   . GLU A 1 62  ? -2.986  14.215  4.825   1.00 0.00 ? 62  GLU A CD   1 
ATOM 994  O OE1  . GLU A 1 62  ? -2.374  13.744  5.808   1.00 0.00 ? 62  GLU A OE1  1 
ATOM 995  O OE2  . GLU A 1 62  ? -3.470  15.364  4.742   1.00 0.00 ? 62  GLU A OE2  1 
ATOM 996  H H    . GLU A 1 62  ? -2.853  10.283  2.292   1.00 0.00 ? 62  GLU A H    1 
ATOM 997  H HA   . GLU A 1 62  ? -1.994  12.840  1.405   1.00 0.00 ? 62  GLU A HA   1 
ATOM 998  H HB2  . GLU A 1 62  ? -2.225  11.401  4.031   1.00 0.00 ? 62  GLU A HB2  1 
ATOM 999  H HB3  . GLU A 1 62  ? -1.104  12.748  3.958   1.00 0.00 ? 62  GLU A HB3  1 
ATOM 1000 H HG2  . GLU A 1 62  ? -3.230  13.901  2.704   1.00 0.00 ? 62  GLU A HG2  1 
ATOM 1001 H HG3  . GLU A 1 62  ? -4.096  12.747  3.699   1.00 0.00 ? 62  GLU A HG3  1 
ATOM 1002 N N    . THR A 1 63  ? 0.162   10.463  2.129   1.00 0.00 ? 63  THR A N    1 
ATOM 1003 C CA   . THR A 1 63  ? 1.544   10.038  1.982   1.00 0.00 ? 63  THR A CA   1 
ATOM 1004 C C    . THR A 1 63  ? 2.058   10.372  0.580   1.00 0.00 ? 63  THR A C    1 
ATOM 1005 O O    . THR A 1 63  ? 3.110   10.990  0.432   1.00 0.00 ? 63  THR A O    1 
ATOM 1006 C CB   . THR A 1 63  ? 1.619   8.548   2.318   1.00 0.00 ? 63  THR A CB   1 
ATOM 1007 O OG1  . THR A 1 63  ? 2.814   8.425   3.085   1.00 0.00 ? 63  THR A OG1  1 
ATOM 1008 C CG2  . THR A 1 63  ? 1.877   7.682   1.083   1.00 0.00 ? 63  THR A CG2  1 
ATOM 1009 H H    . THR A 1 63  ? -0.462  9.761   2.474   1.00 0.00 ? 63  THR A H    1 
ATOM 1010 H HA   . THR A 1 63  ? 2.153   10.602  2.688   1.00 0.00 ? 63  THR A HA   1 
ATOM 1011 H HB   . THR A 1 63  ? 0.721   8.221   2.842   1.00 0.00 ? 63  THR A HB   1 
ATOM 1012 H HG1  . THR A 1 63  ? 2.615   8.576   4.053   1.00 0.00 ? 63  THR A HG1  1 
ATOM 1013 H HG21 . THR A 1 63  ? 1.058   7.804   0.375   1.00 0.00 ? 63  THR A HG21 1 
ATOM 1014 H HG22 . THR A 1 63  ? 2.812   7.988   0.613   1.00 0.00 ? 63  THR A HG22 1 
ATOM 1015 H HG23 . THR A 1 63  ? 1.947   6.636   1.382   1.00 0.00 ? 63  THR A HG23 1 
ATOM 1016 N N    . PHE A 1 64  ? 1.291   9.947   -0.413  1.00 0.00 ? 64  PHE A N    1 
ATOM 1017 C CA   . PHE A 1 64  ? 1.656   10.193  -1.799  1.00 0.00 ? 64  PHE A CA   1 
ATOM 1018 C C    . PHE A 1 64  ? 0.829   11.337  -2.388  1.00 0.00 ? 64  PHE A C    1 
ATOM 1019 O O    . PHE A 1 64  ? 1.361   12.187  -3.102  1.00 0.00 ? 64  PHE A O    1 
ATOM 1020 C CB   . PHE A 1 64  ? 1.354   8.909   -2.575  1.00 0.00 ? 64  PHE A CB   1 
ATOM 1021 C CG   . PHE A 1 64  ? 1.900   8.904   -4.004  1.00 0.00 ? 64  PHE A CG   1 
ATOM 1022 C CD1  . PHE A 1 64  ? 1.455   9.818   -4.906  1.00 0.00 ? 64  PHE A CD1  1 
ATOM 1023 C CD2  . PHE A 1 64  ? 2.832   7.984   -4.372  1.00 0.00 ? 64  PHE A CD2  1 
ATOM 1024 C CE1  . PHE A 1 64  ? 1.961   9.813   -6.233  1.00 0.00 ? 64  PHE A CE1  1 
ATOM 1025 C CE2  . PHE A 1 64  ? 3.339   7.978   -5.698  1.00 0.00 ? 64  PHE A CE2  1 
ATOM 1026 C CZ   . PHE A 1 64  ? 2.893   8.893   -6.600  1.00 0.00 ? 64  PHE A CZ   1 
ATOM 1027 H H    . PHE A 1 64  ? 0.437   9.444   -0.284  1.00 0.00 ? 64  PHE A H    1 
ATOM 1028 H HA   . PHE A 1 64  ? 2.712   10.464  -1.812  1.00 0.00 ? 64  PHE A HA   1 
ATOM 1029 H HB2  . PHE A 1 64  ? 1.773   8.062   -2.033  1.00 0.00 ? 64  PHE A HB2  1 
ATOM 1030 H HB3  . PHE A 1 64  ? 0.275   8.763   -2.609  1.00 0.00 ? 64  PHE A HB3  1 
ATOM 1031 H HD1  . PHE A 1 64  ? 0.707   10.556  -4.611  1.00 0.00 ? 64  PHE A HD1  1 
ATOM 1032 H HD2  . PHE A 1 64  ? 3.190   7.250   -3.649  1.00 0.00 ? 64  PHE A HD2  1 
ATOM 1033 H HE1  . PHE A 1 64  ? 1.604   10.546  -6.956  1.00 0.00 ? 64  PHE A HE1  1 
ATOM 1034 H HE2  . PHE A 1 64  ? 4.085   7.240   -5.993  1.00 0.00 ? 64  PHE A HE2  1 
ATOM 1035 H HZ   . PHE A 1 64  ? 3.283   8.889   -7.619  1.00 0.00 ? 64  PHE A HZ   1 
ATOM 1036 N N    . GLY A 1 65  ? -0.456  11.324  -2.068  1.00 0.00 ? 65  GLY A N    1 
ATOM 1037 C CA   . GLY A 1 65  ? -1.360  12.350  -2.557  1.00 0.00 ? 65  GLY A CA   1 
ATOM 1038 C C    . GLY A 1 65  ? -2.295  11.790  -3.632  1.00 0.00 ? 65  GLY A C    1 
ATOM 1039 O O    . GLY A 1 65  ? -2.884  12.547  -4.402  1.00 0.00 ? 65  GLY A O    1 
ATOM 1040 H H    . GLY A 1 65  ? -0.880  10.629  -1.487  1.00 0.00 ? 65  GLY A H    1 
ATOM 1041 H HA2  . GLY A 1 65  ? -1.948  12.746  -1.729  1.00 0.00 ? 65  GLY A HA2  1 
ATOM 1042 H HA3  . GLY A 1 65  ? -0.786  13.180  -2.966  1.00 0.00 ? 65  GLY A HA3  1 
ATOM 1043 N N    . ARG A 1 66  ? -2.402  10.470  -3.648  1.00 0.00 ? 66  ARG A N    1 
ATOM 1044 C CA   . ARG A 1 66  ? -3.254  9.800   -4.616  1.00 0.00 ? 66  ARG A CA   1 
ATOM 1045 C C    . ARG A 1 66  ? -4.441  9.141   -3.911  1.00 0.00 ? 66  ARG A C    1 
ATOM 1046 O O    . ARG A 1 66  ? -4.607  9.286   -2.700  1.00 0.00 ? 66  ARG A O    1 
ATOM 1047 C CB   . ARG A 1 66  ? -2.476  8.736   -5.392  1.00 0.00 ? 66  ARG A CB   1 
ATOM 1048 C CG   . ARG A 1 66  ? -1.245  8.275   -4.609  1.00 0.00 ? 66  ARG A CG   1 
ATOM 1049 C CD   . ARG A 1 66  ? -1.648  7.402   -3.418  1.00 0.00 ? 66  ARG A CD   1 
ATOM 1050 N NE   . ARG A 1 66  ? -0.863  6.147   -3.423  1.00 0.00 ? 66  ARG A NE   1 
ATOM 1051 C CZ   . ARG A 1 66  ? -0.012  5.791   -2.451  1.00 0.00 ? 66  ARG A CZ   1 
ATOM 1052 N NH1  . ARG A 1 66  ? 0.169   6.591   -1.392  1.00 0.00 ? 66  ARG A NH1  1 
ATOM 1053 N NH2  . ARG A 1 66  ? 0.659   4.634   -2.539  1.00 0.00 ? 66  ARG A NH2  1 
ATOM 1054 H H    . ARG A 1 66  ? -1.918  9.861   -3.019  1.00 0.00 ? 66  ARG A H    1 
ATOM 1055 H HA   . ARG A 1 66  ? -3.587  10.591  -5.288  1.00 0.00 ? 66  ARG A HA   1 
ATOM 1056 H HB2  . ARG A 1 66  ? -3.124  7.882   -5.594  1.00 0.00 ? 66  ARG A HB2  1 
ATOM 1057 H HB3  . ARG A 1 66  ? -2.168  9.137   -6.358  1.00 0.00 ? 66  ARG A HB3  1 
ATOM 1058 H HG2  . ARG A 1 66  ? -0.580  7.716   -5.266  1.00 0.00 ? 66  ARG A HG2  1 
ATOM 1059 H HG3  . ARG A 1 66  ? -0.690  9.144   -4.255  1.00 0.00 ? 66  ARG A HG3  1 
ATOM 1060 H HD2  . ARG A 1 66  ? -1.481  7.943   -2.488  1.00 0.00 ? 66  ARG A HD2  1 
ATOM 1061 H HD3  . ARG A 1 66  ? -2.713  7.173   -3.468  1.00 0.00 ? 66  ARG A HD3  1 
ATOM 1062 H HE   . ARG A 1 66  ? -0.974  5.528   -4.200  1.00 0.00 ? 66  ARG A HE   1 
ATOM 1063 H HH11 . ARG A 1 66  ? -0.332  7.455   -1.326  1.00 0.00 ? 66  ARG A HH11 1 
ATOM 1064 H HH12 . ARG A 1 66  ? 0.804   6.325   -0.667  1.00 0.00 ? 66  ARG A HH12 1 
ATOM 1065 H HH21 . ARG A 1 66  ? 0.524   4.037   -3.330  1.00 0.00 ? 66  ARG A HH21 1 
ATOM 1066 H HH22 . ARG A 1 66  ? 1.294   4.368   -1.814  1.00 0.00 ? 66  ARG A HH22 1 
ATOM 1067 N N    . ASP A 1 67  ? -5.237  8.431   -4.697  1.00 0.00 ? 67  ASP A N    1 
ATOM 1068 C CA   . ASP A 1 67  ? -6.404  7.750   -4.162  1.00 0.00 ? 67  ASP A CA   1 
ATOM 1069 C C    . ASP A 1 67  ? -6.023  6.318   -3.783  1.00 0.00 ? 67  ASP A C    1 
ATOM 1070 O O    . ASP A 1 67  ? -5.149  5.717   -4.407  1.00 0.00 ? 67  ASP A O    1 
ATOM 1071 C CB   . ASP A 1 67  ? -7.525  7.681   -5.202  1.00 0.00 ? 67  ASP A CB   1 
ATOM 1072 C CG   . ASP A 1 67  ? -7.478  8.769   -6.277  1.00 0.00 ? 67  ASP A CG   1 
ATOM 1073 O OD1  . ASP A 1 67  ? -6.349  9.108   -6.693  1.00 0.00 ? 67  ASP A OD1  1 
ATOM 1074 O OD2  . ASP A 1 67  ? -8.573  9.237   -6.657  1.00 0.00 ? 67  ASP A OD2  1 
ATOM 1075 H H    . ASP A 1 67  ? -5.094  8.319   -5.681  1.00 0.00 ? 67  ASP A H    1 
ATOM 1076 H HA   . ASP A 1 67  ? -6.712  8.342   -3.301  1.00 0.00 ? 67  ASP A HA   1 
ATOM 1077 H HB2  . ASP A 1 67  ? -7.488  6.707   -5.690  1.00 0.00 ? 67  ASP A HB2  1 
ATOM 1078 H HB3  . ASP A 1 67  ? -8.482  7.742   -4.685  1.00 0.00 ? 67  ASP A HB3  1 
ATOM 1079 N N    . VAL A 1 68  ? -6.697  5.812   -2.760  1.00 0.00 ? 68  VAL A N    1 
ATOM 1080 C CA   . VAL A 1 68  ? -6.441  4.462   -2.289  1.00 0.00 ? 68  VAL A CA   1 
ATOM 1081 C C    . VAL A 1 68  ? -7.754  3.830   -1.822  1.00 0.00 ? 68  VAL A C    1 
ATOM 1082 O O    . VAL A 1 68  ? -8.667  4.536   -1.395  1.00 0.00 ? 68  VAL A O    1 
ATOM 1083 C CB   . VAL A 1 68  ? -5.366  4.483   -1.200  1.00 0.00 ? 68  VAL A CB   1 
ATOM 1084 C CG1  . VAL A 1 68  ? -5.432  3.218   -0.341  1.00 0.00 ? 68  VAL A CG1  1 
ATOM 1085 C CG2  . VAL A 1 68  ? -3.974  4.662   -1.807  1.00 0.00 ? 68  VAL A CG2  1 
ATOM 1086 H H    . VAL A 1 68  ? -7.407  6.307   -2.259  1.00 0.00 ? 68  VAL A H    1 
ATOM 1087 H HA   . VAL A 1 68  ? -6.055  3.886   -3.132  1.00 0.00 ? 68  VAL A HA   1 
ATOM 1088 H HB   . VAL A 1 68  ? -5.562  5.338   -0.553  1.00 0.00 ? 68  VAL A HB   1 
ATOM 1089 H HG11 . VAL A 1 68  ? -5.251  2.344   -0.967  1.00 0.00 ? 68  VAL A HG11 1 
ATOM 1090 H HG12 . VAL A 1 68  ? -4.671  3.269   0.438   1.00 0.00 ? 68  VAL A HG12 1 
ATOM 1091 H HG13 . VAL A 1 68  ? -6.417  3.141   0.117   1.00 0.00 ? 68  VAL A HG13 1 
ATOM 1092 H HG21 . VAL A 1 68  ? -3.615  3.705   -2.185  1.00 0.00 ? 68  VAL A HG21 1 
ATOM 1093 H HG22 . VAL A 1 68  ? -4.024  5.380   -2.625  1.00 0.00 ? 68  VAL A HG22 1 
ATOM 1094 H HG23 . VAL A 1 68  ? -3.289  5.030   -1.043  1.00 0.00 ? 68  VAL A HG23 1 
ATOM 1095 N N    . GLU A 1 69  ? -7.806  2.510   -1.919  1.00 0.00 ? 69  GLU A N    1 
ATOM 1096 C CA   . GLU A 1 69  ? -8.992  1.777   -1.511  1.00 0.00 ? 69  GLU A CA   1 
ATOM 1097 C C    . GLU A 1 69  ? -8.633  0.325   -1.189  1.00 0.00 ? 69  GLU A C    1 
ATOM 1098 O O    . GLU A 1 69  ? -7.951  -0.337  -1.969  1.00 0.00 ? 69  GLU A O    1 
ATOM 1099 C CB   . GLU A 1 69  ? -10.078 1.848   -2.586  1.00 0.00 ? 69  GLU A CB   1 
ATOM 1100 C CG   . GLU A 1 69  ? -9.782  2.965   -3.591  1.00 0.00 ? 69  GLU A CG   1 
ATOM 1101 C CD   . GLU A 1 69  ? -10.739 2.896   -4.783  1.00 0.00 ? 69  GLU A CD   1 
ATOM 1102 O OE1  . GLU A 1 69  ? -11.154 1.765   -5.114  1.00 0.00 ? 69  GLU A OE1  1 
ATOM 1103 O OE2  . GLU A 1 69  ? -11.033 3.977   -5.337  1.00 0.00 ? 69  GLU A OE2  1 
ATOM 1104 H H    . GLU A 1 69  ? -7.059  1.945   -2.267  1.00 0.00 ? 69  GLU A H    1 
ATOM 1105 H HA   . GLU A 1 69  ? -9.348  2.279   -0.611  1.00 0.00 ? 69  GLU A HA   1 
ATOM 1106 H HB2  . GLU A 1 69  ? -10.141 0.893   -3.108  1.00 0.00 ? 69  GLU A HB2  1 
ATOM 1107 H HB3  . GLU A 1 69  ? -11.047 2.022   -2.119  1.00 0.00 ? 69  GLU A HB3  1 
ATOM 1108 H HG2  . GLU A 1 69  ? -9.875  3.933   -3.100  1.00 0.00 ? 69  GLU A HG2  1 
ATOM 1109 H HG3  . GLU A 1 69  ? -8.753  2.880   -3.940  1.00 0.00 ? 69  GLU A HG3  1 
ATOM 1110 N N    . ILE A 1 70  ? -9.110  -0.128  -0.039  1.00 0.00 ? 70  ILE A N    1 
ATOM 1111 C CA   . ILE A 1 70  ? -8.849  -1.489  0.397   1.00 0.00 ? 70  ILE A CA   1 
ATOM 1112 C C    . ILE A 1 70  ? -9.714  -2.454  -0.416  1.00 0.00 ? 70  ILE A C    1 
ATOM 1113 O O    . ILE A 1 70  ? -10.938 -2.446  -0.297  1.00 0.00 ? 70  ILE A O    1 
ATOM 1114 C CB   . ILE A 1 70  ? -9.040  -1.615  1.910   1.00 0.00 ? 70  ILE A CB   1 
ATOM 1115 C CG1  . ILE A 1 70  ? -8.369  -0.454  2.646   1.00 0.00 ? 70  ILE A CG1  1 
ATOM 1116 C CG2  . ILE A 1 70  ? -8.550  -2.974  2.413   1.00 0.00 ? 70  ILE A CG2  1 
ATOM 1117 C CD1  . ILE A 1 70  ? -9.376  0.656   2.954   1.00 0.00 ? 70  ILE A CD1  1 
ATOM 1118 H H    . ILE A 1 70  ? -9.665  0.417   0.590   1.00 0.00 ? 70  ILE A H    1 
ATOM 1119 H HA   . ILE A 1 70  ? -7.801  -1.704  0.186   1.00 0.00 ? 70  ILE A HA   1 
ATOM 1120 H HB   . ILE A 1 70  ? -10.107 -1.558  2.124   1.00 0.00 ? 70  ILE A HB   1 
ATOM 1121 H HG12 . ILE A 1 70  ? -7.925  -0.815  3.574   1.00 0.00 ? 70  ILE A HG12 1 
ATOM 1122 H HG13 . ILE A 1 70  ? -7.556  -0.055  2.038   1.00 0.00 ? 70  ILE A HG13 1 
ATOM 1123 H HG21 . ILE A 1 70  ? -8.713  -3.727  1.642   1.00 0.00 ? 70  ILE A HG21 1 
ATOM 1124 H HG22 . ILE A 1 70  ? -7.487  -2.914  2.644   1.00 0.00 ? 70  ILE A HG22 1 
ATOM 1125 H HG23 . ILE A 1 70  ? -9.102  -3.248  3.313   1.00 0.00 ? 70  ILE A HG23 1 
ATOM 1126 H HD11 . ILE A 1 70  ? -9.250  1.469   2.238   1.00 0.00 ? 70  ILE A HD11 1 
ATOM 1127 H HD12 . ILE A 1 70  ? -10.388 0.259   2.878   1.00 0.00 ? 70  ILE A HD12 1 
ATOM 1128 H HD13 . ILE A 1 70  ? -9.206  1.031   3.963   1.00 0.00 ? 70  ILE A HD13 1 
ATOM 1129 N N    . VAL A 1 71  ? -9.044  -3.263  -1.223  1.00 0.00 ? 71  VAL A N    1 
ATOM 1130 C CA   . VAL A 1 71  ? -9.736  -4.233  -2.055  1.00 0.00 ? 71  VAL A CA   1 
ATOM 1131 C C    . VAL A 1 71  ? -9.599  -5.624  -1.432  1.00 0.00 ? 71  VAL A C    1 
ATOM 1132 O O    . VAL A 1 71  ? -9.619  -5.765  -0.210  1.00 0.00 ? 71  VAL A O    1 
ATOM 1133 C CB   . VAL A 1 71  ? -9.207  -4.166  -3.488  1.00 0.00 ? 71  VAL A CB   1 
ATOM 1134 C CG1  . VAL A 1 71  ? -10.238 -4.708  -4.480  1.00 0.00 ? 71  VAL A CG1  1 
ATOM 1135 C CG2  . VAL A 1 71  ? -8.793  -2.739  -3.853  1.00 0.00 ? 71  VAL A CG2  1 
ATOM 1136 H H    . VAL A 1 71  ? -8.048  -3.264  -1.314  1.00 0.00 ? 71  VAL A H    1 
ATOM 1137 H HA   . VAL A 1 71  ? -10.791 -3.958  -2.071  1.00 0.00 ? 71  VAL A HA   1 
ATOM 1138 H HB   . VAL A 1 71  ? -8.320  -4.797  -3.548  1.00 0.00 ? 71  VAL A HB   1 
ATOM 1139 H HG11 . VAL A 1 71  ? -10.696 -3.879  -5.019  1.00 0.00 ? 71  VAL A HG11 1 
ATOM 1140 H HG12 . VAL A 1 71  ? -9.746  -5.374  -5.188  1.00 0.00 ? 71  VAL A HG12 1 
ATOM 1141 H HG13 . VAL A 1 71  ? -11.008 -5.259  -3.939  1.00 0.00 ? 71  VAL A HG13 1 
ATOM 1142 H HG21 . VAL A 1 71  ? -7.708  -2.687  -3.944  1.00 0.00 ? 71  VAL A HG21 1 
ATOM 1143 H HG22 . VAL A 1 71  ? -9.250  -2.460  -4.803  1.00 0.00 ? 71  VAL A HG22 1 
ATOM 1144 H HG23 . VAL A 1 71  ? -9.126  -2.053  -3.075  1.00 0.00 ? 71  VAL A HG23 1 
ATOM 1145 N N    . SER A 1 72  ? -9.463  -6.616  -2.300  1.00 0.00 ? 72  SER A N    1 
ATOM 1146 C CA   . SER A 1 72  ? -9.323  -7.990  -1.849  1.00 0.00 ? 72  SER A CA   1 
ATOM 1147 C C    . SER A 1 72  ? -10.424 -8.326  -0.841  1.00 0.00 ? 72  SER A C    1 
ATOM 1148 O O    . SER A 1 72  ? -11.608 -8.276  -1.170  1.00 0.00 ? 72  SER A O    1 
ATOM 1149 C CB   . SER A 1 72  ? -7.945  -8.228  -1.230  1.00 0.00 ? 72  SER A CB   1 
ATOM 1150 O OG   . SER A 1 72  ? -7.743  -9.596  -0.885  1.00 0.00 ? 72  SER A OG   1 
ATOM 1151 H H    . SER A 1 72  ? -9.448  -6.492  -3.292  1.00 0.00 ? 72  SER A H    1 
ATOM 1152 H HA   . SER A 1 72  ? -9.427  -8.600  -2.747  1.00 0.00 ? 72  SER A HA   1 
ATOM 1153 H HB2  . SER A 1 72  ? -7.173  -7.914  -1.931  1.00 0.00 ? 72  SER A HB2  1 
ATOM 1154 H HB3  . SER A 1 72  ? -7.836  -7.610  -0.338  1.00 0.00 ? 72  SER A HB3  1 
ATOM 1155 H HG   . SER A 1 72  ? -7.937  -10.179 -1.674  1.00 0.00 ? 72  SER A HG   1 
ATOM 1156 N N    . GLY A 1 73  ? -9.994  -8.659  0.367   1.00 0.00 ? 73  GLY A N    1 
ATOM 1157 C CA   . GLY A 1 73  ? -10.928 -9.003  1.425   1.00 0.00 ? 73  GLY A CA   1 
ATOM 1158 C C    . GLY A 1 73  ? -10.413 -8.531  2.786   1.00 0.00 ? 73  GLY A C    1 
ATOM 1159 O O    . GLY A 1 73  ? -9.598  -9.206  3.414   1.00 0.00 ? 73  GLY A O    1 
ATOM 1160 H H    . GLY A 1 73  ? -9.029  -8.697  0.627   1.00 0.00 ? 73  GLY A H    1 
ATOM 1161 H HA2  . GLY A 1 73  ? -11.897 -8.548  1.222   1.00 0.00 ? 73  GLY A HA2  1 
ATOM 1162 H HA3  . GLY A 1 73  ? -11.080 -10.082 1.444   1.00 0.00 ? 73  GLY A HA3  1 
ATOM 1163 N N    . GLN A 1 74  ? -10.909 -7.376  3.203   1.00 0.00 ? 74  GLN A N    1 
ATOM 1164 C CA   . GLN A 1 74  ? -10.510 -6.806  4.479   1.00 0.00 ? 74  GLN A CA   1 
ATOM 1165 C C    . GLN A 1 74  ? -11.078 -7.634  5.632   1.00 0.00 ? 74  GLN A C    1 
ATOM 1166 O O    . GLN A 1 74  ? -10.573 -7.576  6.752   1.00 0.00 ? 74  GLN A O    1 
ATOM 1167 C CB   . GLN A 1 74  ? -10.945 -5.343  4.587   1.00 0.00 ? 74  GLN A CB   1 
ATOM 1168 C CG   . GLN A 1 74  ? -12.193 -5.079  3.742   1.00 0.00 ? 74  GLN A CG   1 
ATOM 1169 C CD   . GLN A 1 74  ? -12.947 -3.846  4.248   1.00 0.00 ? 74  GLN A CD   1 
ATOM 1170 O OE1  . GLN A 1 74  ? -12.918 -2.783  3.652   1.00 0.00 ? 74  GLN A OE1  1 
ATOM 1171 N NE2  . GLN A 1 74  ? -13.620 -4.050  5.375   1.00 0.00 ? 74  GLN A NE2  1 
ATOM 1172 H H    . GLN A 1 74  ? -11.572 -6.833  2.687   1.00 0.00 ? 74  GLN A H    1 
ATOM 1173 H HA   . GLN A 1 74  ? -9.420  -6.855  4.489   1.00 0.00 ? 74  GLN A HA   1 
ATOM 1174 H HB2  . GLN A 1 74  ? -11.148 -5.097  5.629   1.00 0.00 ? 74  GLN A HB2  1 
ATOM 1175 H HB3  . GLN A 1 74  ? -10.134 -4.694  4.258   1.00 0.00 ? 74  GLN A HB3  1 
ATOM 1176 H HG2  . GLN A 1 74  ? -11.907 -4.934  2.700   1.00 0.00 ? 74  GLN A HG2  1 
ATOM 1177 H HG3  . GLN A 1 74  ? -12.849 -5.950  3.774   1.00 0.00 ? 74  GLN A HG3  1 
ATOM 1178 H HE21 . GLN A 1 74  ? -13.602 -4.948  5.814   1.00 0.00 ? 74  GLN A HE21 1 
ATOM 1179 H HE22 . GLN A 1 74  ? -14.145 -3.304  5.786   1.00 0.00 ? 74  GLN A HE22 1 
ATOM 1180 N N    . LYS A 1 75  ? -12.124 -8.386  5.319   1.00 0.00 ? 75  LYS A N    1 
ATOM 1181 C CA   . LYS A 1 75  ? -12.767 -9.225  6.317   1.00 0.00 ? 75  LYS A CA   1 
ATOM 1182 C C    . LYS A 1 75  ? -11.707 -10.059 7.036   1.00 0.00 ? 75  LYS A C    1 
ATOM 1183 O O    . LYS A 1 75  ? -11.789 -10.264 8.246   1.00 0.00 ? 75  LYS A O    1 
ATOM 1184 C CB   . LYS A 1 75  ? -13.878 -10.061 5.676   1.00 0.00 ? 75  LYS A CB   1 
ATOM 1185 C CG   . LYS A 1 75  ? -14.601 -9.270  4.586   1.00 0.00 ? 75  LYS A CG   1 
ATOM 1186 C CD   . LYS A 1 75  ? -16.093 -9.608  4.560   1.00 0.00 ? 75  LYS A CD   1 
ATOM 1187 C CE   . LYS A 1 75  ? -16.319 -11.050 4.100   1.00 0.00 ? 75  LYS A CE   1 
ATOM 1188 N NZ   . LYS A 1 75  ? -17.387 -11.105 3.076   1.00 0.00 ? 75  LYS A NZ   1 
ATOM 1189 H H    . LYS A 1 75  ? -12.529 -8.428  4.406   1.00 0.00 ? 75  LYS A H    1 
ATOM 1190 H HA   . LYS A 1 75  ? -13.240 -8.565  7.044   1.00 0.00 ? 75  LYS A HA   1 
ATOM 1191 H HB2  . LYS A 1 75  ? -13.454 -10.971 5.250   1.00 0.00 ? 75  LYS A HB2  1 
ATOM 1192 H HB3  . LYS A 1 75  ? -14.591 -10.370 6.440   1.00 0.00 ? 75  LYS A HB3  1 
ATOM 1193 H HG2  . LYS A 1 75  ? -14.470 -8.201  4.760   1.00 0.00 ? 75  LYS A HG2  1 
ATOM 1194 H HG3  . LYS A 1 75  ? -14.157 -9.491  3.615   1.00 0.00 ? 75  LYS A HG3  1 
ATOM 1195 H HD2  . LYS A 1 75  ? -16.519 -9.469  5.553   1.00 0.00 ? 75  LYS A HD2  1 
ATOM 1196 H HD3  . LYS A 1 75  ? -16.614 -8.924  3.891   1.00 0.00 ? 75  LYS A HD3  1 
ATOM 1197 H HE2  . LYS A 1 75  ? -15.394 -11.458 3.692   1.00 0.00 ? 75  LYS A HE2  1 
ATOM 1198 H HE3  . LYS A 1 75  ? -16.593 -11.671 4.953   1.00 0.00 ? 75  LYS A HE3  1 
ATOM 1199 H HZ1  . LYS A 1 75  ? -18.105 -11.733 3.377   1.00 0.00 ? 75  LYS A HZ1  1 
ATOM 1200 H HZ2  . LYS A 1 75  ? -17.774 -10.192 2.948   1.00 0.00 ? 75  LYS A HZ2  1 
ATOM 1201 H HZ3  . LYS A 1 75  ? -17.002 -11.430 2.211   1.00 0.00 ? 75  LYS A HZ3  1 
ATOM 1202 N N    . SER A 1 76  ? -10.734 -10.519 6.261   1.00 0.00 ? 76  SER A N    1 
ATOM 1203 C CA   . SER A 1 76  ? -9.658  -11.326 6.811   1.00 0.00 ? 76  SER A CA   1 
ATOM 1204 C C    . SER A 1 76  ? -8.395  -10.477 6.967   1.00 0.00 ? 76  SER A C    1 
ATOM 1205 O O    . SER A 1 76  ? -7.288  -11.011 7.029   1.00 0.00 ? 76  SER A O    1 
ATOM 1206 C CB   . SER A 1 76  ? -9.375  -12.542 5.926   1.00 0.00 ? 76  SER A CB   1 
ATOM 1207 O OG   . SER A 1 76  ? -9.393  -13.758 6.666   1.00 0.00 ? 76  SER A OG   1 
ATOM 1208 H H    . SER A 1 76  ? -10.674 -10.347 5.278   1.00 0.00 ? 76  SER A H    1 
ATOM 1209 H HA   . SER A 1 76  ? -10.016 -11.662 7.783   1.00 0.00 ? 76  SER A HA   1 
ATOM 1210 H HB2  . SER A 1 76  ? -10.118 -12.591 5.129   1.00 0.00 ? 76  SER A HB2  1 
ATOM 1211 H HB3  . SER A 1 76  ? -8.403  -12.423 5.446   1.00 0.00 ? 76  SER A HB3  1 
ATOM 1212 H HG   . SER A 1 76  ? -8.873  -13.650 7.514   1.00 0.00 ? 76  SER A HG   1 
ATOM 1213 N N    . ARG A 1 77  ? -8.602  -9.171  7.027   1.00 0.00 ? 77  ARG A N    1 
ATOM 1214 C CA   . ARG A 1 77  ? -7.493  -8.243  7.175   1.00 0.00 ? 77  ARG A CA   1 
ATOM 1215 C C    . ARG A 1 77  ? -6.680  -8.176  5.881   1.00 0.00 ? 77  ARG A C    1 
ATOM 1216 O O    . ARG A 1 77  ? -6.352  -7.091  5.405   1.00 0.00 ? 77  ARG A O    1 
ATOM 1217 C CB   . ARG A 1 77  ? -6.576  -8.661  8.326   1.00 0.00 ? 77  ARG A CB   1 
ATOM 1218 C CG   . ARG A 1 77  ? -5.220  -9.136  7.801   1.00 0.00 ? 77  ARG A CG   1 
ATOM 1219 C CD   . ARG A 1 77  ? -4.279  -9.489  8.954   1.00 0.00 ? 77  ARG A CD   1 
ATOM 1220 N NE   . ARG A 1 77  ? -5.048  -10.075 10.075  1.00 0.00 ? 77  ARG A NE   1 
ATOM 1221 C CZ   . ARG A 1 77  ? -5.592  -9.359  11.067  1.00 0.00 ? 77  ARG A CZ   1 
ATOM 1222 N NH1  . ARG A 1 77  ? -5.453  -8.026  11.086  1.00 0.00 ? 77  ARG A NH1  1 
ATOM 1223 N NH2  . ARG A 1 77  ? -6.274  -9.975  12.043  1.00 0.00 ? 77  ARG A NH2  1 
ATOM 1224 H H    . ARG A 1 77  ? -9.506  -8.744  6.975   1.00 0.00 ? 77  ARG A H    1 
ATOM 1225 H HA   . ARG A 1 77  ? -7.960  -7.283  7.394   1.00 0.00 ? 77  ARG A HA   1 
ATOM 1226 H HB2  . ARG A 1 77  ? -6.433  -7.821  9.005   1.00 0.00 ? 77  ARG A HB2  1 
ATOM 1227 H HB3  . ARG A 1 77  ? -7.047  -9.459  8.901   1.00 0.00 ? 77  ARG A HB3  1 
ATOM 1228 H HG2  . ARG A 1 77  ? -5.358  -10.007 7.160   1.00 0.00 ? 77  ARG A HG2  1 
ATOM 1229 H HG3  . ARG A 1 77  ? -4.771  -8.356  7.186   1.00 0.00 ? 77  ARG A HG3  1 
ATOM 1230 H HD2  . ARG A 1 77  ? -3.521  -10.196 8.614   1.00 0.00 ? 77  ARG A HD2  1 
ATOM 1231 H HD3  . ARG A 1 77  ? -3.752  -8.597  9.292   1.00 0.00 ? 77  ARG A HD3  1 
ATOM 1232 H HE   . ARG A 1 77  ? -5.170  -11.067 10.091  1.00 0.00 ? 77  ARG A HE   1 
ATOM 1233 H HH11 . ARG A 1 77  ? -4.945  -7.566  10.358  1.00 0.00 ? 77  ARG A HH11 1 
ATOM 1234 H HH12 . ARG A 1 77  ? -5.859  -7.492  11.827  1.00 0.00 ? 77  ARG A HH12 1 
ATOM 1235 H HH21 . ARG A 1 77  ? -6.377  -10.969 12.029  1.00 0.00 ? 77  ARG A HH21 1 
ATOM 1236 H HH22 . ARG A 1 77  ? -6.679  -9.440  12.785  1.00 0.00 ? 77  ARG A HH22 1 
ATOM 1237 N N    . GLN A 1 78  ? -6.377  -9.352  5.350   1.00 0.00 ? 78  GLN A N    1 
ATOM 1238 C CA   . GLN A 1 78  ? -5.608  -9.441  4.120   1.00 0.00 ? 78  GLN A CA   1 
ATOM 1239 C C    . GLN A 1 78  ? -6.476  -9.053  2.922   1.00 0.00 ? 78  GLN A C    1 
ATOM 1240 O O    . GLN A 1 78  ? -7.410  -9.771  2.569   1.00 0.00 ? 78  GLN A O    1 
ATOM 1241 C CB   . GLN A 1 78  ? -5.021  -10.843 3.941   1.00 0.00 ? 78  GLN A CB   1 
ATOM 1242 C CG   . GLN A 1 78  ? -3.523  -10.855 4.251   1.00 0.00 ? 78  GLN A CG   1 
ATOM 1243 C CD   . GLN A 1 78  ? -3.181  -11.953 5.261   1.00 0.00 ? 78  GLN A CD   1 
ATOM 1244 O OE1  . GLN A 1 78  ? -2.870  -13.079 4.909   1.00 0.00 ? 78  GLN A OE1  1 
ATOM 1245 N NE2  . GLN A 1 78  ? -3.254  -11.562 6.530   1.00 0.00 ? 78  GLN A NE2  1 
ATOM 1246 H H    . GLN A 1 78  ? -6.647  -10.231 5.744   1.00 0.00 ? 78  GLN A H    1 
ATOM 1247 H HA   . GLN A 1 78  ? -4.794  -8.725  4.235   1.00 0.00 ? 78  GLN A HA   1 
ATOM 1248 H HB2  . GLN A 1 78  ? -5.538  -11.544 4.597   1.00 0.00 ? 78  GLN A HB2  1 
ATOM 1249 H HB3  . GLN A 1 78  ? -5.186  -11.183 2.919   1.00 0.00 ? 78  GLN A HB3  1 
ATOM 1250 H HG2  . GLN A 1 78  ? -2.959  -11.012 3.333   1.00 0.00 ? 78  GLN A HG2  1 
ATOM 1251 H HG3  . GLN A 1 78  ? -3.223  -9.884  4.648   1.00 0.00 ? 78  GLN A HG3  1 
ATOM 1252 H HE21 . GLN A 1 78  ? -3.515  -10.622 6.751   1.00 0.00 ? 78  GLN A HE21 1 
ATOM 1253 H HE22 . GLN A 1 78  ? -3.048  -12.209 7.264   1.00 0.00 ? 78  GLN A HE22 1 
ATOM 1254 N N    . LYS A 1 79  ? -6.137  -7.918  2.329   1.00 0.00 ? 79  LYS A N    1 
ATOM 1255 C CA   . LYS A 1 79  ? -6.872  -7.425  1.177   1.00 0.00 ? 79  LYS A CA   1 
ATOM 1256 C C    . LYS A 1 79  ? -5.894  -6.802  0.180   1.00 0.00 ? 79  LYS A C    1 
ATOM 1257 O O    . LYS A 1 79  ? -4.683  -6.985  0.297   1.00 0.00 ? 79  LYS A O    1 
ATOM 1258 C CB   . LYS A 1 79  ? -7.987  -6.474  1.621   1.00 0.00 ? 79  LYS A CB   1 
ATOM 1259 C CG   . LYS A 1 79  ? -7.827  -6.091  3.093   1.00 0.00 ? 79  LYS A CG   1 
ATOM 1260 C CD   . LYS A 1 79  ? -6.523  -5.324  3.321   1.00 0.00 ? 79  LYS A CD   1 
ATOM 1261 C CE   . LYS A 1 79  ? -6.065  -4.628  2.038   1.00 0.00 ? 79  LYS A CE   1 
ATOM 1262 N NZ   . LYS A 1 79  ? -5.281  -3.414  2.358   1.00 0.00 ? 79  LYS A NZ   1 
ATOM 1263 H H    . LYS A 1 79  ? -5.375  -7.339  2.622   1.00 0.00 ? 79  LYS A H    1 
ATOM 1264 H HA   . LYS A 1 79  ? -7.350  -8.282  0.704   1.00 0.00 ? 79  LYS A HA   1 
ATOM 1265 H HB2  . LYS A 1 79  ? -7.971  -5.576  1.003   1.00 0.00 ? 79  LYS A HB2  1 
ATOM 1266 H HB3  . LYS A 1 79  ? -8.956  -6.949  1.468   1.00 0.00 ? 79  LYS A HB3  1 
ATOM 1267 H HG2  . LYS A 1 79  ? -8.673  -5.479  3.408   1.00 0.00 ? 79  LYS A HG2  1 
ATOM 1268 H HG3  . LYS A 1 79  ? -7.837  -6.989  3.710   1.00 0.00 ? 79  LYS A HG3  1 
ATOM 1269 H HD2  . LYS A 1 79  ? -6.665  -4.584  4.109   1.00 0.00 ? 79  LYS A HD2  1 
ATOM 1270 H HD3  . LYS A 1 79  ? -5.748  -6.009  3.664   1.00 0.00 ? 79  LYS A HD3  1 
ATOM 1271 H HE2  . LYS A 1 79  ? -5.461  -5.311  1.442   1.00 0.00 ? 79  LYS A HE2  1 
ATOM 1272 H HE3  . LYS A 1 79  ? -6.932  -4.359  1.433   1.00 0.00 ? 79  LYS A HE3  1 
ATOM 1273 H HZ1  . LYS A 1 79  ? -5.620  -2.645  1.815   1.00 0.00 ? 79  LYS A HZ1  1 
ATOM 1274 H HZ2  . LYS A 1 79  ? -5.376  -3.203  3.331   1.00 0.00 ? 79  LYS A HZ2  1 
ATOM 1275 H HZ3  . LYS A 1 79  ? -4.317  -3.574  2.144   1.00 0.00 ? 79  LYS A HZ3  1 
ATOM 1276 N N    . THR A 1 80  ? -6.455  -6.081  -0.779  1.00 0.00 ? 80  THR A N    1 
ATOM 1277 C CA   . THR A 1 80  ? -5.648  -5.431  -1.797  1.00 0.00 ? 80  THR A CA   1 
ATOM 1278 C C    . THR A 1 80  ? -5.959  -3.933  -1.848  1.00 0.00 ? 80  THR A C    1 
ATOM 1279 O O    . THR A 1 80  ? -7.114  -3.540  -2.001  1.00 0.00 ? 80  THR A O    1 
ATOM 1280 C CB   . THR A 1 80  ? -5.893  -6.148  -3.126  1.00 0.00 ? 80  THR A CB   1 
ATOM 1281 O OG1  . THR A 1 80  ? -4.903  -7.171  -3.156  1.00 0.00 ? 80  THR A OG1  1 
ATOM 1282 C CG2  . THR A 1 80  ? -5.561  -5.271  -4.335  1.00 0.00 ? 80  THR A CG2  1 
ATOM 1283 H H    . THR A 1 80  ? -7.441  -5.938  -0.867  1.00 0.00 ? 80  THR A H    1 
ATOM 1284 H HA   . THR A 1 80  ? -4.599  -5.529  -1.518  1.00 0.00 ? 80  THR A HA   1 
ATOM 1285 H HB   . THR A 1 80  ? -6.916  -6.520  -3.184  1.00 0.00 ? 80  THR A HB   1 
ATOM 1286 H HG1  . THR A 1 80  ? -4.075  -6.832  -3.605  1.00 0.00 ? 80  THR A HG1  1 
ATOM 1287 H HG21 . THR A 1 80  ? -4.919  -5.824  -5.019  1.00 0.00 ? 80  THR A HG21 1 
ATOM 1288 H HG22 . THR A 1 80  ? -6.484  -4.992  -4.845  1.00 0.00 ? 80  THR A HG22 1 
ATOM 1289 H HG23 . THR A 1 80  ? -5.046  -4.371  -4.000  1.00 0.00 ? 80  THR A HG23 1 
ATOM 1290 N N    . ILE A 1 81  ? -4.906  -3.138  -1.717  1.00 0.00 ? 81  ILE A N    1 
ATOM 1291 C CA   . ILE A 1 81  ? -5.053  -1.693  -1.745  1.00 0.00 ? 81  ILE A CA   1 
ATOM 1292 C C    . ILE A 1 81  ? -5.049  -1.214  -3.199  1.00 0.00 ? 81  ILE A C    1 
ATOM 1293 O O    . ILE A 1 81  ? -4.041  -1.333  -3.893  1.00 0.00 ? 81  ILE A O    1 
ATOM 1294 C CB   . ILE A 1 81  ? -3.983  -1.029  -0.877  1.00 0.00 ? 81  ILE A CB   1 
ATOM 1295 C CG1  . ILE A 1 81  ? -2.591  -1.211  -1.485  1.00 0.00 ? 81  ILE A CG1  1 
ATOM 1296 C CG2  . ILE A 1 81  ? -4.050  -1.542  0.563   1.00 0.00 ? 81  ILE A CG2  1 
ATOM 1297 C CD1  . ILE A 1 81  ? -1.566  -0.316  -0.786  1.00 0.00 ? 81  ILE A CD1  1 
ATOM 1298 H H    . ILE A 1 81  ? -3.970  -3.467  -1.592  1.00 0.00 ? 81  ILE A H    1 
ATOM 1299 H HA   . ILE A 1 81  ? -6.021  -1.454  -1.305  1.00 0.00 ? 81  ILE A HA   1 
ATOM 1300 H HB   . ILE A 1 81  ? -4.184  0.042   -0.847  1.00 0.00 ? 81  ILE A HB   1 
ATOM 1301 H HG12 . ILE A 1 81  ? -2.287  -2.254  -1.401  1.00 0.00 ? 81  ILE A HG12 1 
ATOM 1302 H HG13 . ILE A 1 81  ? -2.622  -0.972  -2.548  1.00 0.00 ? 81  ILE A HG13 1 
ATOM 1303 H HG21 . ILE A 1 81  ? -4.906  -1.095  1.068   1.00 0.00 ? 81  ILE A HG21 1 
ATOM 1304 H HG22 . ILE A 1 81  ? -4.156  -2.626  0.558   1.00 0.00 ? 81  ILE A HG22 1 
ATOM 1305 H HG23 . ILE A 1 81  ? -3.136  -1.269  1.089   1.00 0.00 ? 81  ILE A HG23 1 
ATOM 1306 H HD11 . ILE A 1 81  ? -1.800  0.730   -0.985  1.00 0.00 ? 81  ILE A HD11 1 
ATOM 1307 H HD12 . ILE A 1 81  ? -1.598  -0.497  0.289   1.00 0.00 ? 81  ILE A HD12 1 
ATOM 1308 H HD13 . ILE A 1 81  ? -0.568  -0.544  -1.162  1.00 0.00 ? 81  ILE A HD13 1 
ATOM 1309 N N    . ARG A 1 82  ? -6.189  -0.682  -3.615  1.00 0.00 ? 82  ARG A N    1 
ATOM 1310 C CA   . ARG A 1 82  ? -6.330  -0.184  -4.973  1.00 0.00 ? 82  ARG A CA   1 
ATOM 1311 C C    . ARG A 1 82  ? -6.117  1.331   -5.008  1.00 0.00 ? 82  ARG A C    1 
ATOM 1312 O O    . ARG A 1 82  ? -6.887  2.084   -4.412  1.00 0.00 ? 82  ARG A O    1 
ATOM 1313 C CB   . ARG A 1 82  ? -7.714  -0.511  -5.539  1.00 0.00 ? 82  ARG A CB   1 
ATOM 1314 C CG   . ARG A 1 82  ? -7.963  0.241   -6.847  1.00 0.00 ? 82  ARG A CG   1 
ATOM 1315 C CD   . ARG A 1 82  ? -9.379  -0.013  -7.365  1.00 0.00 ? 82  ARG A CD   1 
ATOM 1316 N NE   . ARG A 1 82  ? -9.332  -0.874  -8.569  1.00 0.00 ? 82  ARG A NE   1 
ATOM 1317 C CZ   . ARG A 1 82  ? -9.153  -0.413  -9.815  1.00 0.00 ? 82  ARG A CZ   1 
ATOM 1318 N NH1  . ARG A 1 82  ? -9.006  0.901   -10.028 1.00 0.00 ? 82  ARG A NH1  1 
ATOM 1319 N NH2  . ARG A 1 82  ? -9.123  -1.267  -10.847 1.00 0.00 ? 82  ARG A NH2  1 
ATOM 1320 H H    . ARG A 1 82  ? -7.005  -0.588  -3.044  1.00 0.00 ? 82  ARG A H    1 
ATOM 1321 H HA   . ARG A 1 82  ? -5.558  -0.701  -5.541  1.00 0.00 ? 82  ARG A HA   1 
ATOM 1322 H HB2  . ARG A 1 82  ? -7.796  -1.584  -5.711  1.00 0.00 ? 82  ARG A HB2  1 
ATOM 1323 H HB3  . ARG A 1 82  ? -8.481  -0.245  -4.811  1.00 0.00 ? 82  ARG A HB3  1 
ATOM 1324 H HG2  . ARG A 1 82  ? -7.816  1.310   -6.691  1.00 0.00 ? 82  ARG A HG2  1 
ATOM 1325 H HG3  . ARG A 1 82  ? -7.236  -0.074  -7.596  1.00 0.00 ? 82  ARG A HG3  1 
ATOM 1326 H HD2  . ARG A 1 82  ? -9.978  -0.492  -6.590  1.00 0.00 ? 82  ARG A HD2  1 
ATOM 1327 H HD3  . ARG A 1 82  ? -9.864  0.933   -7.604  1.00 0.00 ? 82  ARG A HD3  1 
ATOM 1328 H HE   . ARG A 1 82  ? -9.439  -1.860  -8.445  1.00 0.00 ? 82  ARG A HE   1 
ATOM 1329 H HH11 . ARG A 1 82  ? -9.028  1.539   -9.258  1.00 0.00 ? 82  ARG A HH11 1 
ATOM 1330 H HH12 . ARG A 1 82  ? -8.872  1.245   -10.958 1.00 0.00 ? 82  ARG A HH12 1 
ATOM 1331 H HH21 . ARG A 1 82  ? -9.235  -2.248  -10.688 1.00 0.00 ? 82  ARG A HH21 1 
ATOM 1332 H HH22 . ARG A 1 82  ? -8.991  -0.924  -11.777 1.00 0.00 ? 82  ARG A HH22 1 
ATOM 1333 N N    . ILE A 1 83  ? -5.069  1.733   -5.712  1.00 0.00 ? 83  ILE A N    1 
ATOM 1334 C CA   . ILE A 1 83  ? -4.745  3.144   -5.831  1.00 0.00 ? 83  ILE A CA   1 
ATOM 1335 C C    . ILE A 1 83  ? -5.293  3.678   -7.157  1.00 0.00 ? 83  ILE A C    1 
ATOM 1336 O O    . ILE A 1 83  ? -5.105  3.059   -8.204  1.00 0.00 ? 83  ILE A O    1 
ATOM 1337 C CB   . ILE A 1 83  ? -3.243  3.366   -5.654  1.00 0.00 ? 83  ILE A CB   1 
ATOM 1338 C CG1  . ILE A 1 83  ? -2.689  2.493   -4.525  1.00 0.00 ? 83  ILE A CG1  1 
ATOM 1339 C CG2  . ILE A 1 83  ? -2.929  4.848   -5.438  1.00 0.00 ? 83  ILE A CG2  1 
ATOM 1340 C CD1  . ILE A 1 83  ? -1.515  3.181   -3.825  1.00 0.00 ? 83  ILE A CD1  1 
ATOM 1341 H H    . ILE A 1 83  ? -4.448  1.114   -6.193  1.00 0.00 ? 83  ILE A H    1 
ATOM 1342 H HA   . ILE A 1 83  ? -5.247  3.665   -5.017  1.00 0.00 ? 83  ILE A HA   1 
ATOM 1343 H HB   . ILE A 1 83  ? -2.740  3.061   -6.572  1.00 0.00 ? 83  ILE A HB   1 
ATOM 1344 H HG12 . ILE A 1 83  ? -3.477  2.286   -3.802  1.00 0.00 ? 83  ILE A HG12 1 
ATOM 1345 H HG13 . ILE A 1 83  ? -2.366  1.534   -4.928  1.00 0.00 ? 83  ILE A HG13 1 
ATOM 1346 H HG21 . ILE A 1 83  ? -1.924  5.064   -5.803  1.00 0.00 ? 83  ILE A HG21 1 
ATOM 1347 H HG22 . ILE A 1 83  ? -3.651  5.455   -5.983  1.00 0.00 ? 83  ILE A HG22 1 
ATOM 1348 H HG23 . ILE A 1 83  ? -2.987  5.081   -4.375  1.00 0.00 ? 83  ILE A HG23 1 
ATOM 1349 H HD11 . ILE A 1 83  ? -0.959  2.447   -3.241  1.00 0.00 ? 83  ILE A HD11 1 
ATOM 1350 H HD12 . ILE A 1 83  ? -0.857  3.625   -4.572  1.00 0.00 ? 83  ILE A HD12 1 
ATOM 1351 H HD13 . ILE A 1 83  ? -1.893  3.961   -3.164  1.00 0.00 ? 83  ILE A HD13 1 
ATOM 1352 N N    . GLN A 1 84  ? -5.958  4.820   -7.069  1.00 0.00 ? 84  GLN A N    1 
ATOM 1353 C CA   . GLN A 1 84  ? -6.534  5.443   -8.249  1.00 0.00 ? 84  GLN A CA   1 
ATOM 1354 C C    . GLN A 1 84  ? -5.670  6.622   -8.701  1.00 0.00 ? 84  GLN A C    1 
ATOM 1355 O O    . GLN A 1 84  ? -5.212  7.412   -7.877  1.00 0.00 ? 84  GLN A O    1 
ATOM 1356 C CB   . GLN A 1 84  ? -7.974  5.888   -7.986  1.00 0.00 ? 84  GLN A CB   1 
ATOM 1357 C CG   . GLN A 1 84  ? -8.668  6.295   -9.287  1.00 0.00 ? 84  GLN A CG   1 
ATOM 1358 C CD   . GLN A 1 84  ? -9.976  7.036   -9.003  1.00 0.00 ? 84  GLN A CD   1 
ATOM 1359 O OE1  . GLN A 1 84  ? -9.996  8.117   -8.436  1.00 0.00 ? 84  GLN A OE1  1 
ATOM 1360 N NE2  . GLN A 1 84  ? -11.063 6.397   -9.427  1.00 0.00 ? 84  GLN A NE2  1 
ATOM 1361 H H    . GLN A 1 84  ? -6.106  5.317   -6.214  1.00 0.00 ? 84  GLN A H    1 
ATOM 1362 H HA   . GLN A 1 84  ? -6.533  4.668   -9.015  1.00 0.00 ? 84  GLN A HA   1 
ATOM 1363 H HB2  . GLN A 1 84  ? -8.528  5.077   -7.513  1.00 0.00 ? 84  GLN A HB2  1 
ATOM 1364 H HB3  . GLN A 1 84  ? -7.979  6.726   -7.290  1.00 0.00 ? 84  GLN A HB3  1 
ATOM 1365 H HG2  . GLN A 1 84  ? -8.005  6.932   -9.874  1.00 0.00 ? 84  GLN A HG2  1 
ATOM 1366 H HG3  . GLN A 1 84  ? -8.872  5.408   -9.888  1.00 0.00 ? 84  GLN A HG3  1 
ATOM 1367 H HE21 . GLN A 1 84  ? -10.976 5.514   -9.886  1.00 0.00 ? 84  GLN A HE21 1 
ATOM 1368 H HE22 . GLN A 1 84  ? -11.967 6.802   -9.286  1.00 0.00 ? 84  GLN A HE22 1 
ATOM 1369 N N    . GLY A 1 85  ? -5.473  6.704   -10.009 1.00 0.00 ? 85  GLY A N    1 
ATOM 1370 C CA   . GLY A 1 85  ? -4.673  7.773   -10.581 1.00 0.00 ? 85  GLY A CA   1 
ATOM 1371 C C    . GLY A 1 85  ? -3.179  7.467   -10.454 1.00 0.00 ? 85  GLY A C    1 
ATOM 1372 O O    . GLY A 1 85  ? -2.343  8.229   -10.935 1.00 0.00 ? 85  GLY A O    1 
ATOM 1373 H H    . GLY A 1 85  ? -5.851  6.056   -10.672 1.00 0.00 ? 85  GLY A H    1 
ATOM 1374 H HA2  . GLY A 1 85  ? -4.934  7.905   -11.631 1.00 0.00 ? 85  GLY A HA2  1 
ATOM 1375 H HA3  . GLY A 1 85  ? -4.900  8.712   -10.075 1.00 0.00 ? 85  GLY A HA3  1 
ATOM 1376 N N    . MET A 1 86  ? -2.890  6.350   -9.803  1.00 0.00 ? 86  MET A N    1 
ATOM 1377 C CA   . MET A 1 86  ? -1.511  5.934   -9.607  1.00 0.00 ? 86  MET A CA   1 
ATOM 1378 C C    . MET A 1 86  ? -1.197  4.676   -10.419 1.00 0.00 ? 86  MET A C    1 
ATOM 1379 O O    . MET A 1 86  ? -2.105  4.013   -10.920 1.00 0.00 ? 86  MET A O    1 
ATOM 1380 C CB   . MET A 1 86  ? -1.268  5.658   -8.122  1.00 0.00 ? 86  MET A CB   1 
ATOM 1381 C CG   . MET A 1 86  ? -0.349  4.449   -7.933  1.00 0.00 ? 86  MET A CG   1 
ATOM 1382 S SD   . MET A 1 86  ? 0.554   4.601   -6.401  1.00 0.00 ? 86  MET A SD   1 
ATOM 1383 C CE   . MET A 1 86  ? 1.353   6.175   -6.668  1.00 0.00 ? 86  MET A CE   1 
ATOM 1384 H H    . MET A 1 86  ? -3.576  5.735   -9.414  1.00 0.00 ? 86  MET A H    1 
ATOM 1385 H HA   . MET A 1 86  ? -0.902  6.766   -9.961  1.00 0.00 ? 86  MET A HA   1 
ATOM 1386 H HB2  . MET A 1 86  ? -0.821  6.534   -7.654  1.00 0.00 ? 86  MET A HB2  1 
ATOM 1387 H HB3  . MET A 1 86  ? -2.219  5.477   -7.621  1.00 0.00 ? 86  MET A HB3  1 
ATOM 1388 H HG2  . MET A 1 86  ? -0.938  3.531   -7.927  1.00 0.00 ? 86  MET A HG2  1 
ATOM 1389 H HG3  . MET A 1 86  ? 0.347   4.376   -8.768  1.00 0.00 ? 86  MET A HG3  1 
ATOM 1390 H HE1  . MET A 1 86  ? 1.061   6.869   -5.879  1.00 0.00 ? 86  MET A HE1  1 
ATOM 1391 H HE2  . MET A 1 86  ? 2.434   6.040   -6.651  1.00 0.00 ? 86  MET A HE2  1 
ATOM 1392 H HE3  . MET A 1 86  ? 1.051   6.576   -7.635  1.00 0.00 ? 86  MET A HE3  1 
ATOM 1393 N N    . GLY A 1 87  ? 0.091   4.385   -10.525 1.00 0.00 ? 87  GLY A N    1 
ATOM 1394 C CA   . GLY A 1 87  ? 0.536   3.218   -11.267 1.00 0.00 ? 87  GLY A CA   1 
ATOM 1395 C C    . GLY A 1 87  ? 1.517   2.383   -10.442 1.00 0.00 ? 87  GLY A C    1 
ATOM 1396 O O    . GLY A 1 87  ? 1.494   2.429   -9.213  1.00 0.00 ? 87  GLY A O    1 
ATOM 1397 H H    . GLY A 1 87  ? 0.823   4.929   -10.115 1.00 0.00 ? 87  GLY A H    1 
ATOM 1398 H HA2  . GLY A 1 87  ? -0.325  2.608   -11.542 1.00 0.00 ? 87  GLY A HA2  1 
ATOM 1399 H HA3  . GLY A 1 87  ? 1.013   3.533   -12.196 1.00 0.00 ? 87  GLY A HA3  1 
ATOM 1400 N N    . ARG A 1 88  ? 2.354   1.640   -11.150 1.00 0.00 ? 88  ARG A N    1 
ATOM 1401 C CA   . ARG A 1 88  ? 3.341   0.797   -10.498 1.00 0.00 ? 88  ARG A CA   1 
ATOM 1402 C C    . ARG A 1 88  ? 4.557   1.626   -10.081 1.00 0.00 ? 88  ARG A C    1 
ATOM 1403 O O    . ARG A 1 88  ? 4.891   1.695   -8.900  1.00 0.00 ? 88  ARG A O    1 
ATOM 1404 C CB   . ARG A 1 88  ? 3.796   -0.334  -11.422 1.00 0.00 ? 88  ARG A CB   1 
ATOM 1405 C CG   . ARG A 1 88  ? 3.913   -1.655  -10.657 1.00 0.00 ? 88  ARG A CG   1 
ATOM 1406 C CD   . ARG A 1 88  ? 4.176   -2.821  -11.612 1.00 0.00 ? 88  ARG A CD   1 
ATOM 1407 N NE   . ARG A 1 88  ? 3.630   -4.074  -11.044 1.00 0.00 ? 88  ARG A NE   1 
ATOM 1408 C CZ   . ARG A 1 88  ? 3.969   -5.300  -11.466 1.00 0.00 ? 88  ARG A CZ   1 
ATOM 1409 N NH1  . ARG A 1 88  ? 4.855   -5.445  -12.461 1.00 0.00 ? 88  ARG A NH1  1 
ATOM 1410 N NH2  . ARG A 1 88  ? 3.424   -6.381  -10.892 1.00 0.00 ? 88  ARG A NH2  1 
ATOM 1411 H H    . ARG A 1 88  ? 2.365   1.609   -12.150 1.00 0.00 ? 88  ARG A H    1 
ATOM 1412 H HA   . ARG A 1 88  ? 2.827   0.390   -9.626  1.00 0.00 ? 88  ARG A HA   1 
ATOM 1413 H HB2  . ARG A 1 88  ? 3.087   -0.447  -12.242 1.00 0.00 ? 88  ARG A HB2  1 
ATOM 1414 H HB3  . ARG A 1 88  ? 4.759   -0.081  -11.866 1.00 0.00 ? 88  ARG A HB3  1 
ATOM 1415 H HG2  . ARG A 1 88  ? 4.720   -1.588  -9.928  1.00 0.00 ? 88  ARG A HG2  1 
ATOM 1416 H HG3  . ARG A 1 88  ? 2.994   -1.838  -10.099 1.00 0.00 ? 88  ARG A HG3  1 
ATOM 1417 H HD2  . ARG A 1 88  ? 3.716   -2.619  -12.580 1.00 0.00 ? 88  ARG A HD2  1 
ATOM 1418 H HD3  . ARG A 1 88  ? 5.247   -2.925  -11.785 1.00 0.00 ? 88  ARG A HD3  1 
ATOM 1419 H HE   . ARG A 1 88  ? 2.967   -4.001  -10.300 1.00 0.00 ? 88  ARG A HE   1 
ATOM 1420 H HH11 . ARG A 1 88  ? 5.263   -4.638  -12.890 1.00 0.00 ? 88  ARG A HH11 1 
ATOM 1421 H HH12 . ARG A 1 88  ? 5.109   -6.360  -12.775 1.00 0.00 ? 88  ARG A HH12 1 
ATOM 1422 H HH21 . ARG A 1 88  ? 2.764   -6.272  -10.149 1.00 0.00 ? 88  ARG A HH21 1 
ATOM 1423 H HH22 . ARG A 1 88  ? 3.677   -7.295  -11.206 1.00 0.00 ? 88  ARG A HH22 1 
ATOM 1424 N N    . ASP A 1 89  ? 5.185   2.236   -11.076 1.00 0.00 ? 89  ASP A N    1 
ATOM 1425 C CA   . ASP A 1 89  ? 6.358   3.058   -10.828 1.00 0.00 ? 89  ASP A CA   1 
ATOM 1426 C C    . ASP A 1 89  ? 6.048   4.055   -9.710  1.00 0.00 ? 89  ASP A C    1 
ATOM 1427 O O    . ASP A 1 89  ? 6.901   4.333   -8.868  1.00 0.00 ? 89  ASP A O    1 
ATOM 1428 C CB   . ASP A 1 89  ? 6.746   3.853   -12.076 1.00 0.00 ? 89  ASP A CB   1 
ATOM 1429 C CG   . ASP A 1 89  ? 7.125   3.005   -13.292 1.00 0.00 ? 89  ASP A CG   1 
ATOM 1430 O OD1  . ASP A 1 89  ? 6.617   1.866   -13.369 1.00 0.00 ? 89  ASP A OD1  1 
ATOM 1431 O OD2  . ASP A 1 89  ? 7.916   3.515   -14.115 1.00 0.00 ? 89  ASP A OD2  1 
ATOM 1432 H H    . ASP A 1 89  ? 4.908   2.174   -12.035 1.00 0.00 ? 89  ASP A H    1 
ATOM 1433 H HA   . ASP A 1 89  ? 7.147   2.357   -10.556 1.00 0.00 ? 89  ASP A HA   1 
ATOM 1434 H HB2  . ASP A 1 89  ? 5.913   4.501   -12.350 1.00 0.00 ? 89  ASP A HB2  1 
ATOM 1435 H HB3  . ASP A 1 89  ? 7.587   4.502   -11.828 1.00 0.00 ? 89  ASP A HB3  1 
ATOM 1436 N N    . LEU A 1 90  ? 4.826   4.566   -9.737  1.00 0.00 ? 90  LEU A N    1 
ATOM 1437 C CA   . LEU A 1 90  ? 4.394   5.526   -8.736  1.00 0.00 ? 90  LEU A CA   1 
ATOM 1438 C C    . LEU A 1 90  ? 4.598   4.929   -7.342  1.00 0.00 ? 90  LEU A C    1 
ATOM 1439 O O    . LEU A 1 90  ? 5.426   5.413   -6.571  1.00 0.00 ? 90  LEU A O    1 
ATOM 1440 C CB   . LEU A 1 90  ? 2.957   5.974   -9.009  1.00 0.00 ? 90  LEU A CB   1 
ATOM 1441 C CG   . LEU A 1 90  ? 2.616   6.284   -10.468 1.00 0.00 ? 90  LEU A CG   1 
ATOM 1442 C CD1  . LEU A 1 90  ? 1.382   7.183   -10.565 1.00 0.00 ? 90  LEU A CD1  1 
ATOM 1443 C CD2  . LEU A 1 90  ? 3.820   6.883   -11.197 1.00 0.00 ? 90  LEU A CD2  1 
ATOM 1444 H H    . LEU A 1 90  ? 4.138   4.335   -10.426 1.00 0.00 ? 90  LEU A H    1 
ATOM 1445 H HA   . LEU A 1 90  ? 5.030   6.406   -8.832  1.00 0.00 ? 90  LEU A HA   1 
ATOM 1446 H HB2  . LEU A 1 90  ? 2.281   5.195   -8.656  1.00 0.00 ? 90  LEU A HB2  1 
ATOM 1447 H HB3  . LEU A 1 90  ? 2.755   6.865   -8.413  1.00 0.00 ? 90  LEU A HB3  1 
ATOM 1448 H HG   . LEU A 1 90  ? 2.371   5.346   -10.968 1.00 0.00 ? 90  LEU A HG   1 
ATOM 1449 H HD11 . LEU A 1 90  ? 0.641   6.715   -11.214 1.00 0.00 ? 90  LEU A HD11 1 
ATOM 1450 H HD12 . LEU A 1 90  ? 0.957   7.323   -9.571  1.00 0.00 ? 90  LEU A HD12 1 
ATOM 1451 H HD13 . LEU A 1 90  ? 1.669   8.150   -10.978 1.00 0.00 ? 90  LEU A HD13 1 
ATOM 1452 H HD21 . LEU A 1 90  ? 4.377   6.089   -11.693 1.00 0.00 ? 90  LEU A HD21 1 
ATOM 1453 H HD22 . LEU A 1 90  ? 3.474   7.602   -11.940 1.00 0.00 ? 90  LEU A HD22 1 
ATOM 1454 H HD23 . LEU A 1 90  ? 4.466   7.387   -10.478 1.00 0.00 ? 90  LEU A HD23 1 
ATOM 1455 N N    . PHE A 1 91  ? 3.829   3.888   -7.061  1.00 0.00 ? 91  PHE A N    1 
ATOM 1456 C CA   . PHE A 1 91  ? 3.914   3.220   -5.773  1.00 0.00 ? 91  PHE A CA   1 
ATOM 1457 C C    . PHE A 1 91  ? 5.364   2.868   -5.434  1.00 0.00 ? 91  PHE A C    1 
ATOM 1458 O O    . PHE A 1 91  ? 5.809   3.073   -4.305  1.00 0.00 ? 91  PHE A O    1 
ATOM 1459 C CB   . PHE A 1 91  ? 3.100   1.930   -5.883  1.00 0.00 ? 91  PHE A CB   1 
ATOM 1460 C CG   . PHE A 1 91  ? 3.204   1.023   -4.655  1.00 0.00 ? 91  PHE A CG   1 
ATOM 1461 C CD1  . PHE A 1 91  ? 4.364   0.364   -4.392  1.00 0.00 ? 91  PHE A CD1  1 
ATOM 1462 C CD2  . PHE A 1 91  ? 2.135   0.875   -3.827  1.00 0.00 ? 91  PHE A CD2  1 
ATOM 1463 C CE1  . PHE A 1 91  ? 4.460   -0.479  -3.253  1.00 0.00 ? 91  PHE A CE1  1 
ATOM 1464 C CE2  . PHE A 1 91  ? 2.231   0.033   -2.688  1.00 0.00 ? 91  PHE A CE2  1 
ATOM 1465 C CZ   . PHE A 1 91  ? 3.391   -0.626  -2.425  1.00 0.00 ? 91  PHE A CZ   1 
ATOM 1466 H H    . PHE A 1 91  ? 3.157   3.501   -7.693  1.00 0.00 ? 91  PHE A H    1 
ATOM 1467 H HA   . PHE A 1 91  ? 3.525   3.911   -5.024  1.00 0.00 ? 91  PHE A HA   1 
ATOM 1468 H HB2  . PHE A 1 91  ? 2.054   2.185   -6.046  1.00 0.00 ? 91  PHE A HB2  1 
ATOM 1469 H HB3  . PHE A 1 91  ? 3.434   1.376   -6.761  1.00 0.00 ? 91  PHE A HB3  1 
ATOM 1470 H HD1  . PHE A 1 91  ? 5.220   0.482   -5.056  1.00 0.00 ? 91  PHE A HD1  1 
ATOM 1471 H HD2  . PHE A 1 91  ? 1.205   1.403   -4.038  1.00 0.00 ? 91  PHE A HD2  1 
ATOM 1472 H HE1  . PHE A 1 91  ? 5.390   -1.006  -3.042  1.00 0.00 ? 91  PHE A HE1  1 
ATOM 1473 H HE2  . PHE A 1 91  ? 1.374   -0.086  -2.025  1.00 0.00 ? 91  PHE A HE2  1 
ATOM 1474 H HZ   . PHE A 1 91  ? 3.465   -1.273  -1.550  1.00 0.00 ? 91  PHE A HZ   1 
ATOM 1475 N N    . LEU A 1 92  ? 6.061   2.343   -6.431  1.00 0.00 ? 92  LEU A N    1 
ATOM 1476 C CA   . LEU A 1 92  ? 7.451   1.960   -6.252  1.00 0.00 ? 92  LEU A CA   1 
ATOM 1477 C C    . LEU A 1 92  ? 8.291   3.211   -5.991  1.00 0.00 ? 92  LEU A C    1 
ATOM 1478 O O    . LEU A 1 92  ? 9.128   3.225   -5.089  1.00 0.00 ? 92  LEU A O    1 
ATOM 1479 C CB   . LEU A 1 92  ? 7.936   1.133   -7.445  1.00 0.00 ? 92  LEU A CB   1 
ATOM 1480 C CG   . LEU A 1 92  ? 8.246   -0.338  -7.158  1.00 0.00 ? 92  LEU A CG   1 
ATOM 1481 C CD1  . LEU A 1 92  ? 8.675   -1.066  -8.434  1.00 0.00 ? 92  LEU A CD1  1 
ATOM 1482 C CD2  . LEU A 1 92  ? 9.287   -0.473  -6.044  1.00 0.00 ? 92  LEU A CD2  1 
ATOM 1483 H H    . LEU A 1 92  ? 5.691   2.179   -7.345  1.00 0.00 ? 92  LEU A H    1 
ATOM 1484 H HA   . LEU A 1 92  ? 7.503   1.318   -5.373  1.00 0.00 ? 92  LEU A HA   1 
ATOM 1485 H HB2  . LEU A 1 92  ? 7.177   1.178   -8.226  1.00 0.00 ? 92  LEU A HB2  1 
ATOM 1486 H HB3  . LEU A 1 92  ? 8.834   1.601   -7.846  1.00 0.00 ? 92  LEU A HB3  1 
ATOM 1487 H HG   . LEU A 1 92  ? 7.333   -0.818  -6.806  1.00 0.00 ? 92  LEU A HG   1 
ATOM 1488 H HD11 . LEU A 1 92  ? 8.175   -2.033  -8.485  1.00 0.00 ? 92  LEU A HD11 1 
ATOM 1489 H HD12 . LEU A 1 92  ? 8.402   -0.468  -9.303  1.00 0.00 ? 92  LEU A HD12 1 
ATOM 1490 H HD13 . LEU A 1 92  ? 9.755   -1.216  -8.421  1.00 0.00 ? 92  LEU A HD13 1 
ATOM 1491 H HD21 . LEU A 1 92  ? 8.881   -0.066  -5.118  1.00 0.00 ? 92  LEU A HD21 1 
ATOM 1492 H HD22 . LEU A 1 92  ? 9.533   -1.525  -5.903  1.00 0.00 ? 92  LEU A HD22 1 
ATOM 1493 H HD23 . LEU A 1 92  ? 10.186  0.078   -6.320  1.00 0.00 ? 92  LEU A HD23 1 
ATOM 1494 N N    . LYS A 1 93  ? 8.039   4.234   -6.796  1.00 0.00 ? 93  LYS A N    1 
ATOM 1495 C CA   . LYS A 1 93  ? 8.761   5.487   -6.662  1.00 0.00 ? 93  LYS A CA   1 
ATOM 1496 C C    . LYS A 1 93  ? 8.758   5.919   -5.194  1.00 0.00 ? 93  LYS A C    1 
ATOM 1497 O O    . LYS A 1 93  ? 9.814   6.170   -4.615  1.00 0.00 ? 93  LYS A O    1 
ATOM 1498 C CB   . LYS A 1 93  ? 8.190   6.539   -7.614  1.00 0.00 ? 93  LYS A CB   1 
ATOM 1499 C CG   . LYS A 1 93  ? 9.273   7.523   -8.059  1.00 0.00 ? 93  LYS A CG   1 
ATOM 1500 C CD   . LYS A 1 93  ? 9.391   7.558   -9.583  1.00 0.00 ? 93  LYS A CD   1 
ATOM 1501 C CE   . LYS A 1 93  ? 10.278  6.418   -10.090 1.00 0.00 ? 93  LYS A CE   1 
ATOM 1502 N NZ   . LYS A 1 93  ? 11.273  6.927   -11.060 1.00 0.00 ? 93  LYS A NZ   1 
ATOM 1503 H H    . LYS A 1 93  ? 7.357   4.215   -7.527  1.00 0.00 ? 93  LYS A H    1 
ATOM 1504 H HA   . LYS A 1 93  ? 9.792   5.304   -6.966  1.00 0.00 ? 93  LYS A HA   1 
ATOM 1505 H HB2  . LYS A 1 93  ? 7.758   6.050   -8.487  1.00 0.00 ? 93  LYS A HB2  1 
ATOM 1506 H HB3  . LYS A 1 93  ? 7.382   7.080   -7.122  1.00 0.00 ? 93  LYS A HB3  1 
ATOM 1507 H HG2  . LYS A 1 93  ? 9.039   8.521   -7.687  1.00 0.00 ? 93  LYS A HG2  1 
ATOM 1508 H HG3  . LYS A 1 93  ? 10.230  7.237   -7.622  1.00 0.00 ? 93  LYS A HG3  1 
ATOM 1509 H HD2  . LYS A 1 93  ? 8.401   7.478   -10.031 1.00 0.00 ? 93  LYS A HD2  1 
ATOM 1510 H HD3  . LYS A 1 93  ? 9.808   8.514   -9.898  1.00 0.00 ? 93  LYS A HD3  1 
ATOM 1511 H HE2  . LYS A 1 93  ? 10.789  5.946   -9.251  1.00 0.00 ? 93  LYS A HE2  1 
ATOM 1512 H HE3  . LYS A 1 93  ? 9.662   5.651   -10.560 1.00 0.00 ? 93  LYS A HE3  1 
ATOM 1513 H HZ1  . LYS A 1 93  ? 11.152  7.913   -11.175 1.00 0.00 ? 93  LYS A HZ1  1 
ATOM 1514 H HZ2  . LYS A 1 93  ? 12.195  6.741   -10.721 1.00 0.00 ? 93  LYS A HZ2  1 
ATOM 1515 H HZ3  . LYS A 1 93  ? 11.144  6.470   -11.941 1.00 0.00 ? 93  LYS A HZ3  1 
ATOM 1516 N N    . LEU A 1 94  ? 7.559   5.992   -4.635  1.00 0.00 ? 94  LEU A N    1 
ATOM 1517 C CA   . LEU A 1 94  ? 7.404   6.390   -3.246  1.00 0.00 ? 94  LEU A CA   1 
ATOM 1518 C C    . LEU A 1 94  ? 8.191   5.427   -2.354  1.00 0.00 ? 94  LEU A C    1 
ATOM 1519 O O    . LEU A 1 94  ? 8.870   5.854   -1.422  1.00 0.00 ? 94  LEU A O    1 
ATOM 1520 C CB   . LEU A 1 94  ? 5.922   6.494   -2.881  1.00 0.00 ? 94  LEU A CB   1 
ATOM 1521 C CG   . LEU A 1 94  ? 5.426   7.886   -2.484  1.00 0.00 ? 94  LEU A CG   1 
ATOM 1522 C CD1  . LEU A 1 94  ? 4.228   7.791   -1.537  1.00 0.00 ? 94  LEU A CD1  1 
ATOM 1523 C CD2  . LEU A 1 94  ? 6.560   8.725   -1.893  1.00 0.00 ? 94  LEU A CD2  1 
ATOM 1524 H H    . LEU A 1 94  ? 6.706   5.786   -5.113  1.00 0.00 ? 94  LEU A H    1 
ATOM 1525 H HA   . LEU A 1 94  ? 7.832   7.386   -3.141  1.00 0.00 ? 94  LEU A HA   1 
ATOM 1526 H HB2  . LEU A 1 94  ? 5.334   6.149   -3.731  1.00 0.00 ? 94  LEU A HB2  1 
ATOM 1527 H HB3  . LEU A 1 94  ? 5.722   5.810   -2.056  1.00 0.00 ? 94  LEU A HB3  1 
ATOM 1528 H HG   . LEU A 1 94  ? 5.084   8.396   -3.385  1.00 0.00 ? 94  LEU A HG   1 
ATOM 1529 H HD11 . LEU A 1 94  ? 4.584   7.706   -0.509  1.00 0.00 ? 94  LEU A HD11 1 
ATOM 1530 H HD12 . LEU A 1 94  ? 3.615   8.688   -1.635  1.00 0.00 ? 94  LEU A HD12 1 
ATOM 1531 H HD13 . LEU A 1 94  ? 3.633   6.914   -1.789  1.00 0.00 ? 94  LEU A HD13 1 
ATOM 1532 H HD21 . LEU A 1 94  ? 6.150   9.442   -1.183  1.00 0.00 ? 94  LEU A HD21 1 
ATOM 1533 H HD22 . LEU A 1 94  ? 7.268   8.071   -1.382  1.00 0.00 ? 94  LEU A HD22 1 
ATOM 1534 H HD23 . LEU A 1 94  ? 7.072   9.259   -2.693  1.00 0.00 ? 94  LEU A HD23 1 
ATOM 1535 N N    . VAL A 1 95  ? 8.072   4.146   -2.671  1.00 0.00 ? 95  VAL A N    1 
ATOM 1536 C CA   . VAL A 1 95  ? 8.763   3.119   -1.910  1.00 0.00 ? 95  VAL A CA   1 
ATOM 1537 C C    . VAL A 1 95  ? 10.274  3.323   -2.041  1.00 0.00 ? 95  VAL A C    1 
ATOM 1538 O O    . VAL A 1 95  ? 11.006  3.222   -1.059  1.00 0.00 ? 95  VAL A O    1 
ATOM 1539 C CB   . VAL A 1 95  ? 8.305   1.732   -2.366  1.00 0.00 ? 95  VAL A CB   1 
ATOM 1540 C CG1  . VAL A 1 95  ? 9.307   0.657   -1.941  1.00 0.00 ? 95  VAL A CG1  1 
ATOM 1541 C CG2  . VAL A 1 95  ? 6.904   1.417   -1.837  1.00 0.00 ? 95  VAL A CG2  1 
ATOM 1542 H H    . VAL A 1 95  ? 7.516   3.807   -3.430  1.00 0.00 ? 95  VAL A H    1 
ATOM 1543 H HA   . VAL A 1 95  ? 8.483   3.241   -0.864  1.00 0.00 ? 95  VAL A HA   1 
ATOM 1544 H HB   . VAL A 1 95  ? 8.259   1.736   -3.454  1.00 0.00 ? 95  VAL A HB   1 
ATOM 1545 H HG11 . VAL A 1 95  ? 9.275   0.538   -0.857  1.00 0.00 ? 95  VAL A HG11 1 
ATOM 1546 H HG12 . VAL A 1 95  ? 9.049   -0.289  -2.418  1.00 0.00 ? 95  VAL A HG12 1 
ATOM 1547 H HG13 . VAL A 1 95  ? 10.310  0.956   -2.244  1.00 0.00 ? 95  VAL A HG13 1 
ATOM 1548 H HG21 . VAL A 1 95  ? 6.163   1.947   -2.433  1.00 0.00 ? 95  VAL A HG21 1 
ATOM 1549 H HG22 . VAL A 1 95  ? 6.725   0.343   -1.904  1.00 0.00 ? 95  VAL A HG22 1 
ATOM 1550 H HG23 . VAL A 1 95  ? 6.829   1.733   -0.797  1.00 0.00 ? 95  VAL A HG23 1 
ATOM 1551 N N    . SER A 1 96  ? 10.696  3.607   -3.265  1.00 0.00 ? 96  SER A N    1 
ATOM 1552 C CA   . SER A 1 96  ? 12.106  3.826   -3.538  1.00 0.00 ? 96  SER A CA   1 
ATOM 1553 C C    . SER A 1 96  ? 12.543  5.181   -2.977  1.00 0.00 ? 96  SER A C    1 
ATOM 1554 O O    . SER A 1 96  ? 13.695  5.351   -2.581  1.00 0.00 ? 96  SER A O    1 
ATOM 1555 C CB   . SER A 1 96  ? 12.393  3.755   -5.039  1.00 0.00 ? 96  SER A CB   1 
ATOM 1556 O OG   . SER A 1 96  ? 13.772  3.513   -5.308  1.00 0.00 ? 96  SER A OG   1 
ATOM 1557 H H    . SER A 1 96  ? 10.094  3.688   -4.060  1.00 0.00 ? 96  SER A H    1 
ATOM 1558 H HA   . SER A 1 96  ? 12.628  3.016   -3.030  1.00 0.00 ? 96  SER A HA   1 
ATOM 1559 H HB2  . SER A 1 96  ? 11.792  2.964   -5.486  1.00 0.00 ? 96  SER A HB2  1 
ATOM 1560 H HB3  . SER A 1 96  ? 12.091  4.690   -5.511  1.00 0.00 ? 96  SER A HB3  1 
ATOM 1561 H HG   . SER A 1 96  ? 14.077  4.080   -6.072  1.00 0.00 ? 96  SER A HG   1 
ATOM 1562 N N    . GLU A 1 97  ? 11.600  6.112   -2.963  1.00 0.00 ? 97  GLU A N    1 
ATOM 1563 C CA   . GLU A 1 97  ? 11.873  7.446   -2.457  1.00 0.00 ? 97  GLU A CA   1 
ATOM 1564 C C    . GLU A 1 97  ? 11.849  7.450   -0.928  1.00 0.00 ? 97  GLU A C    1 
ATOM 1565 O O    . GLU A 1 97  ? 12.777  7.942   -0.290  1.00 0.00 ? 97  GLU A O    1 
ATOM 1566 C CB   . GLU A 1 97  ? 10.879  8.462   -3.025  1.00 0.00 ? 97  GLU A CB   1 
ATOM 1567 C CG   . GLU A 1 97  ? 11.483  9.219   -4.209  1.00 0.00 ? 97  GLU A CG   1 
ATOM 1568 C CD   . GLU A 1 97  ? 11.411  10.731  -3.988  1.00 0.00 ? 97  GLU A CD   1 
ATOM 1569 O OE1  . GLU A 1 97  ? 10.306  11.281  -4.185  1.00 0.00 ? 97  GLU A OE1  1 
ATOM 1570 O OE2  . GLU A 1 97  ? 12.462  11.302  -3.626  1.00 0.00 ? 97  GLU A OE2  1 
ATOM 1571 H H    . GLU A 1 97  ? 10.665  5.966   -3.287  1.00 0.00 ? 97  GLU A H    1 
ATOM 1572 H HA   . GLU A 1 97  ? 12.875  7.691   -2.812  1.00 0.00 ? 97  GLU A HA   1 
ATOM 1573 H HB2  . GLU A 1 97  ? 9.971   7.949   -3.342  1.00 0.00 ? 97  GLU A HB2  1 
ATOM 1574 H HB3  . GLU A 1 97  ? 10.591  9.168   -2.246  1.00 0.00 ? 97  GLU A HB3  1 
ATOM 1575 H HG2  . GLU A 1 97  ? 12.522  8.917   -4.346  1.00 0.00 ? 97  GLU A HG2  1 
ATOM 1576 H HG3  . GLU A 1 97  ? 10.952  8.955   -5.123  1.00 0.00 ? 97  GLU A HG3  1 
ATOM 1577 N N    . LYS A 1 98  ? 10.775  6.897   -0.384  1.00 0.00 ? 98  LYS A N    1 
ATOM 1578 C CA   . LYS A 1 98  ? 10.617  6.830   1.060   1.00 0.00 ? 98  LYS A CA   1 
ATOM 1579 C C    . LYS A 1 98  ? 11.312  5.573   1.587   1.00 0.00 ? 98  LYS A C    1 
ATOM 1580 O O    . LYS A 1 98  ? 12.207  5.661   2.425   1.00 0.00 ? 98  LYS A O    1 
ATOM 1581 C CB   . LYS A 1 98  ? 9.137   6.921   1.441   1.00 0.00 ? 98  LYS A CB   1 
ATOM 1582 C CG   . LYS A 1 98  ? 8.793   8.312   1.975   1.00 0.00 ? 98  LYS A CG   1 
ATOM 1583 C CD   . LYS A 1 98  ? 7.755   8.998   1.085   1.00 0.00 ? 98  LYS A CD   1 
ATOM 1584 C CE   . LYS A 1 98  ? 6.832   9.897   1.913   1.00 0.00 ? 98  LYS A CE   1 
ATOM 1585 N NZ   . LYS A 1 98  ? 7.100   11.323  1.622   1.00 0.00 ? 98  LYS A NZ   1 
ATOM 1586 H H    . LYS A 1 98  ? 10.023  6.498   -0.910  1.00 0.00 ? 98  LYS A H    1 
ATOM 1587 H HA   . LYS A 1 98  ? 11.112  7.704   1.483   1.00 0.00 ? 98  LYS A HA   1 
ATOM 1588 H HB2  . LYS A 1 98  ? 8.519   6.697   0.571   1.00 0.00 ? 98  LYS A HB2  1 
ATOM 1589 H HB3  . LYS A 1 98  ? 8.907   6.169   2.196   1.00 0.00 ? 98  LYS A HB3  1 
ATOM 1590 H HG2  . LYS A 1 98  ? 8.410   8.230   2.992   1.00 0.00 ? 98  LYS A HG2  1 
ATOM 1591 H HG3  . LYS A 1 98  ? 9.696   8.921   2.023   1.00 0.00 ? 98  LYS A HG3  1 
ATOM 1592 H HD2  . LYS A 1 98  ? 8.260   9.593   0.324   1.00 0.00 ? 98  LYS A HD2  1 
ATOM 1593 H HD3  . LYS A 1 98  ? 7.163   8.246   0.563   1.00 0.00 ? 98  LYS A HD3  1 
ATOM 1594 H HE2  . LYS A 1 98  ? 5.792   9.664   1.689   1.00 0.00 ? 98  LYS A HE2  1 
ATOM 1595 H HE3  . LYS A 1 98  ? 6.982   9.702   2.974   1.00 0.00 ? 98  LYS A HE3  1 
ATOM 1596 H HZ1  . LYS A 1 98  ? 6.257   11.764  1.314   1.00 0.00 ? 98  LYS A HZ1  1 
ATOM 1597 H HZ2  . LYS A 1 98  ? 7.430   11.776  2.450   1.00 0.00 ? 98  LYS A HZ2  1 
ATOM 1598 H HZ3  . LYS A 1 98  ? 7.794   11.393  0.904   1.00 0.00 ? 98  LYS A HZ3  1 
ATOM 1599 N N    . PHE A 1 99  ? 10.873  4.434   1.074   1.00 0.00 ? 99  PHE A N    1 
ATOM 1600 C CA   . PHE A 1 99  ? 11.443  3.161   1.483   1.00 0.00 ? 99  PHE A CA   1 
ATOM 1601 C C    . PHE A 1 99  ? 12.849  2.979   0.906   1.00 0.00 ? 99  PHE A C    1 
ATOM 1602 O O    . PHE A 1 99  ? 13.565  2.054   1.288   1.00 0.00 ? 99  PHE A O    1 
ATOM 1603 C CB   . PHE A 1 99  ? 10.531  2.064   0.928   1.00 0.00 ? 99  PHE A CB   1 
ATOM 1604 C CG   . PHE A 1 99  ? 10.025  1.081   1.986   1.00 0.00 ? 99  PHE A CG   1 
ATOM 1605 C CD1  . PHE A 1 99  ? 8.893   1.358   2.685   1.00 0.00 ? 99  PHE A CD1  1 
ATOM 1606 C CD2  . PHE A 1 99  ? 10.710  -0.069  2.228   1.00 0.00 ? 99  PHE A CD2  1 
ATOM 1607 C CE1  . PHE A 1 99  ? 8.423   0.447   3.666   1.00 0.00 ? 99  PHE A CE1  1 
ATOM 1608 C CE2  . PHE A 1 99  ? 10.240  -0.981  3.210   1.00 0.00 ? 99  PHE A CE2  1 
ATOM 1609 C CZ   . PHE A 1 99  ? 9.106   -0.704  3.908   1.00 0.00 ? 99  PHE A CZ   1 
ATOM 1610 H H    . PHE A 1 99  ? 10.144  4.371   0.391   1.00 0.00 ? 99  PHE A H    1 
ATOM 1611 H HA   . PHE A 1 99  ? 11.496  3.164   2.571   1.00 0.00 ? 99  PHE A HA   1 
ATOM 1612 H HB2  . PHE A 1 99  ? 9.675   2.530   0.440   1.00 0.00 ? 99  PHE A HB2  1 
ATOM 1613 H HB3  . PHE A 1 99  ? 11.072  1.510   0.161   1.00 0.00 ? 99  PHE A HB3  1 
ATOM 1614 H HD1  . PHE A 1 99  ? 8.344   2.280   2.491   1.00 0.00 ? 99  PHE A HD1  1 
ATOM 1615 H HD2  . PHE A 1 99  ? 11.618  -0.291  1.668   1.00 0.00 ? 99  PHE A HD2  1 
ATOM 1616 H HE1  . PHE A 1 99  ? 7.514   0.668   4.226   1.00 0.00 ? 99  PHE A HE1  1 
ATOM 1617 H HE2  . PHE A 1 99  ? 10.788  -1.903  3.403   1.00 0.00 ? 99  PHE A HE2  1 
ATOM 1618 H HZ   . PHE A 1 99  ? 8.747   -1.404  4.662   1.00 0.00 ? 99  PHE A HZ   1 
ATOM 1619 N N    . GLY A 1 100 ? 13.202  3.875   -0.003  1.00 0.00 ? 100 GLY A N    1 
ATOM 1620 C CA   . GLY A 1 100 ? 14.509  3.825   -0.635  1.00 0.00 ? 100 GLY A CA   1 
ATOM 1621 C C    . GLY A 1 100 ? 14.777  2.441   -1.231  1.00 0.00 ? 100 GLY A C    1 
ATOM 1622 O O    . GLY A 1 100 ? 15.930  2.057   -1.422  1.00 0.00 ? 100 GLY A O    1 
ATOM 1623 H H    . GLY A 1 100 ? 12.613  4.625   -0.307  1.00 0.00 ? 100 GLY A H    1 
ATOM 1624 H HA2  . GLY A 1 100 ? 14.567  4.580   -1.419  1.00 0.00 ? 100 GLY A HA2  1 
ATOM 1625 H HA3  . GLY A 1 100 ? 15.280  4.065   0.097   1.00 0.00 ? 100 GLY A HA3  1 
ATOM 1626 N N    . LEU A 1 101 ? 13.693  1.732   -1.509  1.00 0.00 ? 101 LEU A N    1 
ATOM 1627 C CA   . LEU A 1 101 ? 13.797  0.400   -2.079  1.00 0.00 ? 101 LEU A CA   1 
ATOM 1628 C C    . LEU A 1 101 ? 13.051  0.362   -3.415  1.00 0.00 ? 101 LEU A C    1 
ATOM 1629 O O    . LEU A 1 101 ? 12.010  1.000   -3.566  1.00 0.00 ? 101 LEU A O    1 
ATOM 1630 C CB   . LEU A 1 101 ? 13.316  -0.651  -1.077  1.00 0.00 ? 101 LEU A CB   1 
ATOM 1631 C CG   . LEU A 1 101 ? 14.412  -1.395  -0.308  1.00 0.00 ? 101 LEU A CG   1 
ATOM 1632 C CD1  . LEU A 1 101 ? 15.535  -0.442  0.104   1.00 0.00 ? 101 LEU A CD1  1 
ATOM 1633 C CD2  . LEU A 1 101 ? 13.827  -2.146  0.889   1.00 0.00 ? 101 LEU A CD2  1 
ATOM 1634 H H    . LEU A 1 101 ? 12.759  2.053   -1.350  1.00 0.00 ? 101 LEU A H    1 
ATOM 1635 H HA   . LEU A 1 101 ? 14.852  0.206   -2.268  1.00 0.00 ? 101 LEU A HA   1 
ATOM 1636 H HB2  . LEU A 1 101 ? 12.662  -0.164  -0.355  1.00 0.00 ? 101 LEU A HB2  1 
ATOM 1637 H HB3  . LEU A 1 101 ? 12.712  -1.385  -1.611  1.00 0.00 ? 101 LEU A HB3  1 
ATOM 1638 H HG   . LEU A 1 101 ? 14.850  -2.140  -0.974  1.00 0.00 ? 101 LEU A HG   1 
ATOM 1639 H HD11 . LEU A 1 101 ? 16.288  -0.406  -0.683  1.00 0.00 ? 101 LEU A HD11 1 
ATOM 1640 H HD12 . LEU A 1 101 ? 15.126  0.555   0.263   1.00 0.00 ? 101 LEU A HD12 1 
ATOM 1641 H HD13 . LEU A 1 101 ? 15.991  -0.799  1.028   1.00 0.00 ? 101 LEU A HD13 1 
ATOM 1642 H HD21 . LEU A 1 101 ? 12.765  -1.919  0.977   1.00 0.00 ? 101 LEU A HD21 1 
ATOM 1643 H HD22 . LEU A 1 101 ? 13.959  -3.219  0.745   1.00 0.00 ? 101 LEU A HD22 1 
ATOM 1644 H HD23 . LEU A 1 101 ? 14.342  -1.836  1.798   1.00 0.00 ? 101 LEU A HD23 1 
ATOM 1645 N N    . GLU A 1 102 ? 13.611  -0.391  -4.349  1.00 0.00 ? 102 GLU A N    1 
ATOM 1646 C CA   . GLU A 1 102 ? 13.012  -0.520  -5.666  1.00 0.00 ? 102 GLU A CA   1 
ATOM 1647 C C    . GLU A 1 102 ? 12.689  -1.987  -5.960  1.00 0.00 ? 102 GLU A C    1 
ATOM 1648 O O    . GLU A 1 102 ? 13.375  -2.886  -5.478  1.00 0.00 ? 102 GLU A O    1 
ATOM 1649 C CB   . GLU A 1 102 ? 13.925  0.066   -6.744  1.00 0.00 ? 102 GLU A CB   1 
ATOM 1650 C CG   . GLU A 1 102 ? 13.115  0.521   -7.960  1.00 0.00 ? 102 GLU A CG   1 
ATOM 1651 C CD   . GLU A 1 102 ? 13.427  -0.345  -9.181  1.00 0.00 ? 102 GLU A CD   1 
ATOM 1652 O OE1  . GLU A 1 102 ? 13.184  -1.568  -9.088  1.00 0.00 ? 102 GLU A OE1  1 
ATOM 1653 O OE2  . GLU A 1 102 ? 13.903  0.234   -10.182 1.00 0.00 ? 102 GLU A OE2  1 
ATOM 1654 H H    . GLU A 1 102 ? 14.458  -0.907  -4.217  1.00 0.00 ? 102 GLU A H    1 
ATOM 1655 H HA   . GLU A 1 102 ? 12.091  0.061   -5.623  1.00 0.00 ? 102 GLU A HA   1 
ATOM 1656 H HB2  . GLU A 1 102 ? 14.479  0.912   -6.335  1.00 0.00 ? 102 GLU A HB2  1 
ATOM 1657 H HB3  . GLU A 1 102 ? 14.659  -0.679  -7.049  1.00 0.00 ? 102 GLU A HB3  1 
ATOM 1658 H HG2  . GLU A 1 102 ? 12.051  0.467   -7.734  1.00 0.00 ? 102 GLU A HG2  1 
ATOM 1659 H HG3  . GLU A 1 102 ? 13.341  1.564   -8.182  1.00 0.00 ? 102 GLU A HG3  1 
ATOM 1660 N N    . ILE A 1 103 ? 11.643  -2.182  -6.752  1.00 0.00 ? 103 ILE A N    1 
ATOM 1661 C CA   . ILE A 1 103 ? 11.221  -3.523  -7.116  1.00 0.00 ? 103 ILE A CA   1 
ATOM 1662 C C    . ILE A 1 103 ? 11.441  -3.732  -8.615  1.00 0.00 ? 103 ILE A C    1 
ATOM 1663 O O    . ILE A 1 103 ? 10.761  -3.122  -9.438  1.00 0.00 ? 103 ILE A O    1 
ATOM 1664 C CB   . ILE A 1 103 ? 9.779   -3.772  -6.665  1.00 0.00 ? 103 ILE A CB   1 
ATOM 1665 C CG1  . ILE A 1 103 ? 9.669   -3.739  -5.139  1.00 0.00 ? 103 ILE A CG1  1 
ATOM 1666 C CG2  . ILE A 1 103 ? 9.240   -5.079  -7.251  1.00 0.00 ? 103 ILE A CG2  1 
ATOM 1667 C CD1  . ILE A 1 103 ? 8.228   -3.477  -4.700  1.00 0.00 ? 103 ILE A CD1  1 
ATOM 1668 H H    . ILE A 1 103 ? 11.091  -1.444  -7.140  1.00 0.00 ? 103 ILE A H    1 
ATOM 1669 H HA   . ILE A 1 103 ? 11.854  -4.225  -6.572  1.00 0.00 ? 103 ILE A HA   1 
ATOM 1670 H HB   . ILE A 1 103 ? 9.158   -2.965  -7.051  1.00 0.00 ? 103 ILE A HB   1 
ATOM 1671 H HG12 . ILE A 1 103 ? 10.013  -4.688  -4.726  1.00 0.00 ? 103 ILE A HG12 1 
ATOM 1672 H HG13 . ILE A 1 103 ? 10.322  -2.963  -4.741  1.00 0.00 ? 103 ILE A HG13 1 
ATOM 1673 H HG21 . ILE A 1 103 ? 9.541   -5.160  -8.295  1.00 0.00 ? 103 ILE A HG21 1 
ATOM 1674 H HG22 . ILE A 1 103 ? 9.643   -5.922  -6.690  1.00 0.00 ? 103 ILE A HG22 1 
ATOM 1675 H HG23 . ILE A 1 103 ? 8.152   -5.084  -7.185  1.00 0.00 ? 103 ILE A HG23 1 
ATOM 1676 H HD11 . ILE A 1 103 ? 7.646   -4.393  -4.795  1.00 0.00 ? 103 ILE A HD11 1 
ATOM 1677 H HD12 . ILE A 1 103 ? 8.219   -3.146  -3.661  1.00 0.00 ? 103 ILE A HD12 1 
ATOM 1678 H HD13 . ILE A 1 103 ? 7.791   -2.702  -5.330  1.00 0.00 ? 103 ILE A HD13 1 
ATOM 1679 N N    . PRO A 1 104 ? 12.419  -4.623  -8.934  1.00 0.00 ? 104 PRO A N    1 
ATOM 1680 C CA   . PRO A 1 104 ? 12.738  -4.920  -10.319 1.00 0.00 ? 104 PRO A CA   1 
ATOM 1681 C C    . PRO A 1 104 ? 11.669  -5.818  -10.947 1.00 0.00 ? 104 PRO A C    1 
ATOM 1682 O O    . PRO A 1 104 ? 10.605  -6.021  -10.366 1.00 0.00 ? 104 PRO A O    1 
ATOM 1683 C CB   . PRO A 1 104 ? 14.111  -5.571  -10.277 1.00 0.00 ? 104 PRO A CB   1 
ATOM 1684 C CG   . PRO A 1 104 ? 14.307  -6.035  -8.843  1.00 0.00 ? 104 PRO A CG   1 
ATOM 1685 C CD   . PRO A 1 104 ? 13.246  -5.365  -7.986  1.00 0.00 ? 104 PRO A CD   1 
ATOM 1686 H HA   . PRO A 1 104 ? 12.743  -4.080  -10.863 1.00 0.00 ? 104 PRO A HA   1 
ATOM 1687 H HB2  . PRO A 1 104 ? 14.167  -6.410  -10.970 1.00 0.00 ? 104 PRO A HB2  1 
ATOM 1688 H HB3  . PRO A 1 104 ? 14.887  -4.864  -10.569 1.00 0.00 ? 104 PRO A HB3  1 
ATOM 1689 H HG2  . PRO A 1 104 ? 14.222  -7.120  -8.778  1.00 0.00 ? 104 PRO A HG2  1 
ATOM 1690 H HG3  . PRO A 1 104 ? 15.304  -5.771  -8.490  1.00 0.00 ? 104 PRO A HG3  1 
ATOM 1691 H HD2  . PRO A 1 104 ? 12.656  -6.101  -7.439  1.00 0.00 ? 104 PRO A HD2  1 
ATOM 1692 H HD3  . PRO A 1 104 ? 13.694  -4.702  -7.247  1.00 0.00 ? 104 PRO A HD3  1 
# 
